data_9NC4
# 
_entry.id   9NC4 
# 
_audit_conform.dict_name       mmcif_pdbx.dic 
_audit_conform.dict_version    5.403 
_audit_conform.dict_location   http://mmcif.pdb.org/dictionaries/ascii/mmcif_pdbx.dic 
# 
loop_
_database_2.database_id 
_database_2.database_code 
_database_2.pdbx_database_accession 
_database_2.pdbx_DOI 
PDB   9NC4         pdb_00009nc4 10.2210/pdb9nc4/pdb 
WWPDB D_1000293034 ?            ?                   
# 
_pdbx_audit_revision_history.ordinal             1 
_pdbx_audit_revision_history.data_content_type   'Structure model' 
_pdbx_audit_revision_history.major_revision      1 
_pdbx_audit_revision_history.minor_revision      0 
_pdbx_audit_revision_history.revision_date       2025-04-09 
_pdbx_audit_revision_history.part_number         ? 
# 
_pdbx_audit_revision_details.ordinal             1 
_pdbx_audit_revision_details.revision_ordinal    1 
_pdbx_audit_revision_details.data_content_type   'Structure model' 
_pdbx_audit_revision_details.provider            repository 
_pdbx_audit_revision_details.type                'Initial release' 
_pdbx_audit_revision_details.description         ? 
_pdbx_audit_revision_details.details             ? 
# 
_pdbx_database_status.status_code                     REL 
_pdbx_database_status.status_code_sf                  REL 
_pdbx_database_status.status_code_mr                  ? 
_pdbx_database_status.entry_id                        9NC4 
_pdbx_database_status.recvd_initial_deposition_date   2025-02-14 
_pdbx_database_status.SG_entry                        N 
_pdbx_database_status.deposit_site                    RCSB 
_pdbx_database_status.process_site                    RCSB 
_pdbx_database_status.status_code_cs                  ? 
_pdbx_database_status.status_code_nmr_data            ? 
_pdbx_database_status.methods_development_category    ? 
_pdbx_database_status.pdb_format_compatible           Y 
# 
_pdbx_contact_author.id                 2 
_pdbx_contact_author.email              rs17@nyu.edu 
_pdbx_contact_author.name_first         Ruojie 
_pdbx_contact_author.name_last          Sha 
_pdbx_contact_author.name_mi            ? 
_pdbx_contact_author.role               'principal investigator/group leader' 
_pdbx_contact_author.identifier_ORCID   0000-0002-0807-734X 
# 
loop_
_audit_author.name 
_audit_author.pdbx_ordinal 
_audit_author.identifier_ORCID 
'Horvath, A.'   1 0009-0008-5770-8014 
'Vecchioni, S.' 2 0000-0001-8243-650X 
'Woloszyn, K.'  3 0000-0003-1200-583X 
'Ohayon, Y.P.'  4 0000-0001-7500-4282 
'Sha, R.'       5 0000-0002-0807-734X 
# 
_citation.abstract                  ? 
_citation.abstract_id_CAS           ? 
_citation.book_id_ISBN              ? 
_citation.book_publisher            ? 
_citation.book_publisher_city       ? 
_citation.book_title                ? 
_citation.coordinate_linkage        ? 
_citation.country                   ? 
_citation.database_id_Medline       ? 
_citation.details                   ? 
_citation.id                        primary 
_citation.journal_abbrev            'To Be Published' 
_citation.journal_id_ASTM           ? 
_citation.journal_id_CSD            0353 
_citation.journal_id_ISSN           ? 
_citation.journal_full              ? 
_citation.journal_issue             ? 
_citation.journal_volume            ? 
_citation.language                  ? 
_citation.page_first                ? 
_citation.page_last                 ? 
_citation.title                     'Shifted tensegrity triangles' 
_citation.year                      ? 
_citation.database_id_CSD           ? 
_citation.pdbx_database_id_DOI      ? 
_citation.pdbx_database_id_PubMed   ? 
_citation.pdbx_database_id_patent   ? 
_citation.unpublished_flag          ? 
# 
loop_
_citation_author.citation_id 
_citation_author.name 
_citation_author.ordinal 
_citation_author.identifier_ORCID 
primary 'Horvath, A.'   1 0009-0008-5770-8014 
primary 'Vecchioni, S.' 2 0000-0001-8243-650X 
primary 'Woloszyn, K.'  3 0000-0003-1200-583X 
primary 'Ohayon, Y.P.'  4 0000-0001-7500-4282 
primary 'Sha, R.'       5 0000-0002-0807-734X 
# 
loop_
_entity.id 
_entity.type 
_entity.src_method 
_entity.pdbx_description 
_entity.formula_weight 
_entity.pdbx_number_of_molecules 
_entity.pdbx_ec 
_entity.pdbx_mutation 
_entity.pdbx_fragment 
_entity.details 
1 polymer syn 
;DNA (5'-D(P*AP*CP*GP*GP*AP*CP*AP*GP*AP*GP*TP*CP*A)-3')
;
4009.638 1 ? ? ? ? 
2 polymer syn 
;DNA (5'-D(P*CP*AP*CP*AP*CP*CP*GP*T)-3')
;
2371.582 1 ? ? ? ? 
3 polymer syn 
;DNA (5'-D(*TP*CP*TP*GP*AP*CP*TP*CP*TP*GP*TP*GP*C)-3')
;
3933.558 1 ? ? ? ? 
4 polymer syn 
;DNA (5'-D(*GP*AP*GP*CP*TP*GP*TP*G)-3')
;
2482.640 1 ? ? ? ? 
# 
loop_
_entity_poly.entity_id 
_entity_poly.type 
_entity_poly.nstd_linkage 
_entity_poly.nstd_monomer 
_entity_poly.pdbx_seq_one_letter_code 
_entity_poly.pdbx_seq_one_letter_code_can 
_entity_poly.pdbx_strand_id 
_entity_poly.pdbx_target_identifier 
1 polydeoxyribonucleotide no no '(DA)(DC)(DG)(DG)(DA)(DC)(DA)(DG)(DA)(DG)(DT)(DC)(DA)' ACGGACAGAGTCA A ? 
2 polydeoxyribonucleotide no no '(DC)(DA)(DC)(DA)(DC)(DC)(DG)(DT)'                     CACACCGT      B ? 
3 polydeoxyribonucleotide no no '(DT)(DC)(DT)(DG)(DA)(DC)(DT)(DC)(DT)(DG)(DT)(DG)(DC)' TCTGACTCTGTGC D ? 
4 polydeoxyribonucleotide no no '(DG)(DA)(DG)(DC)(DT)(DG)(DT)(DG)'                     GAGCTGTG      E ? 
# 
loop_
_entity_poly_seq.entity_id 
_entity_poly_seq.num 
_entity_poly_seq.mon_id 
_entity_poly_seq.hetero 
1 1  DA n 
1 2  DC n 
1 3  DG n 
1 4  DG n 
1 5  DA n 
1 6  DC n 
1 7  DA n 
1 8  DG n 
1 9  DA n 
1 10 DG n 
1 11 DT n 
1 12 DC n 
1 13 DA n 
2 1  DC n 
2 2  DA n 
2 3  DC n 
2 4  DA n 
2 5  DC n 
2 6  DC n 
2 7  DG n 
2 8  DT n 
3 1  DT n 
3 2  DC n 
3 3  DT n 
3 4  DG n 
3 5  DA n 
3 6  DC n 
3 7  DT n 
3 8  DC n 
3 9  DT n 
3 10 DG n 
3 11 DT n 
3 12 DG n 
3 13 DC n 
4 1  DG n 
4 2  DA n 
4 3  DG n 
4 4  DC n 
4 5  DT n 
4 6  DG n 
4 7  DT n 
4 8  DG n 
# 
loop_
_pdbx_entity_src_syn.entity_id 
_pdbx_entity_src_syn.pdbx_src_id 
_pdbx_entity_src_syn.pdbx_alt_source_flag 
_pdbx_entity_src_syn.pdbx_beg_seq_num 
_pdbx_entity_src_syn.pdbx_end_seq_num 
_pdbx_entity_src_syn.organism_scientific 
_pdbx_entity_src_syn.organism_common_name 
_pdbx_entity_src_syn.ncbi_taxonomy_id 
_pdbx_entity_src_syn.details 
1 1 sample 1 13 'synthetic construct' ? 32630 ? 
2 1 sample 1 8  'synthetic construct' ? 32630 ? 
3 1 sample 1 13 'synthetic construct' ? 32630 ? 
4 1 sample 1 8  'synthetic construct' ? 32630 ? 
# 
loop_
_chem_comp.id 
_chem_comp.type 
_chem_comp.mon_nstd_flag 
_chem_comp.name 
_chem_comp.pdbx_synonyms 
_chem_comp.formula 
_chem_comp.formula_weight 
DA 'DNA linking' y "2'-DEOXYADENOSINE-5'-MONOPHOSPHATE" ? 'C10 H14 N5 O6 P' 331.222 
DC 'DNA linking' y "2'-DEOXYCYTIDINE-5'-MONOPHOSPHATE"  ? 'C9 H14 N3 O7 P'  307.197 
DG 'DNA linking' y "2'-DEOXYGUANOSINE-5'-MONOPHOSPHATE" ? 'C10 H14 N5 O7 P' 347.221 
DT 'DNA linking' y "THYMIDINE-5'-MONOPHOSPHATE"         ? 'C10 H15 N2 O8 P' 322.208 
# 
loop_
_pdbx_poly_seq_scheme.asym_id 
_pdbx_poly_seq_scheme.entity_id 
_pdbx_poly_seq_scheme.seq_id 
_pdbx_poly_seq_scheme.mon_id 
_pdbx_poly_seq_scheme.ndb_seq_num 
_pdbx_poly_seq_scheme.pdb_seq_num 
_pdbx_poly_seq_scheme.auth_seq_num 
_pdbx_poly_seq_scheme.pdb_mon_id 
_pdbx_poly_seq_scheme.auth_mon_id 
_pdbx_poly_seq_scheme.pdb_strand_id 
_pdbx_poly_seq_scheme.pdb_ins_code 
_pdbx_poly_seq_scheme.hetero 
A 1 1  DA 1  112 112 DA DA A . n 
A 1 2  DC 2  113 113 DC DC A . n 
A 1 3  DG 3  114 114 DG DG A . n 
A 1 4  DG 4  115 115 DG DG A . n 
A 1 5  DA 5  116 116 DA DA A . n 
A 1 6  DC 6  117 117 DC DC A . n 
A 1 7  DA 7  118 118 DA DA A . n 
A 1 8  DG 8  119 119 DG DG A . n 
A 1 9  DA 9  120 120 DA DA A . n 
A 1 10 DG 10 121 121 DG DG A . n 
A 1 11 DT 11 122 122 DT DT A . n 
A 1 12 DC 12 123 123 DC DC A . n 
A 1 13 DA 13 124 124 DA DA A . n 
B 2 1  DC 1  115 115 DC DC B . n 
B 2 2  DA 2  116 116 DA DA B . n 
B 2 3  DC 3  117 117 DC DC B . n 
B 2 4  DA 4  118 118 DA DA B . n 
B 2 5  DC 5  119 119 DC DC B . n 
B 2 6  DC 6  120 120 DC DC B . n 
B 2 7  DG 7  121 121 DG DG B . n 
B 2 8  DT 8  122 122 DT DT B . n 
C 3 1  DT 1  98  98  DT DT D . n 
C 3 2  DC 2  99  99  DC DC D . n 
C 3 3  DT 3  100 100 DT DT D . n 
C 3 4  DG 4  101 101 DG DG D . n 
C 3 5  DA 5  102 102 DA DA D . n 
C 3 6  DC 6  103 103 DC DC D . n 
C 3 7  DT 7  104 104 DT DT D . n 
C 3 8  DC 8  105 105 DC DC D . n 
C 3 9  DT 9  106 106 DT DT D . n 
C 3 10 DG 10 107 107 DG DG D . n 
C 3 11 DT 11 108 108 DT DT D . n 
C 3 12 DG 12 109 109 DG DG D . n 
C 3 13 DC 13 110 110 DC DC D . n 
D 4 1  DG 1  104 104 DG DG E . n 
D 4 2  DA 2  105 105 DA DA E . n 
D 4 3  DG 3  106 106 DG DG E . n 
D 4 4  DC 4  107 107 DC DC E . n 
D 4 5  DT 5  108 108 DT DT E . n 
D 4 6  DG 6  109 109 DG DG E . n 
D 4 7  DT 7  110 110 DT DT E . n 
D 4 8  DG 8  111 111 DG DG E . n 
# 
loop_
_software.citation_id 
_software.classification 
_software.compiler_name 
_software.compiler_version 
_software.contact_author 
_software.contact_author_email 
_software.date 
_software.description 
_software.dependencies 
_software.hardware 
_software.language 
_software.location 
_software.mods 
_software.name 
_software.os 
_software.os_version 
_software.type 
_software.version 
_software.pdbx_ordinal 
? refinement       ? ? ? ? ? ? ? ? ? ? ? PHENIX    ? ? ? 1.20.1_4487 1 
? 'data reduction' ? ? ? ? ? ? ? ? ? ? ? autoPROC  ? ? ? .           2 
? 'data scaling'   ? ? ? ? ? ? ? ? ? ? ? STARANISO ? ? ? .           3 
? phasing          ? ? ? ? ? ? ? ? ? ? ? PHASER    ? ? ? .           4 
# 
_cell.angle_alpha                  90.000 
_cell.angle_alpha_esd              ? 
_cell.angle_beta                   90.000 
_cell.angle_beta_esd               ? 
_cell.angle_gamma                  120.000 
_cell.angle_gamma_esd              ? 
_cell.entry_id                     9NC4 
_cell.details                      ? 
_cell.formula_units_Z              ? 
_cell.length_a                     111.893 
_cell.length_a_esd                 ? 
_cell.length_b                     111.893 
_cell.length_b_esd                 ? 
_cell.length_c                     72.681 
_cell.length_c_esd                 ? 
_cell.volume                       788056.511 
_cell.volume_esd                   ? 
_cell.Z_PDB                        9 
_cell.reciprocal_angle_alpha       ? 
_cell.reciprocal_angle_beta        ? 
_cell.reciprocal_angle_gamma       ? 
_cell.reciprocal_angle_alpha_esd   ? 
_cell.reciprocal_angle_beta_esd    ? 
_cell.reciprocal_angle_gamma_esd   ? 
_cell.reciprocal_length_a          ? 
_cell.reciprocal_length_b          ? 
_cell.reciprocal_length_c          ? 
_cell.reciprocal_length_a_esd      ? 
_cell.reciprocal_length_b_esd      ? 
_cell.reciprocal_length_c_esd      ? 
_cell.pdbx_unique_axis             ? 
_cell.pdbx_esd_method              ? 
# 
_symmetry.entry_id                         9NC4 
_symmetry.cell_setting                     ? 
_symmetry.Int_Tables_number                146 
_symmetry.space_group_name_Hall            'H 3' 
_symmetry.space_group_name_H-M             'H 3' 
_symmetry.pdbx_full_space_group_name_H-M   ? 
# 
_exptl.absorpt_coefficient_mu     ? 
_exptl.absorpt_correction_T_max   ? 
_exptl.absorpt_correction_T_min   ? 
_exptl.absorpt_correction_type    ? 
_exptl.absorpt_process_details    ? 
_exptl.entry_id                   9NC4 
_exptl.crystals_number            1 
_exptl.details                    ? 
_exptl.method                     'X-RAY DIFFRACTION' 
_exptl.method_details             ? 
# 
_exptl_crystal.colour                       ? 
_exptl_crystal.density_diffrn               ? 
_exptl_crystal.density_Matthews             6.84 
_exptl_crystal.density_method               ? 
_exptl_crystal.density_percent_sol          82.02 
_exptl_crystal.description                  ? 
_exptl_crystal.F_000                        ? 
_exptl_crystal.id                           1 
_exptl_crystal.preparation                  ? 
_exptl_crystal.size_max                     ? 
_exptl_crystal.size_mid                     ? 
_exptl_crystal.size_min                     ? 
_exptl_crystal.size_rad                     ? 
_exptl_crystal.colour_lustre                ? 
_exptl_crystal.colour_modifier              ? 
_exptl_crystal.colour_primary               ? 
_exptl_crystal.density_meas                 ? 
_exptl_crystal.density_meas_esd             ? 
_exptl_crystal.density_meas_gt              ? 
_exptl_crystal.density_meas_lt              ? 
_exptl_crystal.density_meas_temp            ? 
_exptl_crystal.density_meas_temp_esd        ? 
_exptl_crystal.density_meas_temp_gt         ? 
_exptl_crystal.density_meas_temp_lt         ? 
_exptl_crystal.pdbx_crystal_image_url       ? 
_exptl_crystal.pdbx_crystal_image_format    ? 
_exptl_crystal.pdbx_mosaicity               ? 
_exptl_crystal.pdbx_mosaicity_esd           ? 
_exptl_crystal.pdbx_mosaic_method           ? 
_exptl_crystal.pdbx_mosaic_block_size       ? 
_exptl_crystal.pdbx_mosaic_block_size_esd   ? 
# 
_exptl_crystal_grow.apparatus       ? 
_exptl_crystal_grow.atmosphere      ? 
_exptl_crystal_grow.crystal_id      1 
_exptl_crystal_grow.details         ? 
_exptl_crystal_grow.method          'VAPOR DIFFUSION, HANGING DROP' 
_exptl_crystal_grow.method_ref      ? 
_exptl_crystal_grow.pH              ? 
_exptl_crystal_grow.pressure        ? 
_exptl_crystal_grow.pressure_esd    ? 
_exptl_crystal_grow.seeding         ? 
_exptl_crystal_grow.seeding_ref     ? 
_exptl_crystal_grow.temp_details    '338-293 at 0.4/hr' 
_exptl_crystal_grow.temp_esd        ? 
_exptl_crystal_grow.time            ? 
_exptl_crystal_grow.pdbx_details    '100 mM MOPS, 1.25 M magnesium sulfate' 
_exptl_crystal_grow.pdbx_pH_range   ? 
_exptl_crystal_grow.temp            293 
# 
_diffrn.ambient_environment              ? 
_diffrn.ambient_temp                     100 
_diffrn.ambient_temp_details             ? 
_diffrn.ambient_temp_esd                 ? 
_diffrn.crystal_id                       1 
_diffrn.crystal_support                  ? 
_diffrn.crystal_treatment                ? 
_diffrn.details                          ? 
_diffrn.id                               1 
_diffrn.ambient_pressure                 ? 
_diffrn.ambient_pressure_esd             ? 
_diffrn.ambient_pressure_gt              ? 
_diffrn.ambient_pressure_lt              ? 
_diffrn.ambient_temp_gt                  ? 
_diffrn.ambient_temp_lt                  ? 
_diffrn.pdbx_serial_crystal_experiment   N 
# 
_diffrn_detector.details                      ? 
_diffrn_detector.detector                     PIXEL 
_diffrn_detector.diffrn_id                    1 
_diffrn_detector.type                         'DECTRIS EIGER X 9M' 
_diffrn_detector.area_resol_mean              ? 
_diffrn_detector.dtime                        ? 
_diffrn_detector.pdbx_frames_total            ? 
_diffrn_detector.pdbx_collection_time_total   ? 
_diffrn_detector.pdbx_collection_date         2022-07-24 
_diffrn_detector.pdbx_frequency               ? 
_diffrn_detector.id                           ? 
_diffrn_detector.number_of_axes               ? 
# 
_diffrn_radiation.collimation                      ? 
_diffrn_radiation.diffrn_id                        1 
_diffrn_radiation.filter_edge                      ? 
_diffrn_radiation.inhomogeneity                    ? 
_diffrn_radiation.monochromator                    ? 
_diffrn_radiation.polarisn_norm                    ? 
_diffrn_radiation.polarisn_ratio                   ? 
_diffrn_radiation.probe                            ? 
_diffrn_radiation.type                             ? 
_diffrn_radiation.xray_symbol                      ? 
_diffrn_radiation.wavelength_id                    1 
_diffrn_radiation.pdbx_monochromatic_or_laue_m_l   M 
_diffrn_radiation.pdbx_wavelength_list             ? 
_diffrn_radiation.pdbx_wavelength                  ? 
_diffrn_radiation.pdbx_diffrn_protocol             'SINGLE WAVELENGTH' 
_diffrn_radiation.pdbx_analyzer                    ? 
_diffrn_radiation.pdbx_scattering_type             x-ray 
# 
_diffrn_radiation_wavelength.id           1 
_diffrn_radiation_wavelength.wavelength   1.007430 
_diffrn_radiation_wavelength.wt           1.0 
# 
_diffrn_source.current                     ? 
_diffrn_source.details                     ? 
_diffrn_source.diffrn_id                   1 
_diffrn_source.power                       ? 
_diffrn_source.size                        ? 
_diffrn_source.source                      SYNCHROTRON 
_diffrn_source.target                      ? 
_diffrn_source.type                        'APS BEAMLINE 17-ID' 
_diffrn_source.voltage                     ? 
_diffrn_source.take-off_angle              ? 
_diffrn_source.pdbx_wavelength_list        1.007430 
_diffrn_source.pdbx_wavelength             ? 
_diffrn_source.pdbx_synchrotron_beamline   17-ID 
_diffrn_source.pdbx_synchrotron_site       APS 
# 
_reflns.B_iso_Wilson_estimate                          301.98 
_reflns.entry_id                                       9NC4 
_reflns.data_reduction_details                         ? 
_reflns.data_reduction_method                          ? 
_reflns.d_resolution_high                              4.29 
_reflns.d_resolution_low                               55.947 
_reflns.details                                        ? 
_reflns.limit_h_max                                    ? 
_reflns.limit_h_min                                    ? 
_reflns.limit_k_max                                    ? 
_reflns.limit_k_min                                    ? 
_reflns.limit_l_max                                    ? 
_reflns.limit_l_min                                    ? 
_reflns.number_all                                     ? 
_reflns.number_obs                                     1514 
_reflns.observed_criterion                             ? 
_reflns.observed_criterion_F_max                       ? 
_reflns.observed_criterion_F_min                       ? 
_reflns.observed_criterion_I_max                       ? 
_reflns.observed_criterion_I_min                       ? 
_reflns.observed_criterion_sigma_F                     ? 
_reflns.observed_criterion_sigma_I                     ? 
_reflns.percent_possible_obs                           83.7 
_reflns.R_free_details                                 ? 
_reflns.Rmerge_F_all                                   ? 
_reflns.Rmerge_F_obs                                   ? 
_reflns.Friedel_coverage                               ? 
_reflns.number_gt                                      ? 
_reflns.threshold_expression                           ? 
_reflns.pdbx_redundancy                                10.7 
_reflns.pdbx_netI_over_av_sigmaI                       ? 
_reflns.pdbx_netI_over_sigmaI                          9.3 
_reflns.pdbx_res_netI_over_av_sigmaI_2                 ? 
_reflns.pdbx_res_netI_over_sigmaI_2                    ? 
_reflns.pdbx_chi_squared                               ? 
_reflns.pdbx_scaling_rejects                           ? 
_reflns.pdbx_d_res_high_opt                            ? 
_reflns.pdbx_d_res_low_opt                             ? 
_reflns.pdbx_d_res_opt_method                          ? 
_reflns.phase_calculation_details                      ? 
_reflns.pdbx_Rrim_I_all                                ? 
_reflns.pdbx_Rpim_I_all                                ? 
_reflns.pdbx_d_opt                                     ? 
_reflns.pdbx_number_measured_all                       ? 
_reflns.pdbx_diffrn_id                                 1 
_reflns.pdbx_ordinal                                   1 
_reflns.pdbx_CC_half                                   .998 
_reflns.pdbx_CC_star                                   ? 
_reflns.pdbx_R_split                                   ? 
_reflns.pdbx_Rmerge_I_obs                              ? 
_reflns.pdbx_Rmerge_I_all                              ? 
_reflns.pdbx_Rsym_value                                ? 
_reflns.pdbx_CC_split_method                           ? 
_reflns.pdbx_aniso_diffraction_limit_axis_1_ortho[1]   ? 
_reflns.pdbx_aniso_diffraction_limit_axis_1_ortho[2]   ? 
_reflns.pdbx_aniso_diffraction_limit_axis_1_ortho[3]   ? 
_reflns.pdbx_aniso_diffraction_limit_axis_2_ortho[1]   ? 
_reflns.pdbx_aniso_diffraction_limit_axis_2_ortho[2]   ? 
_reflns.pdbx_aniso_diffraction_limit_axis_2_ortho[3]   ? 
_reflns.pdbx_aniso_diffraction_limit_axis_3_ortho[1]   ? 
_reflns.pdbx_aniso_diffraction_limit_axis_3_ortho[2]   ? 
_reflns.pdbx_aniso_diffraction_limit_axis_3_ortho[3]   ? 
_reflns.pdbx_aniso_diffraction_limit_1                 ? 
_reflns.pdbx_aniso_diffraction_limit_2                 ? 
_reflns.pdbx_aniso_diffraction_limit_3                 ? 
_reflns.pdbx_aniso_B_tensor_eigenvector_1_ortho[1]     ? 
_reflns.pdbx_aniso_B_tensor_eigenvector_1_ortho[2]     ? 
_reflns.pdbx_aniso_B_tensor_eigenvector_1_ortho[3]     ? 
_reflns.pdbx_aniso_B_tensor_eigenvector_2_ortho[1]     ? 
_reflns.pdbx_aniso_B_tensor_eigenvector_2_ortho[2]     ? 
_reflns.pdbx_aniso_B_tensor_eigenvector_2_ortho[3]     ? 
_reflns.pdbx_aniso_B_tensor_eigenvector_3_ortho[1]     ? 
_reflns.pdbx_aniso_B_tensor_eigenvector_3_ortho[2]     ? 
_reflns.pdbx_aniso_B_tensor_eigenvector_3_ortho[3]     ? 
_reflns.pdbx_aniso_B_tensor_eigenvalue_1               ? 
_reflns.pdbx_aniso_B_tensor_eigenvalue_2               ? 
_reflns.pdbx_aniso_B_tensor_eigenvalue_3               ? 
_reflns.pdbx_orthogonalization_convention              ? 
_reflns.pdbx_percent_possible_ellipsoidal              ? 
_reflns.pdbx_percent_possible_spherical                ? 
_reflns.pdbx_percent_possible_ellipsoidal_anomalous    ? 
_reflns.pdbx_percent_possible_spherical_anomalous      ? 
_reflns.pdbx_redundancy_anomalous                      ? 
_reflns.pdbx_CC_half_anomalous                         ? 
_reflns.pdbx_absDiff_over_sigma_anomalous              ? 
_reflns.pdbx_percent_possible_anomalous                ? 
_reflns.pdbx_observed_signal_threshold                 ? 
_reflns.pdbx_signal_type                               ? 
_reflns.pdbx_signal_details                            ? 
_reflns.pdbx_signal_software_id                        ? 
# 
loop_
_reflns_shell.d_res_high 
_reflns_shell.d_res_low 
_reflns_shell.meanI_over_sigI_all 
_reflns_shell.meanI_over_sigI_obs 
_reflns_shell.number_measured_all 
_reflns_shell.number_measured_obs 
_reflns_shell.number_possible 
_reflns_shell.number_unique_all 
_reflns_shell.number_unique_obs 
_reflns_shell.percent_possible_obs 
_reflns_shell.Rmerge_F_all 
_reflns_shell.Rmerge_F_obs 
_reflns_shell.meanI_over_sigI_gt 
_reflns_shell.meanI_over_uI_all 
_reflns_shell.meanI_over_uI_gt 
_reflns_shell.number_measured_gt 
_reflns_shell.number_unique_gt 
_reflns_shell.percent_possible_gt 
_reflns_shell.Rmerge_F_gt 
_reflns_shell.Rmerge_I_gt 
_reflns_shell.pdbx_redundancy 
_reflns_shell.pdbx_chi_squared 
_reflns_shell.pdbx_netI_over_sigmaI_all 
_reflns_shell.pdbx_netI_over_sigmaI_obs 
_reflns_shell.pdbx_Rrim_I_all 
_reflns_shell.pdbx_Rpim_I_all 
_reflns_shell.pdbx_rejects 
_reflns_shell.pdbx_ordinal 
_reflns_shell.pdbx_diffrn_id 
_reflns_shell.pdbx_CC_half 
_reflns_shell.pdbx_CC_star 
_reflns_shell.pdbx_R_split 
_reflns_shell.percent_possible_all 
_reflns_shell.Rmerge_I_all 
_reflns_shell.Rmerge_I_obs 
_reflns_shell.pdbx_Rsym_value 
_reflns_shell.pdbx_percent_possible_ellipsoidal 
_reflns_shell.pdbx_percent_possible_spherical 
_reflns_shell.pdbx_percent_possible_ellipsoidal_anomalous 
_reflns_shell.pdbx_percent_possible_spherical_anomalous 
_reflns_shell.pdbx_redundancy_anomalous 
_reflns_shell.pdbx_CC_half_anomalous 
_reflns_shell.pdbx_absDiff_over_sigma_anomalous 
_reflns_shell.pdbx_percent_possible_anomalous 
4.292 4.851  ? ? ? ? ? ? 191 ? ? ? ? ? ? ? ? ? ? ? ? ? ? ? ? ? ? 1 1 .246 ? ? ? ? ? ? ? ? ? ? ? ? ? ? 
9.867 55.946 ? ? ? ? ? ? 188 ? ? ? ? ? ? ? ? ? ? ? ? ? ? ? ? ? ? 2 1 .997 ? ? ? ? ? ? ? ? ? ? ? ? ? ? 
# 
_refine.aniso_B[1][1]                            ? 
_refine.aniso_B[1][2]                            ? 
_refine.aniso_B[1][3]                            ? 
_refine.aniso_B[2][2]                            ? 
_refine.aniso_B[2][3]                            ? 
_refine.aniso_B[3][3]                            ? 
_refine.B_iso_max                                ? 
_refine.B_iso_mean                               231.46 
_refine.B_iso_min                                ? 
_refine.correlation_coeff_Fo_to_Fc               ? 
_refine.correlation_coeff_Fo_to_Fc_free          ? 
_refine.details                                  ? 
_refine.diff_density_max                         ? 
_refine.diff_density_max_esd                     ? 
_refine.diff_density_min                         ? 
_refine.diff_density_min_esd                     ? 
_refine.diff_density_rms                         ? 
_refine.diff_density_rms_esd                     ? 
_refine.entry_id                                 9NC4 
_refine.pdbx_refine_id                           'X-RAY DIFFRACTION' 
_refine.ls_abs_structure_details                 ? 
_refine.ls_abs_structure_Flack                   ? 
_refine.ls_abs_structure_Flack_esd               ? 
_refine.ls_abs_structure_Rogers                  ? 
_refine.ls_abs_structure_Rogers_esd              ? 
_refine.ls_d_res_high                            4.29 
_refine.ls_d_res_low                             34.03 
_refine.ls_extinction_coef                       ? 
_refine.ls_extinction_coef_esd                   ? 
_refine.ls_extinction_expression                 ? 
_refine.ls_extinction_method                     ? 
_refine.ls_goodness_of_fit_all                   ? 
_refine.ls_goodness_of_fit_all_esd               ? 
_refine.ls_goodness_of_fit_obs                   ? 
_refine.ls_goodness_of_fit_obs_esd               ? 
_refine.ls_hydrogen_treatment                    ? 
_refine.ls_matrix_type                           ? 
_refine.ls_number_constraints                    ? 
_refine.ls_number_parameters                     ? 
_refine.ls_number_reflns_all                     ? 
_refine.ls_number_reflns_obs                     1331 
_refine.ls_number_reflns_R_free                  70 
_refine.ls_number_reflns_R_work                  1261 
_refine.ls_number_restraints                     ? 
_refine.ls_percent_reflns_obs                    57.47 
_refine.ls_percent_reflns_R_free                 5.26 
_refine.ls_R_factor_all                          ? 
_refine.ls_R_factor_obs                          0.2909 
_refine.ls_R_factor_R_free                       0.3172 
_refine.ls_R_factor_R_free_error                 ? 
_refine.ls_R_factor_R_free_error_details         ? 
_refine.ls_R_factor_R_work                       0.2895 
_refine.ls_R_Fsqd_factor_obs                     ? 
_refine.ls_R_I_factor_obs                        ? 
_refine.ls_redundancy_reflns_all                 ? 
_refine.ls_redundancy_reflns_obs                 ? 
_refine.ls_restrained_S_all                      ? 
_refine.ls_restrained_S_obs                      ? 
_refine.ls_shift_over_esd_max                    ? 
_refine.ls_shift_over_esd_mean                   ? 
_refine.ls_structure_factor_coef                 ? 
_refine.ls_weighting_details                     ? 
_refine.ls_weighting_scheme                      ? 
_refine.ls_wR_factor_all                         ? 
_refine.ls_wR_factor_obs                         ? 
_refine.ls_wR_factor_R_free                      ? 
_refine.ls_wR_factor_R_work                      ? 
_refine.occupancy_max                            ? 
_refine.occupancy_min                            ? 
_refine.solvent_model_details                    'FLAT BULK SOLVENT MODEL' 
_refine.solvent_model_param_bsol                 ? 
_refine.solvent_model_param_ksol                 ? 
_refine.correlation_coeff_I_to_Fcsqd_work        ? 
_refine.correlation_coeff_I_to_Fcsqd_free        ? 
_refine.pdbx_R_complete                          ? 
_refine.ls_R_factor_gt                           ? 
_refine.ls_goodness_of_fit_gt                    ? 
_refine.ls_goodness_of_fit_ref                   ? 
_refine.ls_shift_over_su_max                     ? 
_refine.ls_shift_over_su_max_lt                  ? 
_refine.ls_shift_over_su_mean                    ? 
_refine.ls_shift_over_su_mean_lt                 ? 
_refine.pdbx_ls_sigma_I                          ? 
_refine.pdbx_ls_sigma_F                          1.96 
_refine.pdbx_ls_sigma_Fsqd                       ? 
_refine.pdbx_data_cutoff_high_absF               ? 
_refine.pdbx_data_cutoff_high_rms_absF           ? 
_refine.pdbx_data_cutoff_low_absF                ? 
_refine.pdbx_isotropic_thermal_model             ? 
_refine.pdbx_ls_cross_valid_method               'FREE R-VALUE' 
_refine.pdbx_method_to_determine_struct          'MOLECULAR REPLACEMENT' 
_refine.pdbx_starting_model                      ? 
_refine.pdbx_stereochemistry_target_values       'GeoStd + Monomer Library + CDL v1.2' 
_refine.pdbx_R_Free_selection_details            ? 
_refine.pdbx_stereochem_target_val_spec_case     ? 
_refine.pdbx_overall_ESU_R                       ? 
_refine.pdbx_overall_ESU_R_Free                  ? 
_refine.pdbx_solvent_vdw_probe_radii             1.1000 
_refine.pdbx_solvent_ion_probe_radii             ? 
_refine.pdbx_solvent_shrinkage_radii             0.9000 
_refine.pdbx_real_space_R                        ? 
_refine.pdbx_density_correlation                 ? 
_refine.pdbx_pd_number_of_powder_patterns        ? 
_refine.pdbx_pd_number_of_points                 ? 
_refine.pdbx_pd_meas_number_of_points            ? 
_refine.pdbx_pd_proc_ls_prof_R_factor            ? 
_refine.pdbx_pd_proc_ls_prof_wR_factor           ? 
_refine.pdbx_pd_Marquardt_correlation_coeff      ? 
_refine.pdbx_pd_Fsqrd_R_factor                   ? 
_refine.pdbx_pd_ls_matrix_band_width             ? 
_refine.pdbx_overall_phase_error                 50.6174 
_refine.pdbx_overall_SU_R_free_Cruickshank_DPI   ? 
_refine.pdbx_overall_SU_R_free_Blow_DPI          ? 
_refine.pdbx_overall_SU_R_Blow_DPI               ? 
_refine.pdbx_TLS_residual_ADP_flag               ? 
_refine.pdbx_diffrn_id                           1 
_refine.overall_SU_B                             ? 
_refine.overall_SU_ML                            0.2712 
_refine.overall_SU_R_Cruickshank_DPI             ? 
_refine.overall_SU_R_free                        ? 
_refine.overall_FOM_free_R_set                   ? 
_refine.overall_FOM_work_R_set                   ? 
_refine.pdbx_average_fsc_overall                 ? 
_refine.pdbx_average_fsc_work                    ? 
_refine.pdbx_average_fsc_free                    ? 
# 
_refine_hist.pdbx_refine_id                   'X-RAY DIFFRACTION' 
_refine_hist.cycle_id                         LAST 
_refine_hist.details                          ? 
_refine_hist.d_res_high                       4.29 
_refine_hist.d_res_low                        34.03 
_refine_hist.number_atoms_solvent             0 
_refine_hist.number_atoms_total               855 
_refine_hist.number_reflns_all                ? 
_refine_hist.number_reflns_obs                ? 
_refine_hist.number_reflns_R_free             ? 
_refine_hist.number_reflns_R_work             ? 
_refine_hist.R_factor_all                     ? 
_refine_hist.R_factor_obs                     ? 
_refine_hist.R_factor_R_free                  ? 
_refine_hist.R_factor_R_work                  ? 
_refine_hist.pdbx_number_residues_total       ? 
_refine_hist.pdbx_B_iso_mean_ligand           ? 
_refine_hist.pdbx_B_iso_mean_solvent          ? 
_refine_hist.pdbx_number_atoms_protein        0 
_refine_hist.pdbx_number_atoms_nucleic_acid   855 
_refine_hist.pdbx_number_atoms_ligand         0 
_refine_hist.pdbx_number_atoms_lipid          ? 
_refine_hist.pdbx_number_atoms_carb           ? 
_refine_hist.pdbx_pseudo_atom_details         ? 
# 
loop_
_refine_ls_restr.pdbx_refine_id 
_refine_ls_restr.criterion 
_refine_ls_restr.dev_ideal 
_refine_ls_restr.dev_ideal_target 
_refine_ls_restr.number 
_refine_ls_restr.rejects 
_refine_ls_restr.type 
_refine_ls_restr.weight 
_refine_ls_restr.pdbx_restraint_function 
'X-RAY DIFFRACTION' ? 0.0064  ? 956  ? f_bond_d           ? ? 
'X-RAY DIFFRACTION' ? 0.8118  ? 1467 ? f_angle_d          ? ? 
'X-RAY DIFFRACTION' ? 0.0452  ? 166  ? f_chiral_restr     ? ? 
'X-RAY DIFFRACTION' ? 0.0038  ? 42   ? f_plane_restr      ? ? 
'X-RAY DIFFRACTION' ? 39.0239 ? 406  ? f_dihedral_angle_d ? ? 
# 
_refine_ls_shell.pdbx_refine_id                      'X-RAY DIFFRACTION' 
_refine_ls_shell.d_res_high                          4.29 
_refine_ls_shell.d_res_low                           34.03 
_refine_ls_shell.number_reflns_all                   ? 
_refine_ls_shell.number_reflns_obs                   ? 
_refine_ls_shell.number_reflns_R_free                70 
_refine_ls_shell.number_reflns_R_work                1261 
_refine_ls_shell.percent_reflns_obs                  57.47 
_refine_ls_shell.percent_reflns_R_free               ? 
_refine_ls_shell.R_factor_all                        ? 
_refine_ls_shell.R_factor_obs                        ? 
_refine_ls_shell.R_factor_R_free_error               ? 
_refine_ls_shell.R_factor_R_work                     0.2895 
_refine_ls_shell.redundancy_reflns_all               ? 
_refine_ls_shell.redundancy_reflns_obs               ? 
_refine_ls_shell.wR_factor_all                       ? 
_refine_ls_shell.wR_factor_obs                       ? 
_refine_ls_shell.wR_factor_R_free                    ? 
_refine_ls_shell.wR_factor_R_work                    ? 
_refine_ls_shell.pdbx_R_complete                     ? 
_refine_ls_shell.correlation_coeff_Fo_to_Fc          ? 
_refine_ls_shell.correlation_coeff_Fo_to_Fc_free     ? 
_refine_ls_shell.correlation_coeff_I_to_Fcsqd_work   ? 
_refine_ls_shell.correlation_coeff_I_to_Fcsqd_free   ? 
_refine_ls_shell.pdbx_total_number_of_bins_used      ? 
_refine_ls_shell.pdbx_phase_error                    ? 
_refine_ls_shell.pdbx_fsc_work                       ? 
_refine_ls_shell.pdbx_fsc_free                       ? 
_refine_ls_shell.R_factor_R_free                     0.3172 
# 
_struct.entry_id                     9NC4 
_struct.title                        
'[2,8,9-2] Shifted tensegrity triangle with an (arm,center,arm) distribution of (2,8,9) base pairs and 2 nt sticky ends' 
_struct.pdbx_model_details           ? 
_struct.pdbx_formula_weight          ? 
_struct.pdbx_formula_weight_method   ? 
_struct.pdbx_model_type_details      ? 
_struct.pdbx_CASP_flag               N 
# 
_struct_keywords.entry_id        9NC4 
_struct_keywords.text            'tensegrity triangle, DNA' 
_struct_keywords.pdbx_keywords   DNA 
# 
loop_
_struct_asym.id 
_struct_asym.pdbx_blank_PDB_chainid_flag 
_struct_asym.pdbx_modified 
_struct_asym.entity_id 
_struct_asym.details 
A N N 1 ? 
B N N 2 ? 
C N N 3 ? 
D N N 4 ? 
# 
loop_
_struct_ref.id 
_struct_ref.db_name 
_struct_ref.db_code 
_struct_ref.pdbx_db_accession 
_struct_ref.pdbx_db_isoform 
_struct_ref.entity_id 
_struct_ref.pdbx_seq_one_letter_code 
_struct_ref.pdbx_align_begin 
1 PDB 9NC4 9NC4 ? 1 ? 1 
2 PDB 9NC4 9NC4 ? 2 ? 1 
3 PDB 9NC4 9NC4 ? 3 ? 1 
4 PDB 9NC4 9NC4 ? 4 ? 1 
# 
loop_
_struct_ref_seq.align_id 
_struct_ref_seq.ref_id 
_struct_ref_seq.pdbx_PDB_id_code 
_struct_ref_seq.pdbx_strand_id 
_struct_ref_seq.seq_align_beg 
_struct_ref_seq.pdbx_seq_align_beg_ins_code 
_struct_ref_seq.seq_align_end 
_struct_ref_seq.pdbx_seq_align_end_ins_code 
_struct_ref_seq.pdbx_db_accession 
_struct_ref_seq.db_align_beg 
_struct_ref_seq.pdbx_db_align_beg_ins_code 
_struct_ref_seq.db_align_end 
_struct_ref_seq.pdbx_db_align_end_ins_code 
_struct_ref_seq.pdbx_auth_seq_align_beg 
_struct_ref_seq.pdbx_auth_seq_align_end 
1 1 9NC4 A 1 ? 13 ? 9NC4 112 ? 124 ? 112 124 
2 2 9NC4 B 1 ? 8  ? 9NC4 115 ? 122 ? 115 122 
3 3 9NC4 D 1 ? 13 ? 9NC4 98  ? 110 ? 98  110 
4 4 9NC4 E 1 ? 8  ? 9NC4 104 ? 111 ? 104 111 
# 
_pdbx_struct_assembly.id                   1 
_pdbx_struct_assembly.details              author_defined_assembly 
_pdbx_struct_assembly.method_details       ? 
_pdbx_struct_assembly.oligomeric_details   dodecameric 
_pdbx_struct_assembly.oligomeric_count     12 
# 
loop_
_pdbx_struct_assembly_gen.assembly_id 
_pdbx_struct_assembly_gen.oper_expression 
_pdbx_struct_assembly_gen.asym_id_list 
1 1 A,B,C,D 
1 2 A,B,C,D 
1 3 A,B,C,D 
# 
_pdbx_struct_assembly_auth_evidence.id                     1 
_pdbx_struct_assembly_auth_evidence.assembly_id            1 
_pdbx_struct_assembly_auth_evidence.experimental_support   'native gel electrophoresis' 
_pdbx_struct_assembly_auth_evidence.details                ? 
# 
loop_
_pdbx_struct_oper_list.id 
_pdbx_struct_oper_list.type 
_pdbx_struct_oper_list.name 
_pdbx_struct_oper_list.symmetry_operation 
_pdbx_struct_oper_list.matrix[1][1] 
_pdbx_struct_oper_list.matrix[1][2] 
_pdbx_struct_oper_list.matrix[1][3] 
_pdbx_struct_oper_list.vector[1] 
_pdbx_struct_oper_list.matrix[2][1] 
_pdbx_struct_oper_list.matrix[2][2] 
_pdbx_struct_oper_list.matrix[2][3] 
_pdbx_struct_oper_list.vector[2] 
_pdbx_struct_oper_list.matrix[3][1] 
_pdbx_struct_oper_list.matrix[3][2] 
_pdbx_struct_oper_list.matrix[3][3] 
_pdbx_struct_oper_list.vector[3] 
1 'identity operation'         1_555 x,y,z     1.0000000000  0.0000000000  0.0000000000  0.0000000000   0.0000000000  1.0000000000  0.0000000000  0.0000000000   0.0000000000  0.0000000000  1.0000000000 0.0000000000   
2 'crystal symmetry operation' 2_555 -y,x-y,z  -0.0090756460 -0.9280604208 -0.3723190675 -33.4137926638 0.3808033414  -0.3474865279 0.8568791794  -4.3216602151  -0.9246115119 -0.1340036129 0.3565621740 -23.4725208067 
3 'crystal symmetry operation' 3_555 -x+y,-x,z -0.0090756460 0.3808033414  -0.9246115119 -20.3605120534 -0.9280604208 -0.3474865279 -0.1340036129 -35.6571397739 -0.3723190675 0.8568791794  0.3565621740 -0.3680384194 
# 
loop_
_struct_conn.id 
_struct_conn.conn_type_id 
_struct_conn.pdbx_leaving_atom_flag 
_struct_conn.pdbx_PDB_id 
_struct_conn.ptnr1_label_asym_id 
_struct_conn.ptnr1_label_comp_id 
_struct_conn.ptnr1_label_seq_id 
_struct_conn.ptnr1_label_atom_id 
_struct_conn.pdbx_ptnr1_label_alt_id 
_struct_conn.pdbx_ptnr1_PDB_ins_code 
_struct_conn.pdbx_ptnr1_standard_comp_id 
_struct_conn.ptnr1_symmetry 
_struct_conn.ptnr2_label_asym_id 
_struct_conn.ptnr2_label_comp_id 
_struct_conn.ptnr2_label_seq_id 
_struct_conn.ptnr2_label_atom_id 
_struct_conn.pdbx_ptnr2_label_alt_id 
_struct_conn.pdbx_ptnr2_PDB_ins_code 
_struct_conn.ptnr1_auth_asym_id 
_struct_conn.ptnr1_auth_comp_id 
_struct_conn.ptnr1_auth_seq_id 
_struct_conn.ptnr2_auth_asym_id 
_struct_conn.ptnr2_auth_comp_id 
_struct_conn.ptnr2_auth_seq_id 
_struct_conn.ptnr2_symmetry 
_struct_conn.pdbx_ptnr3_label_atom_id 
_struct_conn.pdbx_ptnr3_label_seq_id 
_struct_conn.pdbx_ptnr3_label_comp_id 
_struct_conn.pdbx_ptnr3_label_asym_id 
_struct_conn.pdbx_ptnr3_label_alt_id 
_struct_conn.pdbx_ptnr3_PDB_ins_code 
_struct_conn.details 
_struct_conn.pdbx_dist_value 
_struct_conn.pdbx_value_order 
_struct_conn.pdbx_role 
hydrog1  hydrog ? ? A DA 1  N1 ? ? ? 1_555 B DT 8  N3 ? ? A DA 112 B DT 122 1_555 ? ? ? ? ? ? WATSON-CRICK ? ? ? 
hydrog2  hydrog ? ? A DA 1  N6 ? ? ? 1_555 B DT 8  O4 ? ? A DA 112 B DT 122 1_555 ? ? ? ? ? ? WATSON-CRICK ? ? ? 
hydrog3  hydrog ? ? A DC 2  N3 ? ? ? 1_555 B DG 7  N1 ? ? A DC 113 B DG 121 1_555 ? ? ? ? ? ? WATSON-CRICK ? ? ? 
hydrog4  hydrog ? ? A DC 2  N4 ? ? ? 1_555 B DG 7  O6 ? ? A DC 113 B DG 121 1_555 ? ? ? ? ? ? WATSON-CRICK ? ? ? 
hydrog5  hydrog ? ? A DC 2  O2 ? ? ? 1_555 B DG 7  N2 ? ? A DC 113 B DG 121 1_555 ? ? ? ? ? ? WATSON-CRICK ? ? ? 
hydrog6  hydrog ? ? A DG 3  N1 ? ? ? 1_555 B DC 6  N3 ? ? A DG 114 B DC 120 1_555 ? ? ? ? ? ? WATSON-CRICK ? ? ? 
hydrog7  hydrog ? ? A DG 3  N2 ? ? ? 1_555 B DC 6  O2 ? ? A DG 114 B DC 120 1_555 ? ? ? ? ? ? WATSON-CRICK ? ? ? 
hydrog8  hydrog ? ? A DG 3  O6 ? ? ? 1_555 B DC 6  N4 ? ? A DG 114 B DC 120 1_555 ? ? ? ? ? ? WATSON-CRICK ? ? ? 
hydrog9  hydrog ? ? A DG 4  N1 ? ? ? 1_555 B DC 5  N3 ? ? A DG 115 B DC 119 1_555 ? ? ? ? ? ? WATSON-CRICK ? ? ? 
hydrog10 hydrog ? ? A DG 4  N2 ? ? ? 1_555 B DC 5  O2 ? ? A DG 115 B DC 119 1_555 ? ? ? ? ? ? WATSON-CRICK ? ? ? 
hydrog11 hydrog ? ? A DG 4  O6 ? ? ? 1_555 B DC 5  N4 ? ? A DG 115 B DC 119 1_555 ? ? ? ? ? ? WATSON-CRICK ? ? ? 
hydrog12 hydrog ? ? A DA 5  N1 ? ? ? 1_555 C DT 11 N3 ? ? A DA 116 D DT 108 1_555 ? ? ? ? ? ? WATSON-CRICK ? ? ? 
hydrog13 hydrog ? ? A DA 5  N6 ? ? ? 1_555 C DT 11 O4 ? ? A DA 116 D DT 108 1_555 ? ? ? ? ? ? WATSON-CRICK ? ? ? 
hydrog14 hydrog ? ? A DC 6  N3 ? ? ? 1_555 C DG 10 N1 ? ? A DC 117 D DG 107 1_555 ? ? ? ? ? ? WATSON-CRICK ? ? ? 
hydrog15 hydrog ? ? A DC 6  N4 ? ? ? 1_555 C DG 10 O6 ? ? A DC 117 D DG 107 1_555 ? ? ? ? ? ? WATSON-CRICK ? ? ? 
hydrog16 hydrog ? ? A DC 6  O2 ? ? ? 1_555 C DG 10 N2 ? ? A DC 117 D DG 107 1_555 ? ? ? ? ? ? WATSON-CRICK ? ? ? 
hydrog17 hydrog ? ? A DA 7  N1 ? ? ? 1_555 C DT 9  N3 ? ? A DA 118 D DT 106 1_555 ? ? ? ? ? ? WATSON-CRICK ? ? ? 
hydrog18 hydrog ? ? A DA 7  N6 ? ? ? 1_555 C DT 9  O4 ? ? A DA 118 D DT 106 1_555 ? ? ? ? ? ? WATSON-CRICK ? ? ? 
hydrog19 hydrog ? ? A DG 8  N1 ? ? ? 1_555 C DC 8  N3 ? ? A DG 119 D DC 105 1_555 ? ? ? ? ? ? WATSON-CRICK ? ? ? 
hydrog20 hydrog ? ? A DG 8  N2 ? ? ? 1_555 C DC 8  O2 ? ? A DG 119 D DC 105 1_555 ? ? ? ? ? ? WATSON-CRICK ? ? ? 
hydrog21 hydrog ? ? A DG 8  O6 ? ? ? 1_555 C DC 8  N4 ? ? A DG 119 D DC 105 1_555 ? ? ? ? ? ? WATSON-CRICK ? ? ? 
hydrog22 hydrog ? ? A DA 9  N1 ? ? ? 1_555 C DT 7  N3 ? ? A DA 120 D DT 104 1_555 ? ? ? ? ? ? WATSON-CRICK ? ? ? 
hydrog23 hydrog ? ? A DA 9  N6 ? ? ? 1_555 C DT 7  O4 ? ? A DA 120 D DT 104 1_555 ? ? ? ? ? ? WATSON-CRICK ? ? ? 
hydrog24 hydrog ? ? A DG 10 N1 ? ? ? 1_555 C DC 6  N3 ? ? A DG 121 D DC 103 1_555 ? ? ? ? ? ? WATSON-CRICK ? ? ? 
hydrog25 hydrog ? ? A DG 10 N2 ? ? ? 1_555 C DC 6  O2 ? ? A DG 121 D DC 103 1_555 ? ? ? ? ? ? WATSON-CRICK ? ? ? 
hydrog26 hydrog ? ? A DG 10 O6 ? ? ? 1_555 C DC 6  N4 ? ? A DG 121 D DC 103 1_555 ? ? ? ? ? ? WATSON-CRICK ? ? ? 
hydrog27 hydrog ? ? A DT 11 N3 ? ? ? 1_555 C DA 5  N1 ? ? A DT 122 D DA 102 1_555 ? ? ? ? ? ? WATSON-CRICK ? ? ? 
hydrog28 hydrog ? ? A DT 11 O4 ? ? ? 1_555 C DA 5  N6 ? ? A DT 122 D DA 102 1_555 ? ? ? ? ? ? WATSON-CRICK ? ? ? 
hydrog29 hydrog ? ? A DC 12 N3 ? ? ? 1_555 C DG 4  N1 ? ? A DC 123 D DG 101 1_555 ? ? ? ? ? ? WATSON-CRICK ? ? ? 
hydrog30 hydrog ? ? A DC 12 N4 ? ? ? 1_555 C DG 4  O6 ? ? A DC 123 D DG 101 1_555 ? ? ? ? ? ? WATSON-CRICK ? ? ? 
hydrog31 hydrog ? ? A DC 12 O2 ? ? ? 1_555 C DG 4  N2 ? ? A DC 123 D DG 101 1_555 ? ? ? ? ? ? WATSON-CRICK ? ? ? 
hydrog32 hydrog ? ? A DA 13 N1 ? ? ? 1_555 C DT 3  N3 ? ? A DA 124 D DT 100 1_555 ? ? ? ? ? ? WATSON-CRICK ? ? ? 
hydrog33 hydrog ? ? A DA 13 N6 ? ? ? 1_555 C DT 3  O4 ? ? A DA 124 D DT 100 1_555 ? ? ? ? ? ? WATSON-CRICK ? ? ? 
hydrog34 hydrog ? ? B DC 1  N3 ? ? ? 1_555 D DG 8  N1 ? ? B DC 115 E DG 111 1_555 ? ? ? ? ? ? WATSON-CRICK ? ? ? 
hydrog35 hydrog ? ? B DC 1  N4 ? ? ? 1_555 D DG 8  O6 ? ? B DC 115 E DG 111 1_555 ? ? ? ? ? ? WATSON-CRICK ? ? ? 
hydrog36 hydrog ? ? B DC 1  O2 ? ? ? 1_555 D DG 8  N2 ? ? B DC 115 E DG 111 1_555 ? ? ? ? ? ? WATSON-CRICK ? ? ? 
hydrog37 hydrog ? ? B DA 2  N1 ? ? ? 1_555 D DT 7  N3 ? ? B DA 116 E DT 110 1_555 ? ? ? ? ? ? WATSON-CRICK ? ? ? 
hydrog38 hydrog ? ? B DA 2  N6 ? ? ? 1_555 D DT 7  O4 ? ? B DA 116 E DT 110 1_555 ? ? ? ? ? ? WATSON-CRICK ? ? ? 
hydrog39 hydrog ? ? B DC 3  N3 ? ? ? 1_555 D DG 6  N1 ? ? B DC 117 E DG 109 1_555 ? ? ? ? ? ? WATSON-CRICK ? ? ? 
hydrog40 hydrog ? ? B DC 3  N4 ? ? ? 1_555 D DG 6  O6 ? ? B DC 117 E DG 109 1_555 ? ? ? ? ? ? WATSON-CRICK ? ? ? 
hydrog41 hydrog ? ? B DC 3  O2 ? ? ? 1_555 D DG 6  N2 ? ? B DC 117 E DG 109 1_555 ? ? ? ? ? ? WATSON-CRICK ? ? ? 
hydrog42 hydrog ? ? B DA 4  N1 ? ? ? 1_555 D DT 5  N3 ? ? B DA 118 E DT 108 1_555 ? ? ? ? ? ? WATSON-CRICK ? ? ? 
hydrog43 hydrog ? ? B DA 4  N6 ? ? ? 1_555 D DT 5  O4 ? ? B DA 118 E DT 108 1_555 ? ? ? ? ? ? WATSON-CRICK ? ? ? 
hydrog44 hydrog ? ? C DG 12 N1 ? ? ? 1_555 D DC 4  N3 ? ? D DG 109 E DC 107 1_555 ? ? ? ? ? ? WATSON-CRICK ? ? ? 
hydrog45 hydrog ? ? C DG 12 N2 ? ? ? 1_555 D DC 4  O2 ? ? D DG 109 E DC 107 1_555 ? ? ? ? ? ? WATSON-CRICK ? ? ? 
hydrog46 hydrog ? ? C DG 12 O6 ? ? ? 1_555 D DC 4  N4 ? ? D DG 109 E DC 107 1_555 ? ? ? ? ? ? WATSON-CRICK ? ? ? 
hydrog47 hydrog ? ? C DC 13 N3 ? ? ? 1_555 D DG 3  N1 ? ? D DC 110 E DG 106 1_555 ? ? ? ? ? ? WATSON-CRICK ? ? ? 
hydrog48 hydrog ? ? C DC 13 N4 ? ? ? 1_555 D DG 3  O6 ? ? D DC 110 E DG 106 1_555 ? ? ? ? ? ? WATSON-CRICK ? ? ? 
hydrog49 hydrog ? ? C DC 13 O2 ? ? ? 1_555 D DG 3  N2 ? ? D DC 110 E DG 106 1_555 ? ? ? ? ? ? WATSON-CRICK ? ? ? 
# 
_struct_conn_type.id          hydrog 
_struct_conn_type.criteria    ? 
_struct_conn_type.reference   ? 
# 
_pdbx_entry_details.entry_id                   9NC4 
_pdbx_entry_details.compound_details           ? 
_pdbx_entry_details.source_details             ? 
_pdbx_entry_details.nonpolymer_details         ? 
_pdbx_entry_details.sequence_details           ? 
_pdbx_entry_details.has_ligand_of_interest     ? 
_pdbx_entry_details.has_protein_modification   N 
# 
loop_
_pdbx_validate_rmsd_angle.id 
_pdbx_validate_rmsd_angle.PDB_model_num 
_pdbx_validate_rmsd_angle.auth_atom_id_1 
_pdbx_validate_rmsd_angle.auth_asym_id_1 
_pdbx_validate_rmsd_angle.auth_comp_id_1 
_pdbx_validate_rmsd_angle.auth_seq_id_1 
_pdbx_validate_rmsd_angle.PDB_ins_code_1 
_pdbx_validate_rmsd_angle.label_alt_id_1 
_pdbx_validate_rmsd_angle.auth_atom_id_2 
_pdbx_validate_rmsd_angle.auth_asym_id_2 
_pdbx_validate_rmsd_angle.auth_comp_id_2 
_pdbx_validate_rmsd_angle.auth_seq_id_2 
_pdbx_validate_rmsd_angle.PDB_ins_code_2 
_pdbx_validate_rmsd_angle.label_alt_id_2 
_pdbx_validate_rmsd_angle.auth_atom_id_3 
_pdbx_validate_rmsd_angle.auth_asym_id_3 
_pdbx_validate_rmsd_angle.auth_comp_id_3 
_pdbx_validate_rmsd_angle.auth_seq_id_3 
_pdbx_validate_rmsd_angle.PDB_ins_code_3 
_pdbx_validate_rmsd_angle.label_alt_id_3 
_pdbx_validate_rmsd_angle.angle_value 
_pdbx_validate_rmsd_angle.angle_target_value 
_pdbx_validate_rmsd_angle.angle_deviation 
_pdbx_validate_rmsd_angle.angle_standard_deviation 
_pdbx_validate_rmsd_angle.linker_flag 
1 1 "O4'" A DC 123 ? ? "C1'" A DC 123 ? ? N1 A DC 123 ? ? 110.26 108.30 1.96 0.30 N 
2 1 "O4'" D DT 98  ? ? "C1'" D DT 98  ? ? N1 D DT 98  ? ? 110.26 108.30 1.96 0.30 N 
# 
loop_
_space_group_symop.id 
_space_group_symop.operation_xyz 
1 x,y,z                 
2 -y,x-y,z              
3 -x+y,-x,z             
4 x+1/3,y+2/3,z+2/3     
5 -y+1/3,x-y+2/3,z+2/3  
6 -x+y+1/3,-x+2/3,z+2/3 
7 x+2/3,y+1/3,z+1/3     
8 -y+2/3,x-y+1/3,z+1/3  
9 -x+y+2/3,-x+1/3,z+1/3 
# 
loop_
_chem_comp_atom.comp_id 
_chem_comp_atom.atom_id 
_chem_comp_atom.type_symbol 
_chem_comp_atom.pdbx_aromatic_flag 
_chem_comp_atom.pdbx_stereo_config 
_chem_comp_atom.pdbx_ordinal 
DA OP3    O N N 1   
DA P      P N N 2   
DA OP1    O N N 3   
DA OP2    O N N 4   
DA "O5'"  O N N 5   
DA "C5'"  C N N 6   
DA "C4'"  C N R 7   
DA "O4'"  O N N 8   
DA "C3'"  C N S 9   
DA "O3'"  O N N 10  
DA "C2'"  C N N 11  
DA "C1'"  C N R 12  
DA N9     N Y N 13  
DA C8     C Y N 14  
DA N7     N Y N 15  
DA C5     C Y N 16  
DA C6     C Y N 17  
DA N6     N N N 18  
DA N1     N Y N 19  
DA C2     C Y N 20  
DA N3     N Y N 21  
DA C4     C Y N 22  
DA HOP3   H N N 23  
DA HOP2   H N N 24  
DA "H5'"  H N N 25  
DA "H5''" H N N 26  
DA "H4'"  H N N 27  
DA "H3'"  H N N 28  
DA "HO3'" H N N 29  
DA "H2'"  H N N 30  
DA "H2''" H N N 31  
DA "H1'"  H N N 32  
DA H8     H N N 33  
DA H61    H N N 34  
DA H62    H N N 35  
DA H2     H N N 36  
DC OP3    O N N 37  
DC P      P N N 38  
DC OP1    O N N 39  
DC OP2    O N N 40  
DC "O5'"  O N N 41  
DC "C5'"  C N N 42  
DC "C4'"  C N R 43  
DC "O4'"  O N N 44  
DC "C3'"  C N S 45  
DC "O3'"  O N N 46  
DC "C2'"  C N N 47  
DC "C1'"  C N R 48  
DC N1     N N N 49  
DC C2     C N N 50  
DC O2     O N N 51  
DC N3     N N N 52  
DC C4     C N N 53  
DC N4     N N N 54  
DC C5     C N N 55  
DC C6     C N N 56  
DC HOP3   H N N 57  
DC HOP2   H N N 58  
DC "H5'"  H N N 59  
DC "H5''" H N N 60  
DC "H4'"  H N N 61  
DC "H3'"  H N N 62  
DC "HO3'" H N N 63  
DC "H2'"  H N N 64  
DC "H2''" H N N 65  
DC "H1'"  H N N 66  
DC H41    H N N 67  
DC H42    H N N 68  
DC H5     H N N 69  
DC H6     H N N 70  
DG OP3    O N N 71  
DG P      P N N 72  
DG OP1    O N N 73  
DG OP2    O N N 74  
DG "O5'"  O N N 75  
DG "C5'"  C N N 76  
DG "C4'"  C N R 77  
DG "O4'"  O N N 78  
DG "C3'"  C N S 79  
DG "O3'"  O N N 80  
DG "C2'"  C N N 81  
DG "C1'"  C N R 82  
DG N9     N Y N 83  
DG C8     C Y N 84  
DG N7     N Y N 85  
DG C5     C Y N 86  
DG C6     C N N 87  
DG O6     O N N 88  
DG N1     N N N 89  
DG C2     C N N 90  
DG N2     N N N 91  
DG N3     N N N 92  
DG C4     C Y N 93  
DG HOP3   H N N 94  
DG HOP2   H N N 95  
DG "H5'"  H N N 96  
DG "H5''" H N N 97  
DG "H4'"  H N N 98  
DG "H3'"  H N N 99  
DG "HO3'" H N N 100 
DG "H2'"  H N N 101 
DG "H2''" H N N 102 
DG "H1'"  H N N 103 
DG H8     H N N 104 
DG H1     H N N 105 
DG H21    H N N 106 
DG H22    H N N 107 
DT OP3    O N N 108 
DT P      P N N 109 
DT OP1    O N N 110 
DT OP2    O N N 111 
DT "O5'"  O N N 112 
DT "C5'"  C N N 113 
DT "C4'"  C N R 114 
DT "O4'"  O N N 115 
DT "C3'"  C N S 116 
DT "O3'"  O N N 117 
DT "C2'"  C N N 118 
DT "C1'"  C N R 119 
DT N1     N N N 120 
DT C2     C N N 121 
DT O2     O N N 122 
DT N3     N N N 123 
DT C4     C N N 124 
DT O4     O N N 125 
DT C5     C N N 126 
DT C7     C N N 127 
DT C6     C N N 128 
DT HOP3   H N N 129 
DT HOP2   H N N 130 
DT "H5'"  H N N 131 
DT "H5''" H N N 132 
DT "H4'"  H N N 133 
DT "H3'"  H N N 134 
DT "HO3'" H N N 135 
DT "H2'"  H N N 136 
DT "H2''" H N N 137 
DT "H1'"  H N N 138 
DT H3     H N N 139 
DT H71    H N N 140 
DT H72    H N N 141 
DT H73    H N N 142 
DT H6     H N N 143 
# 
loop_
_chem_comp_bond.comp_id 
_chem_comp_bond.atom_id_1 
_chem_comp_bond.atom_id_2 
_chem_comp_bond.value_order 
_chem_comp_bond.pdbx_aromatic_flag 
_chem_comp_bond.pdbx_stereo_config 
_chem_comp_bond.pdbx_ordinal 
DA OP3   P      sing N N 1   
DA OP3   HOP3   sing N N 2   
DA P     OP1    doub N N 3   
DA P     OP2    sing N N 4   
DA P     "O5'"  sing N N 5   
DA OP2   HOP2   sing N N 6   
DA "O5'" "C5'"  sing N N 7   
DA "C5'" "C4'"  sing N N 8   
DA "C5'" "H5'"  sing N N 9   
DA "C5'" "H5''" sing N N 10  
DA "C4'" "O4'"  sing N N 11  
DA "C4'" "C3'"  sing N N 12  
DA "C4'" "H4'"  sing N N 13  
DA "O4'" "C1'"  sing N N 14  
DA "C3'" "O3'"  sing N N 15  
DA "C3'" "C2'"  sing N N 16  
DA "C3'" "H3'"  sing N N 17  
DA "O3'" "HO3'" sing N N 18  
DA "C2'" "C1'"  sing N N 19  
DA "C2'" "H2'"  sing N N 20  
DA "C2'" "H2''" sing N N 21  
DA "C1'" N9     sing N N 22  
DA "C1'" "H1'"  sing N N 23  
DA N9    C8     sing Y N 24  
DA N9    C4     sing Y N 25  
DA C8    N7     doub Y N 26  
DA C8    H8     sing N N 27  
DA N7    C5     sing Y N 28  
DA C5    C6     sing Y N 29  
DA C5    C4     doub Y N 30  
DA C6    N6     sing N N 31  
DA C6    N1     doub Y N 32  
DA N6    H61    sing N N 33  
DA N6    H62    sing N N 34  
DA N1    C2     sing Y N 35  
DA C2    N3     doub Y N 36  
DA C2    H2     sing N N 37  
DA N3    C4     sing Y N 38  
DC OP3   P      sing N N 39  
DC OP3   HOP3   sing N N 40  
DC P     OP1    doub N N 41  
DC P     OP2    sing N N 42  
DC P     "O5'"  sing N N 43  
DC OP2   HOP2   sing N N 44  
DC "O5'" "C5'"  sing N N 45  
DC "C5'" "C4'"  sing N N 46  
DC "C5'" "H5'"  sing N N 47  
DC "C5'" "H5''" sing N N 48  
DC "C4'" "O4'"  sing N N 49  
DC "C4'" "C3'"  sing N N 50  
DC "C4'" "H4'"  sing N N 51  
DC "O4'" "C1'"  sing N N 52  
DC "C3'" "O3'"  sing N N 53  
DC "C3'" "C2'"  sing N N 54  
DC "C3'" "H3'"  sing N N 55  
DC "O3'" "HO3'" sing N N 56  
DC "C2'" "C1'"  sing N N 57  
DC "C2'" "H2'"  sing N N 58  
DC "C2'" "H2''" sing N N 59  
DC "C1'" N1     sing N N 60  
DC "C1'" "H1'"  sing N N 61  
DC N1    C2     sing N N 62  
DC N1    C6     sing N N 63  
DC C2    O2     doub N N 64  
DC C2    N3     sing N N 65  
DC N3    C4     doub N N 66  
DC C4    N4     sing N N 67  
DC C4    C5     sing N N 68  
DC N4    H41    sing N N 69  
DC N4    H42    sing N N 70  
DC C5    C6     doub N N 71  
DC C5    H5     sing N N 72  
DC C6    H6     sing N N 73  
DG OP3   P      sing N N 74  
DG OP3   HOP3   sing N N 75  
DG P     OP1    doub N N 76  
DG P     OP2    sing N N 77  
DG P     "O5'"  sing N N 78  
DG OP2   HOP2   sing N N 79  
DG "O5'" "C5'"  sing N N 80  
DG "C5'" "C4'"  sing N N 81  
DG "C5'" "H5'"  sing N N 82  
DG "C5'" "H5''" sing N N 83  
DG "C4'" "O4'"  sing N N 84  
DG "C4'" "C3'"  sing N N 85  
DG "C4'" "H4'"  sing N N 86  
DG "O4'" "C1'"  sing N N 87  
DG "C3'" "O3'"  sing N N 88  
DG "C3'" "C2'"  sing N N 89  
DG "C3'" "H3'"  sing N N 90  
DG "O3'" "HO3'" sing N N 91  
DG "C2'" "C1'"  sing N N 92  
DG "C2'" "H2'"  sing N N 93  
DG "C2'" "H2''" sing N N 94  
DG "C1'" N9     sing N N 95  
DG "C1'" "H1'"  sing N N 96  
DG N9    C8     sing Y N 97  
DG N9    C4     sing Y N 98  
DG C8    N7     doub Y N 99  
DG C8    H8     sing N N 100 
DG N7    C5     sing Y N 101 
DG C5    C6     sing N N 102 
DG C5    C4     doub Y N 103 
DG C6    O6     doub N N 104 
DG C6    N1     sing N N 105 
DG N1    C2     sing N N 106 
DG N1    H1     sing N N 107 
DG C2    N2     sing N N 108 
DG C2    N3     doub N N 109 
DG N2    H21    sing N N 110 
DG N2    H22    sing N N 111 
DG N3    C4     sing N N 112 
DT OP3   P      sing N N 113 
DT OP3   HOP3   sing N N 114 
DT P     OP1    doub N N 115 
DT P     OP2    sing N N 116 
DT P     "O5'"  sing N N 117 
DT OP2   HOP2   sing N N 118 
DT "O5'" "C5'"  sing N N 119 
DT "C5'" "C4'"  sing N N 120 
DT "C5'" "H5'"  sing N N 121 
DT "C5'" "H5''" sing N N 122 
DT "C4'" "O4'"  sing N N 123 
DT "C4'" "C3'"  sing N N 124 
DT "C4'" "H4'"  sing N N 125 
DT "O4'" "C1'"  sing N N 126 
DT "C3'" "O3'"  sing N N 127 
DT "C3'" "C2'"  sing N N 128 
DT "C3'" "H3'"  sing N N 129 
DT "O3'" "HO3'" sing N N 130 
DT "C2'" "C1'"  sing N N 131 
DT "C2'" "H2'"  sing N N 132 
DT "C2'" "H2''" sing N N 133 
DT "C1'" N1     sing N N 134 
DT "C1'" "H1'"  sing N N 135 
DT N1    C2     sing N N 136 
DT N1    C6     sing N N 137 
DT C2    O2     doub N N 138 
DT C2    N3     sing N N 139 
DT N3    C4     sing N N 140 
DT N3    H3     sing N N 141 
DT C4    O4     doub N N 142 
DT C4    C5     sing N N 143 
DT C5    C7     sing N N 144 
DT C5    C6     doub N N 145 
DT C7    H71    sing N N 146 
DT C7    H72    sing N N 147 
DT C7    H73    sing N N 148 
DT C6    H6     sing N N 149 
# 
loop_
_ndb_struct_conf_na.entry_id 
_ndb_struct_conf_na.feature 
9NC4 'double helix'        
9NC4 'b-form double helix' 
# 
loop_
_ndb_struct_na_base_pair.model_number 
_ndb_struct_na_base_pair.i_label_asym_id 
_ndb_struct_na_base_pair.i_label_comp_id 
_ndb_struct_na_base_pair.i_label_seq_id 
_ndb_struct_na_base_pair.i_symmetry 
_ndb_struct_na_base_pair.j_label_asym_id 
_ndb_struct_na_base_pair.j_label_comp_id 
_ndb_struct_na_base_pair.j_label_seq_id 
_ndb_struct_na_base_pair.j_symmetry 
_ndb_struct_na_base_pair.shear 
_ndb_struct_na_base_pair.stretch 
_ndb_struct_na_base_pair.stagger 
_ndb_struct_na_base_pair.buckle 
_ndb_struct_na_base_pair.propeller 
_ndb_struct_na_base_pair.opening 
_ndb_struct_na_base_pair.pair_number 
_ndb_struct_na_base_pair.pair_name 
_ndb_struct_na_base_pair.i_auth_asym_id 
_ndb_struct_na_base_pair.i_auth_seq_id 
_ndb_struct_na_base_pair.i_PDB_ins_code 
_ndb_struct_na_base_pair.j_auth_asym_id 
_ndb_struct_na_base_pair.j_auth_seq_id 
_ndb_struct_na_base_pair.j_PDB_ins_code 
_ndb_struct_na_base_pair.hbond_type_28 
_ndb_struct_na_base_pair.hbond_type_12 
1 A DA 1  1_555 B DT 8  1_555 0.035  -0.078 -0.009 -0.718  -3.318  -3.928 1  A_DA112:DT122_B A 112 ? B 122 ? 20 1 
1 A DC 2  1_555 B DG 7  1_555 0.160  -0.109 0.472  -1.022  -7.937  0.579  2  A_DC113:DG121_B A 113 ? B 121 ? 19 1 
1 A DG 3  1_555 B DC 6  1_555 -0.252 -0.033 0.009  -8.248  -13.948 0.536  3  A_DG114:DC120_B A 114 ? B 120 ? 19 1 
1 A DG 4  1_555 B DC 5  1_555 -0.141 -0.216 -1.039 -13.250 -6.905  -0.419 4  A_DG115:DC119_B A 115 ? B 119 ? 19 1 
1 A DA 5  1_555 C DT 11 1_555 0.117  -0.059 0.199  -2.740  -6.117  -3.696 5  A_DA116:DT108_D A 116 ? D 108 ? 20 1 
1 A DC 6  1_555 C DG 10 1_555 0.227  -0.104 0.199  -0.543  -5.803  0.218  6  A_DC117:DG107_D A 117 ? D 107 ? 19 1 
1 A DA 7  1_555 C DT 9  1_555 0.137  0.009  -0.019 -0.912  -11.195 -0.817 7  A_DA118:DT106_D A 118 ? D 106 ? 20 1 
1 A DG 8  1_555 C DC 8  1_555 -0.245 -0.137 -0.371 -3.559  -11.195 2.832  8  A_DG119:DC105_D A 119 ? D 105 ? 19 1 
1 A DA 9  1_555 C DT 7  1_555 0.285  -0.168 -1.353 -10.516 -8.914  -0.091 9  A_DA120:DT104_D A 120 ? D 104 ? 20 1 
1 A DG 10 1_555 C DC 6  1_555 -0.141 -0.327 -1.074 -13.184 -1.276  -0.996 10 A_DG121:DC103_D A 121 ? D 103 ? 19 1 
1 A DT 11 1_555 C DA 5  1_555 -0.170 -0.348 -0.864 -1.985  2.247   0.217  11 A_DT122:DA102_D A 122 ? D 102 ? 20 1 
1 A DC 12 1_555 C DG 4  1_555 0.146  -0.172 -0.562 -1.372  1.271   0.405  12 A_DC123:DG101_D A 123 ? D 101 ? 19 1 
1 A DA 13 1_555 C DT 3  1_555 0.016  -0.071 -0.087 -3.555  -1.939  -3.100 13 A_DA124:DT100_D A 124 ? D 100 ? 20 1 
1 B DC 1  1_555 D DG 8  1_555 0.081  -0.120 -0.360 -4.421  -3.177  -1.988 14 B_DC115:DG111_E B 115 ? E 111 ? 19 1 
1 B DA 2  1_555 D DT 7  1_555 -0.003 -0.267 -1.155 -10.413 1.492   -7.004 15 B_DA116:DT110_E B 116 ? E 110 ? 20 1 
1 B DC 3  1_555 D DG 6  1_555 0.264  -0.163 -0.551 -4.118  0.998   -1.248 16 B_DC117:DG109_E B 117 ? E 109 ? 19 1 
1 B DA 4  1_555 D DT 5  1_555 0.235  0.028  0.482  -5.806  -2.552  -5.493 17 B_DA118:DT108_E B 118 ? E 108 ? 20 1 
1 C DG 12 1_555 D DC 4  1_555 -0.119 -0.152 0.422  -1.781  2.402   -1.815 18 D_DG109:DC107_E D 109 ? E 107 ? 19 1 
1 C DC 13 1_555 D DG 3  1_555 0.177  -0.273 0.731  1.185   1.498   -0.694 19 D_DC110:DG106_E D 110 ? E 106 ? 19 1 
# 
loop_
_ndb_struct_na_base_pair_step.model_number 
_ndb_struct_na_base_pair_step.i_label_asym_id_1 
_ndb_struct_na_base_pair_step.i_label_comp_id_1 
_ndb_struct_na_base_pair_step.i_label_seq_id_1 
_ndb_struct_na_base_pair_step.i_symmetry_1 
_ndb_struct_na_base_pair_step.j_label_asym_id_1 
_ndb_struct_na_base_pair_step.j_label_comp_id_1 
_ndb_struct_na_base_pair_step.j_label_seq_id_1 
_ndb_struct_na_base_pair_step.j_symmetry_1 
_ndb_struct_na_base_pair_step.i_label_asym_id_2 
_ndb_struct_na_base_pair_step.i_label_comp_id_2 
_ndb_struct_na_base_pair_step.i_label_seq_id_2 
_ndb_struct_na_base_pair_step.i_symmetry_2 
_ndb_struct_na_base_pair_step.j_label_asym_id_2 
_ndb_struct_na_base_pair_step.j_label_comp_id_2 
_ndb_struct_na_base_pair_step.j_label_seq_id_2 
_ndb_struct_na_base_pair_step.j_symmetry_2 
_ndb_struct_na_base_pair_step.shift 
_ndb_struct_na_base_pair_step.slide 
_ndb_struct_na_base_pair_step.rise 
_ndb_struct_na_base_pair_step.tilt 
_ndb_struct_na_base_pair_step.roll 
_ndb_struct_na_base_pair_step.twist 
_ndb_struct_na_base_pair_step.x_displacement 
_ndb_struct_na_base_pair_step.y_displacement 
_ndb_struct_na_base_pair_step.helical_rise 
_ndb_struct_na_base_pair_step.inclination 
_ndb_struct_na_base_pair_step.tip 
_ndb_struct_na_base_pair_step.helical_twist 
_ndb_struct_na_base_pair_step.step_number 
_ndb_struct_na_base_pair_step.step_name 
_ndb_struct_na_base_pair_step.i_auth_asym_id_1 
_ndb_struct_na_base_pair_step.i_auth_seq_id_1 
_ndb_struct_na_base_pair_step.i_PDB_ins_code_1 
_ndb_struct_na_base_pair_step.j_auth_asym_id_1 
_ndb_struct_na_base_pair_step.j_auth_seq_id_1 
_ndb_struct_na_base_pair_step.j_PDB_ins_code_1 
_ndb_struct_na_base_pair_step.i_auth_asym_id_2 
_ndb_struct_na_base_pair_step.i_auth_seq_id_2 
_ndb_struct_na_base_pair_step.i_PDB_ins_code_2 
_ndb_struct_na_base_pair_step.j_auth_asym_id_2 
_ndb_struct_na_base_pair_step.j_auth_seq_id_2 
_ndb_struct_na_base_pair_step.j_PDB_ins_code_2 
1 A DA 1  1_555 B DT 8  1_555 A DC 2  1_555 B DG 7  1_555 0.587  -1.215 3.270 -0.744 0.554  35.125 -2.095 -1.082 3.238 0.917  
1.233  35.137 1  AA_DA112DC113:DG121DT122_BB A 112 ? B 122 ? A 113 ? B 121 ? 
1 A DC 2  1_555 B DG 7  1_555 A DG 3  1_555 B DC 6  1_555 -0.349 2.651  3.591 1.372  -3.109 37.709 4.511  0.726  3.355 -4.798 
-2.117 37.856 2  AA_DC113DG114:DC120DG121_BB A 113 ? B 121 ? A 114 ? B 120 ? 
1 A DG 3  1_555 B DC 6  1_555 A DG 4  1_555 B DC 5  1_555 -0.646 1.259  3.749 -4.724 0.530  39.157 1.794  0.310  3.814 0.787  
7.018  39.434 3  AA_DG114DG115:DC119DC120_BB A 114 ? B 120 ? A 115 ? B 119 ? 
1 A DG 4  1_555 B DC 5  1_555 A DA 5  1_555 C DT 11 1_555 -1.866 -0.115 3.027 -9.971 2.101  30.557 -0.589 1.558  3.435 3.854  
18.292 32.173 4  AA_DG115DA116:DT108DC119_DB A 115 ? B 119 ? A 116 ? D 108 ? 
1 A DA 5  1_555 C DT 11 1_555 A DC 6  1_555 C DG 10 1_555 0.360  -0.002 3.338 -2.869 1.535  34.565 -0.242 -1.050 3.295 2.576  
4.815  34.713 5  AA_DA116DC117:DG107DT108_DD A 116 ? D 108 ? A 117 ? D 107 ? 
1 A DC 6  1_555 C DG 10 1_555 A DA 7  1_555 C DT 9  1_555 -0.460 0.092  3.119 -0.454 4.180  35.487 -0.427 0.687  3.115 6.828  
0.741  35.728 6  AA_DC117DA118:DT106DG107_DD A 117 ? D 107 ? A 118 ? D 106 ? 
1 A DA 7  1_555 C DT 9  1_555 A DG 8  1_555 C DC 8  1_555 -0.127 0.441  3.198 1.528  -1.441 37.297 0.873  0.395  3.172 -2.251 
-2.386 37.354 7  AA_DA118DG119:DC105DT106_DD A 118 ? D 106 ? A 119 ? D 105 ? 
1 A DG 8  1_555 C DC 8  1_555 A DA 9  1_555 C DT 7  1_555 -0.864 -0.105 3.561 -1.015 2.412  38.911 -0.475 1.161  3.569 3.616  
1.522  38.995 8  AA_DG119DA120:DT104DC105_DD A 119 ? D 105 ? A 120 ? D 104 ? 
1 A DA 9  1_555 C DT 7  1_555 A DG 10 1_555 C DC 6  1_555 0.188  -0.273 3.396 -1.835 4.428  30.875 -1.373 -0.709 3.309 8.254  
3.421  31.236 9  AA_DA120DG121:DC103DT104_DD A 120 ? D 104 ? A 121 ? D 103 ? 
1 A DG 10 1_555 C DC 6  1_555 A DT 11 1_555 C DA 5  1_555 0.420  0.850  2.900 -2.777 -0.092 27.698 1.786  -1.459 2.842 -0.191 
5.783  27.834 10 AA_DG121DT122:DA102DC103_DD A 121 ? D 103 ? A 122 ? D 102 ? 
1 A DT 11 1_555 C DA 5  1_555 A DC 12 1_555 C DG 4  1_555 0.619  0.540  3.305 -1.634 5.266  29.430 -0.066 -1.544 3.311 10.252 
3.181  29.931 11 AA_DT122DC123:DG101DA102_DD A 122 ? D 102 ? A 123 ? D 101 ? 
1 A DC 12 1_555 C DG 4  1_555 A DA 13 1_555 C DT 3  1_555 -0.242 1.013  3.453 -1.989 5.796  34.118 0.735  0.075  3.580 9.780  
3.356  34.648 12 AA_DC123DA124:DT100DG101_DD A 123 ? D 101 ? A 124 ? D 100 ? 
1 B DC 1  1_555 D DG 8  1_555 B DA 2  1_555 D DT 7  1_555 -1.072 0.876  3.809 -5.530 3.439  37.478 0.820  0.801  3.984 5.303  
8.527  38.019 13 BB_DC115DA116:DT110DG111_EE B 115 ? E 111 ? B 116 ? E 110 ? 
1 B DA 2  1_555 D DT 7  1_555 B DC 3  1_555 D DG 6  1_555 -0.313 -1.374 3.293 -7.014 4.869  24.515 -4.381 -1.204 2.944 11.047 
15.913 25.938 14 BB_DA116DC117:DG109DT110_EE B 116 ? E 110 ? B 117 ? E 109 ? 
1 B DC 3  1_555 D DG 6  1_555 B DA 4  1_555 D DT 5  1_555 0.272  -1.240 3.309 -0.633 9.885  31.255 -3.828 -0.586 2.792 17.796 
1.140  32.750 15 BB_DC117DA118:DT108DG109_EE B 117 ? E 109 ? B 118 ? E 108 ? 
1 B DA 4  1_555 D DT 5  1_555 C DG 12 1_555 D DC 4  1_555 0.635  -0.513 3.184 0.988  2.008  26.205 -1.651 -1.138 3.158 4.418  
-2.173 26.299 16 BD_DA118DG109:DC107DT108_EE B 118 ? E 108 ? D 109 ? E 107 ? 
1 C DG 12 1_555 D DC 4  1_555 C DC 13 1_555 D DG 3  1_555 -0.264 -0.765 3.353 -0.765 1.592  39.585 -1.319 0.299  3.325 2.350  
1.129  39.623 17 DD_DG109DC110:DG106DC107_EE D 109 ? E 107 ? D 110 ? E 106 ? 
# 
loop_
_pdbx_audit_support.funding_organization 
_pdbx_audit_support.country 
_pdbx_audit_support.grant_number 
_pdbx_audit_support.ordinal 
'Office of Naval Research (ONR)'                   'United States' N000141912596 1 
'Department of Energy (DOE, United States)'        'United States' DE-SC0007991  2 
'National Science Foundation (NSF, United States)' 'United States' CCF-2106790   3 
'National Science Foundation (NSF, United States)' 'United States' GCR-2317843   4 
# 
_pdbx_initial_refinement_model.id               1 
_pdbx_initial_refinement_model.entity_id_list   ? 
_pdbx_initial_refinement_model.type             'experimental model' 
_pdbx_initial_refinement_model.source_name      PDB 
_pdbx_initial_refinement_model.accession_code   8D93 
_pdbx_initial_refinement_model.details          'tensegrity triangle' 
# 
_space_group.name_H-M_alt     'R 3 :H' 
_space_group.name_Hall        'R 3' 
_space_group.IT_number        146 
_space_group.crystal_system   trigonal 
_space_group.id               1 
# 
_atom_sites.entry_id                    9NC4 
_atom_sites.Cartn_transf_matrix[1][1]   ? 
_atom_sites.Cartn_transf_matrix[1][2]   ? 
_atom_sites.Cartn_transf_matrix[1][3]   ? 
_atom_sites.Cartn_transf_matrix[2][1]   ? 
_atom_sites.Cartn_transf_matrix[2][2]   ? 
_atom_sites.Cartn_transf_matrix[2][3]   ? 
_atom_sites.Cartn_transf_matrix[3][1]   ? 
_atom_sites.Cartn_transf_matrix[3][2]   ? 
_atom_sites.Cartn_transf_matrix[3][3]   ? 
_atom_sites.Cartn_transf_vector[1]      ? 
_atom_sites.Cartn_transf_vector[2]      ? 
_atom_sites.Cartn_transf_vector[3]      ? 
_atom_sites.Cartn_transform_axes        ? 
_atom_sites.fract_transf_matrix[1][1]   0.00459360 
_atom_sites.fract_transf_matrix[1][2]   0.00923146 
_atom_sites.fract_transf_matrix[1][3]   -0.00041773 
_atom_sites.fract_transf_matrix[2][1]   -0.00385990 
_atom_sites.fract_transf_matrix[2][2]   0.00741533 
_atom_sites.fract_transf_matrix[2][3]   -0.00605116 
_atom_sites.fract_transf_matrix[3][1]   -0.00787134 
_atom_sites.fract_transf_matrix[3][2]   0.00438728 
_atom_sites.fract_transf_matrix[3][3]   0.01039730 
_atom_sites.fract_transf_vector[1]      0.202041 
_atom_sites.fract_transf_vector[2]      -0.018457 
_atom_sites.fract_transf_vector[3]      0.035026 
_atom_sites.solution_primary            ? 
_atom_sites.solution_secondary          ? 
_atom_sites.solution_hydrogens          ? 
_atom_sites.special_details             ? 
# 
loop_
_atom_type.symbol 
_atom_type.scat_dispersion_real 
_atom_type.scat_dispersion_imag 
_atom_type.scat_Cromer_Mann_a1 
_atom_type.scat_Cromer_Mann_a2 
_atom_type.scat_Cromer_Mann_a3 
_atom_type.scat_Cromer_Mann_a4 
_atom_type.scat_Cromer_Mann_b1 
_atom_type.scat_Cromer_Mann_b2 
_atom_type.scat_Cromer_Mann_b3 
_atom_type.scat_Cromer_Mann_b4 
_atom_type.scat_Cromer_Mann_c 
_atom_type.scat_source 
_atom_type.scat_dispersion_source 
C ? ? 5.96793  ? ? ? 14.89577 ? ? ? 0.0 
;1-Gaussian fit: Grosse-Kunstleve RW, Sauter NK, Adams PD: Newsletter of the IUCr Commission on Crystallographic Computing 2004, 3, 22-31.
;
? 
N ? ? 6.96715  ? ? ? 11.43723 ? ? ? 0.0 
;1-Gaussian fit: Grosse-Kunstleve RW, Sauter NK, Adams PD: Newsletter of the IUCr Commission on Crystallographic Computing 2004, 3, 22-31.
;
? 
O ? ? 7.96527  ? ? ? 9.05267  ? ? ? 0.0 
;1-Gaussian fit: Grosse-Kunstleve RW, Sauter NK, Adams PD: Newsletter of the IUCr Commission on Crystallographic Computing 2004, 3, 22-31.
;
? 
P ? ? 14.90797 ? ? ? 11.91318 ? ? ? 0.0 
;1-Gaussian fit: Grosse-Kunstleve RW, Sauter NK, Adams PD: Newsletter of the IUCr Commission on Crystallographic Computing 2004, 3, 22-31.
;
? 
# 
loop_
_atom_site.group_PDB 
_atom_site.id 
_atom_site.type_symbol 
_atom_site.label_atom_id 
_atom_site.label_alt_id 
_atom_site.label_comp_id 
_atom_site.label_asym_id 
_atom_site.label_entity_id 
_atom_site.label_seq_id 
_atom_site.pdbx_PDB_ins_code 
_atom_site.Cartn_x 
_atom_site.Cartn_y 
_atom_site.Cartn_z 
_atom_site.occupancy 
_atom_site.B_iso_or_equiv 
_atom_site.pdbx_formal_charge 
_atom_site.auth_seq_id 
_atom_site.auth_comp_id 
_atom_site.auth_asym_id 
_atom_site.auth_atom_id 
_atom_site.pdbx_PDB_model_num 
ATOM 1   P P     . DA A 1 1  ? -13.43169 -16.89115 -6.19179  1.000 193.57561 ? 112 DA A P     1 
ATOM 2   O OP1   . DA A 1 1  ? -12.99502 -15.77240 -7.06768  1.000 196.02218 ? 112 DA A OP1   1 
ATOM 3   O OP2   . DA A 1 1  ? -12.44871 -17.81787 -5.56870  1.000 190.99328 ? 112 DA A OP2   1 
ATOM 4   O "O5'" . DA A 1 1  ? -14.37766 -16.30713 -5.03639  1.000 204.64327 ? 112 DA A "O5'" 1 
ATOM 5   C "C5'" . DA A 1 1  ? -13.95585 -15.18001 -4.26318  1.000 207.50864 ? 112 DA A "C5'" 1 
ATOM 6   C "C4'" . DA A 1 1  ? -13.53079 -15.60745 -2.86272  1.000 216.97563 ? 112 DA A "C4'" 1 
ATOM 7   O "O4'" . DA A 1 1  ? -12.43453 -16.55038 -2.95918  1.000 212.90241 ? 112 DA A "O4'" 1 
ATOM 8   C "C3'" . DA A 1 1  ? -13.04435 -14.46991 -1.95570  1.000 214.97524 ? 112 DA A "C3'" 1 
ATOM 9   O "O3'" . DA A 1 1  ? -13.92200 -14.30451 -0.79680  1.000 215.28915 ? 112 DA A "O3'" 1 
ATOM 10  C "C2'" . DA A 1 1  ? -11.59591 -14.84347 -1.58938  1.000 214.37143 ? 112 DA A "C2'" 1 
ATOM 11  C "C1'" . DA A 1 1  ? -11.52379 -16.33543 -1.90816  1.000 211.98527 ? 112 DA A "C1'" 1 
ATOM 12  N N9    . DA A 1 1  ? -10.20864 -16.76469 -2.36309  1.000 211.51083 ? 112 DA A N9    1 
ATOM 13  C C8    . DA A 1 1  ? -9.73984  -16.73581 -3.64497  1.000 207.82696 ? 112 DA A C8    1 
ATOM 14  N N7    . DA A 1 1  ? -8.51257  -17.16818 -3.77725  1.000 211.57352 ? 112 DA A N7    1 
ATOM 15  C C5    . DA A 1 1  ? -8.14129  -17.51048 -2.48539  1.000 219.11307 ? 112 DA A C5    1 
ATOM 16  C C6    . DA A 1 1  ? -6.94861  -18.03586 -1.95603  1.000 213.26949 ? 112 DA A C6    1 
ATOM 17  N N6    . DA A 1 1  ? -5.87702  -18.31436 -2.70787  1.000 206.55823 ? 112 DA A N6    1 
ATOM 18  N N1    . DA A 1 1  ? -6.89717  -18.26522 -0.62145  1.000 210.97297 ? 112 DA A N1    1 
ATOM 19  C C2    . DA A 1 1  ? -7.97944  -17.98200 0.12510   1.000 210.09426 ? 112 DA A C2    1 
ATOM 20  N N3    . DA A 1 1  ? -9.16030  -17.48313 -0.26407  1.000 207.79140 ? 112 DA A N3    1 
ATOM 21  C C4    . DA A 1 1  ? -9.17112  -17.26898 -1.59757  1.000 215.98891 ? 112 DA A C4    1 
ATOM 22  P P     . DC A 1 2  ? -13.88682 -15.29799 0.48003   1.000 224.84267 ? 113 DC A P     1 
ATOM 23  O OP1   . DC A 1 2  ? -13.93560 -16.71192 0.05668   1.000 222.66868 ? 113 DC A OP1   1 
ATOM 24  O OP2   . DC A 1 2  ? -14.92678 -14.80023 1.40653   1.000 225.42116 ? 113 DC A OP2   1 
ATOM 25  O "O5'" . DC A 1 2  ? -12.48149 -14.99873 1.16854   1.000 213.49728 ? 113 DC A "O5'" 1 
ATOM 26  C "C5'" . DC A 1 2  ? -11.80639 -15.98864 1.92524   1.000 201.93355 ? 113 DC A "C5'" 1 
ATOM 27  C "C4'" . DC A 1 2  ? -10.70777 -15.32114 2.72393   1.000 208.03713 ? 113 DC A "C4'" 1 
ATOM 28  O "O4'" . DC A 1 2  ? -9.41916  -15.54429 2.08315   1.000 206.94487 ? 113 DC A "O4'" 1 
ATOM 29  C "C3'" . DC A 1 2  ? -10.86489 -13.79915 2.83101   1.000 219.48176 ? 113 DC A "C3'" 1 
ATOM 30  O "O3'" . DC A 1 2  ? -10.48194 -13.35416 4.12222   1.000 228.57809 ? 113 DC A "O3'" 1 
ATOM 31  C "C2'" . DC A 1 2  ? -9.90136  -13.28812 1.76267   1.000 218.91637 ? 113 DC A "C2'" 1 
ATOM 32  C "C1'" . DC A 1 2  ? -8.77473  -14.29991 1.89419   1.000 215.91261 ? 113 DC A "C1'" 1 
ATOM 33  N N1    . DC A 1 2  ? -7.89334  -14.38899 0.68505   1.000 210.94924 ? 113 DC A N1    1 
ATOM 34  C C2    . DC A 1 2  ? -6.59149  -14.90028 0.81190   1.000 205.21671 ? 113 DC A C2    1 
ATOM 35  O O2    . DC A 1 2  ? -6.19664  -15.26861 1.92620   1.000 205.39367 ? 113 DC A O2    1 
ATOM 36  N N3    . DC A 1 2  ? -5.80770  -14.97774 -0.29169  1.000 201.95738 ? 113 DC A N3    1 
ATOM 37  C C4    . DC A 1 2  ? -6.27638  -14.56942 -1.47365  1.000 206.73180 ? 113 DC A C4    1 
ATOM 38  N N4    . DC A 1 2  ? -5.46444  -14.66565 -2.53268  1.000 212.68596 ? 113 DC A N4    1 
ATOM 39  C C5    . DC A 1 2  ? -7.59656  -14.04232 -1.62525  1.000 207.16823 ? 113 DC A C5    1 
ATOM 40  C C6    . DC A 1 2  ? -8.35955  -13.97035 -0.52982  1.000 208.28801 ? 113 DC A C6    1 
ATOM 41  P P     . DG A 1 3  ? -11.46861 -13.53182 5.37849   1.000 224.39972 ? 114 DG A P     1 
ATOM 42  O OP1   . DG A 1 3  ? -12.67977 -14.25486 4.92914   1.000 214.79266 ? 114 DG A OP1   1 
ATOM 43  O OP2   . DG A 1 3  ? -11.59956 -12.20251 6.01823   1.000 219.14154 ? 114 DG A OP2   1 
ATOM 44  O "O5'" . DG A 1 3  ? -10.64208 -14.47902 6.37450   1.000 213.56675 ? 114 DG A "O5'" 1 
ATOM 45  C "C5'" . DG A 1 3  ? -10.25572 -13.99508 7.65697   1.000 214.59868 ? 114 DG A "C5'" 1 
ATOM 46  C "C4'" . DG A 1 3  ? -8.76648  -13.67557 7.70766   1.000 213.57865 ? 114 DG A "C4'" 1 
ATOM 47  O "O4'" . DG A 1 3  ? -8.22104  -13.54463 6.36341   1.000 209.83740 ? 114 DG A "O4'" 1 
ATOM 48  C "C3'" . DG A 1 3  ? -8.40234  -12.37255 8.42899   1.000 220.51818 ? 114 DG A "C3'" 1 
ATOM 49  O "O3'" . DG A 1 3  ? -7.23478  -12.58197 9.21542   1.000 228.98103 ? 114 DG A "O3'" 1 
ATOM 50  C "C2'" . DG A 1 3  ? -8.12164  -11.41603 7.26910   1.000 212.54096 ? 114 DG A "C2'" 1 
ATOM 51  C "C1'" . DG A 1 3  ? -7.43922  -12.36624 6.30632   1.000 208.74966 ? 114 DG A "C1'" 1 
ATOM 52  N N9    . DG A 1 3  ? -7.37978  -11.90221 4.91934   1.000 205.32609 ? 114 DG A N9    1 
ATOM 53  C C8    . DG A 1 3  ? -8.35210  -11.22277 4.22196   1.000 206.07906 ? 114 DG A C8    1 
ATOM 54  N N7    . DG A 1 3  ? -8.01979  -10.96071 2.98501   1.000 202.27823 ? 114 DG A N7    1 
ATOM 55  C C5    . DG A 1 3  ? -6.74796  -11.50583 2.85000   1.000 202.13729 ? 114 DG A C5    1 
ATOM 56  C C6    . DG A 1 3  ? -5.87410  -11.53439 1.72764   1.000 201.84667 ? 114 DG A C6    1 
ATOM 57  O O6    . DG A 1 3  ? -6.05749  -11.07057 0.59118   1.000 197.65930 ? 114 DG A O6    1 
ATOM 58  N N1    . DG A 1 3  ? -4.67974  -12.18645 2.02215   1.000 207.67780 ? 114 DG A N1    1 
ATOM 59  C C2    . DG A 1 3  ? -4.36313  -12.73927 3.24192   1.000 204.31811 ? 114 DG A C2    1 
ATOM 60  N N2    . DG A 1 3  ? -3.15963  -13.32696 3.33652   1.000 204.20514 ? 114 DG A N2    1 
ATOM 61  N N3    . DG A 1 3  ? -5.16977  -12.71868 4.30031   1.000 198.97040 ? 114 DG A N3    1 
ATOM 62  C C4    . DG A 1 3  ? -6.34038  -12.08860 4.02969   1.000 202.18089 ? 114 DG A C4    1 
ATOM 63  P P     . DG A 1 4  ? -7.16540  -12.05561 10.73195  1.000 237.37788 ? 115 DG A P     1 
ATOM 64  O OP1   . DG A 1 4  ? -8.19030  -12.79240 11.51112  1.000 228.30638 ? 115 DG A OP1   1 
ATOM 65  O OP2   . DG A 1 4  ? -7.16733  -10.57449 10.66395  1.000 229.42196 ? 115 DG A OP2   1 
ATOM 66  O "O5'" . DG A 1 4  ? -5.72091  -12.52741 11.24515  1.000 218.84956 ? 115 DG A "O5'" 1 
ATOM 67  C "C5'" . DG A 1 4  ? -4.69837  -11.56653 11.49986  1.000 213.61305 ? 115 DG A "C5'" 1 
ATOM 68  C "C4'" . DG A 1 4  ? -3.47186  -11.85567 10.65333  1.000 211.49227 ? 115 DG A "C4'" 1 
ATOM 69  O "O4'" . DG A 1 4  ? -3.88744  -12.12502 9.29768   1.000 213.42481 ? 115 DG A "O4'" 1 
ATOM 70  C "C3'" . DG A 1 4  ? -2.46482  -10.71693 10.57358  1.000 209.36199 ? 115 DG A "C3'" 1 
ATOM 71  O "O3'" . DG A 1 4  ? -1.40807  -10.89704 11.56078  1.000 218.86260 ? 115 DG A "O3'" 1 
ATOM 72  C "C2'" . DG A 1 4  ? -1.93540  -10.76920 9.14019   1.000 204.84726 ? 115 DG A "C2'" 1 
ATOM 73  C "C1'" . DG A 1 4  ? -2.96795  -11.58310 8.37035   1.000 209.47209 ? 115 DG A "C1'" 1 
ATOM 74  N N9    . DG A 1 4  ? -3.72674  -10.83170 7.36727   1.000 204.32807 ? 115 DG A N9    1 
ATOM 75  C C8    . DG A 1 4  ? -5.00458  -10.35470 7.50082   1.000 207.21674 ? 115 DG A C8    1 
ATOM 76  N N7    . DG A 1 4  ? -5.45459  -9.74964  6.43744   1.000 204.80703 ? 115 DG A N7    1 
ATOM 77  C C5    . DG A 1 4  ? -4.40649  -9.83513  5.53082   1.000 201.94279 ? 115 DG A C5    1 
ATOM 78  C C6    . DG A 1 4  ? -4.32032  -9.34901  4.20222   1.000 200.04500 ? 115 DG A C6    1 
ATOM 79  O O6    . DG A 1 4  ? -5.17608  -8.73559  3.55422   1.000 199.49549 ? 115 DG A O6    1 
ATOM 80  N N1    . DG A 1 4  ? -3.08342  -9.64259  3.62743   1.000 198.93913 ? 115 DG A N1    1 
ATOM 81  C C2    . DG A 1 4  ? -2.06036  -10.31791 4.25693   1.000 201.51221 ? 115 DG A C2    1 
ATOM 82  N N2    . DG A 1 4  ? -0.93728  -10.50584 3.54056   1.000 204.01211 ? 115 DG A N2    1 
ATOM 83  N N3    . DG A 1 4  ? -2.13375  -10.78052 5.50737   1.000 203.07927 ? 115 DG A N3    1 
ATOM 84  C C4    . DG A 1 4  ? -3.33392  -10.50249 6.08007   1.000 201.91790 ? 115 DG A C4    1 
ATOM 85  P P     . DA A 1 5  ? -0.28592  -12.05604 11.42953  1.000 232.93616 ? 116 DA A P     1 
ATOM 86  O OP1   . DA A 1 5  ? -0.86439  -13.31224 10.90916  1.000 222.71701 ? 116 DA A OP1   1 
ATOM 87  O OP2   . DA A 1 5  ? 0.40209   -12.10742 12.73607  1.000 223.81059 ? 116 DA A OP2   1 
ATOM 88  O "O5'" . DA A 1 5  ? 0.77008   -11.48292 10.36571  1.000 221.60299 ? 116 DA A "O5'" 1 
ATOM 89  C "C5'" . DA A 1 5  ? 1.61935   -12.39182 9.65325   1.000 213.27685 ? 116 DA A "C5'" 1 
ATOM 90  C "C4'" . DA A 1 5  ? 2.68740   -11.66296 8.84317   1.000 204.07940 ? 116 DA A "C4'" 1 
ATOM 91  O "O4'" . DA A 1 5  ? 2.08480   -10.96394 7.72115   1.000 202.18835 ? 116 DA A "O4'" 1 
ATOM 92  C "C3'" . DA A 1 5  ? 3.49335   -10.61441 9.59825   1.000 201.21314 ? 116 DA A "C3'" 1 
ATOM 93  O "O3'" . DA A 1 5  ? 4.82519   -10.60882 9.10584   1.000 197.77944 ? 116 DA A "O3'" 1 
ATOM 94  C "C2'" . DA A 1 5  ? 2.76432   -9.31986  9.24816   1.000 197.59803 ? 116 DA A "C2'" 1 
ATOM 95  C "C1'" . DA A 1 5  ? 2.37003   -9.57671  7.80073   1.000 199.61158 ? 116 DA A "C1'" 1 
ATOM 96  N N9    . DA A 1 5  ? 1.17086   -8.85709  7.38987   1.000 201.43285 ? 116 DA A N9    1 
ATOM 97  C C8    . DA A 1 5  ? 0.03009   -8.70446  8.11291   1.000 196.96993 ? 116 DA A C8    1 
ATOM 98  N N7    . DA A 1 5  ? -0.91550  -8.03937  7.49936   1.000 199.53409 ? 116 DA A N7    1 
ATOM 99  C C5    . DA A 1 5  ? -0.34582  -7.71199  6.27631   1.000 205.68349 ? 116 DA A C5    1 
ATOM 100 C C6    . DA A 1 5  ? -0.83490  -6.99345  5.16786   1.000 204.38635 ? 116 DA A C6    1 
ATOM 101 N N6    . DA A 1 5  ? -2.06038  -6.45934  5.12246   1.000 211.37450 ? 116 DA A N6    1 
ATOM 102 N N1    . DA A 1 5  ? -0.00954  -6.84318  4.10001   1.000 201.78873 ? 116 DA A N1    1 
ATOM 103 C C2    . DA A 1 5  ? 1.21901   -7.38292  4.15293   1.000 201.92330 ? 116 DA A C2    1 
ATOM 104 N N3    . DA A 1 5  ? 1.78730   -8.08001  5.14348   1.000 210.72520 ? 116 DA A N3    1 
ATOM 105 C C4    . DA A 1 5  ? 0.94125   -8.21009  6.18755   1.000 206.40305 ? 116 DA A C4    1 
ATOM 106 P P     . DC A 1 6  ? 5.98327   -9.80654  9.87972   1.000 199.78295 ? 117 DC A P     1 
ATOM 107 O OP1   . DC A 1 6  ? 7.08384   -10.75713 10.13952  1.000 205.80938 ? 117 DC A OP1   1 
ATOM 108 O OP2   . DC A 1 6  ? 5.36906   -9.05275  10.99310  1.000 209.07106 ? 117 DC A OP2   1 
ATOM 109 O "O5'" . DC A 1 6  ? 6.49914   -8.74797  8.80661   1.000 193.55759 ? 117 DC A "O5'" 1 
ATOM 110 C "C5'" . DC A 1 6  ? 6.74254   -9.16043  7.47790   1.000 197.27424 ? 117 DC A "C5'" 1 
ATOM 111 C "C4'" . DC A 1 6  ? 6.70695   -7.97073  6.54954   1.000 202.91795 ? 117 DC A "C4'" 1 
ATOM 112 O "O4'" . DC A 1 6  ? 5.32955   -7.55685  6.33877   1.000 208.11920 ? 117 DC A "O4'" 1 
ATOM 113 C "C3'" . DC A 1 6  ? 7.44332   -6.73992  7.07460   1.000 195.01086 ? 117 DC A "C3'" 1 
ATOM 114 O "O3'" . DC A 1 6  ? 8.20975   -6.17253  6.03708   1.000 191.23629 ? 117 DC A "O3'" 1 
ATOM 115 C "C2'" . DC A 1 6  ? 6.30787   -5.81170  7.51199   1.000 198.95532 ? 117 DC A "C2'" 1 
ATOM 116 C "C1'" . DC A 1 6  ? 5.24428   -6.16010  6.48940   1.000 200.22206 ? 117 DC A "C1'" 1 
ATOM 117 N N1    . DC A 1 6  ? 3.85446   -5.80191  6.90521   1.000 203.85020 ? 117 DC A N1    1 
ATOM 118 C C2    . DC A 1 6  ? 3.03981   -5.06141  6.03077   1.000 206.88546 ? 117 DC A C2    1 
ATOM 119 O O2    . DC A 1 6  ? 3.50135   -4.72181  4.93166   1.000 210.02116 ? 117 DC A O2    1 
ATOM 120 N N3    . DC A 1 6  ? 1.78322   -4.74352  6.41591   1.000 202.52284 ? 117 DC A N3    1 
ATOM 121 C C4    . DC A 1 6  ? 1.33056   -5.13229  7.61043   1.000 199.18250 ? 117 DC A C4    1 
ATOM 122 N N4    . DC A 1 6  ? 0.08136   -4.79264  7.94680   1.000 202.43933 ? 117 DC A N4    1 
ATOM 123 C C5    . DC A 1 6  ? 2.14287   -5.88668  8.51804   1.000 194.16999 ? 117 DC A C5    1 
ATOM 124 C C6    . DC A 1 6  ? 3.38404   -6.19140  8.12638   1.000 196.28076 ? 117 DC A C6    1 
ATOM 125 P P     . DA A 1 7  ? 9.46191   -5.23187  6.37889   1.000 186.08640 ? 118 DA A P     1 
ATOM 126 O OP1   . DA A 1 7  ? 10.70231  -6.00129  6.13164   1.000 184.78347 ? 118 DA A OP1   1 
ATOM 127 O OP2   . DA A 1 7  ? 9.24595   -4.65137  7.72275   1.000 191.37846 ? 118 DA A OP2   1 
ATOM 128 O "O5'" . DA A 1 7  ? 9.33733   -4.05759  5.30211   1.000 189.88992 ? 118 DA A "O5'" 1 
ATOM 129 C "C5'" . DA A 1 7  ? 8.97314   -4.36444  3.95817   1.000 187.93566 ? 118 DA A "C5'" 1 
ATOM 130 C "C4'" . DA A 1 7  ? 8.20800   -3.21533  3.32229   1.000 195.26830 ? 118 DA A "C4'" 1 
ATOM 131 O "O4'" . DA A 1 7  ? 6.85282   -3.16513  3.84090   1.000 200.88738 ? 118 DA A "O4'" 1 
ATOM 132 C "C3'" . DA A 1 7  ? 8.78471   -1.82159  3.57021   1.000 198.08627 ? 118 DA A "C3'" 1 
ATOM 133 O "O3'" . DA A 1 7  ? 8.51098   -1.01572  2.43443   1.000 203.40722 ? 118 DA A "O3'" 1 
ATOM 134 C "C2'" . DA A 1 7  ? 7.97422   -1.35078  4.77735   1.000 195.77606 ? 118 DA A "C2'" 1 
ATOM 135 C "C1'" . DA A 1 7  ? 6.60823   -1.87634  4.37798   1.000 203.95493 ? 118 DA A "C1'" 1 
ATOM 136 N N9    . DA A 1 7  ? 5.64449   -2.00941  5.45224   1.000 206.80350 ? 118 DA A N9    1 
ATOM 137 C C8    . DA A 1 7  ? 5.81084   -2.65907  6.65126   1.000 199.38186 ? 118 DA A C8    1 
ATOM 138 N N7    . DA A 1 7  ? 4.74323   -2.65503  7.41427   1.000 199.81660 ? 118 DA A N7    1 
ATOM 139 C C5    . DA A 1 7  ? 3.79867   -1.96042  6.65880   1.000 205.52047 ? 118 DA A C5    1 
ATOM 140 C C6    . DA A 1 7  ? 2.45046   -1.61093  6.91078   1.000 206.53630 ? 118 DA A C6    1 
ATOM 141 N N6    . DA A 1 7  ? 1.80033   -1.92679  8.03930   1.000 202.08542 ? 118 DA A N6    1 
ATOM 142 N N1    . DA A 1 7  ? 1.79190   -0.91477  5.94213   1.000 208.39259 ? 118 DA A N1    1 
ATOM 143 C C2    . DA A 1 7  ? 2.45188   -0.60019  4.81753   1.000 207.82362 ? 118 DA A C2    1 
ATOM 144 N N3    . DA A 1 7  ? 3.71379   -0.87860  4.47110   1.000 217.90536 ? 118 DA A N3    1 
ATOM 145 C C4    . DA A 1 7  ? 4.33355   -1.57045  5.45815   1.000 210.84059 ? 118 DA A C4    1 
ATOM 146 P P     . DG A 1 8  ? 9.63029   -0.03997  1.82389   1.000 217.00420 ? 119 DG A P     1 
ATOM 147 O OP1   . DG A 1 8  ? 10.19330  -0.70114  0.62397   1.000 213.27143 ? 119 DG A OP1   1 
ATOM 148 O OP2   . DG A 1 8  ? 10.51421  0.37407   2.93785   1.000 222.68687 ? 119 DG A OP2   1 
ATOM 149 O "O5'" . DG A 1 8  ? 8.78996   1.23318   1.34398   1.000 216.21475 ? 119 DG A "O5'" 1 
ATOM 150 C "C5'" . DG A 1 8  ? 7.59110   1.05384   0.60229   1.000 209.41543 ? 119 DG A "C5'" 1 
ATOM 151 C "C4'" . DG A 1 8  ? 6.59875   2.14978   0.93618   1.000 214.07594 ? 119 DG A "C4'" 1 
ATOM 152 O "O4'" . DG A 1 8  ? 5.81510   1.75434   2.08253   1.000 213.24009 ? 119 DG A "O4'" 1 
ATOM 153 C "C3'" . DG A 1 8  ? 7.23148   3.50195   1.28775   1.000 220.39650 ? 119 DG A "C3'" 1 
ATOM 154 O "O3'" . DG A 1 8  ? 6.79348   4.54213   0.36208   1.000 236.11475 ? 119 DG A "O3'" 1 
ATOM 155 C "C2'" . DG A 1 8  ? 6.84085   3.76803   2.75505   1.000 216.31257 ? 119 DG A "C2'" 1 
ATOM 156 C "C1'" . DG A 1 8  ? 5.64272   2.84830   2.95978   1.000 217.28006 ? 119 DG A "C1'" 1 
ATOM 157 N N9    . DG A 1 8  ? 5.50707   2.31421   4.30899   1.000 217.98572 ? 119 DG A N9    1 
ATOM 158 C C8    . DG A 1 8  ? 6.48536   1.70723   5.07067   1.000 212.09398 ? 119 DG A C8    1 
ATOM 159 N N7    . DG A 1 8  ? 6.06192   1.29429   6.23350   1.000 208.47254 ? 119 DG A N7    1 
ATOM 160 C C5    . DG A 1 8  ? 4.70998   1.63898   6.24565   1.000 216.41365 ? 119 DG A C5    1 
ATOM 161 C C6    . DG A 1 8  ? 3.73123   1.44249   7.24392   1.000 214.79094 ? 119 DG A C6    1 
ATOM 162 O O6    . DG A 1 8  ? 3.85368   0.91276   8.35983   1.000 209.59217 ? 119 DG A O6    1 
ATOM 163 N N1    . DG A 1 8  ? 2.48436   1.94173   6.85163   1.000 216.04542 ? 119 DG A N1    1 
ATOM 164 C C2    . DG A 1 8  ? 2.23196   2.55060   5.64183   1.000 214.76150 ? 119 DG A C2    1 
ATOM 165 N N2    . DG A 1 8  ? 0.96794   2.96691   5.43905   1.000 208.71821 ? 119 DG A N2    1 
ATOM 166 N N3    . DG A 1 8  ? 3.14129   2.73938   4.69523   1.000 220.23575 ? 119 DG A N3    1 
ATOM 167 C C4    . DG A 1 8  ? 4.36127   2.25667   5.06782   1.000 220.60534 ? 119 DG A C4    1 
ATOM 168 P P     . DA A 1 9  ? 5.27126   5.08619   0.30045   1.000 246.82971 ? 120 DA A P     1 
ATOM 169 O OP1   . DA A 1 9  ? 4.27424   3.99716   0.40746   1.000 232.50180 ? 120 DA A OP1   1 
ATOM 170 O OP2   . DA A 1 9  ? 5.20108   5.95812   -0.88886  1.000 250.38073 ? 120 DA A OP2   1 
ATOM 171 O "O5'" . DA A 1 9  ? 5.16004   6.05822   1.56305   1.000 241.04123 ? 120 DA A "O5'" 1 
ATOM 172 C "C5'" . DA A 1 9  ? 4.57441   7.35059   1.41564   1.000 242.48611 ? 120 DA A "C5'" 1 
ATOM 173 C "C4'" . DA A 1 9  ? 3.06204   7.26924   1.47496   1.000 238.04672 ? 120 DA A "C4'" 1 
ATOM 174 O "O4'" . DA A 1 9  ? 2.68835   6.25633   2.43801   1.000 232.69202 ? 120 DA A "O4'" 1 
ATOM 175 C "C3'" . DA A 1 9  ? 2.39826   8.52007   2.00367   1.000 240.00174 ? 120 DA A "C3'" 1 
ATOM 176 O "O3'" . DA A 1 9  ? 0.99069   8.45470   1.75872   1.000 241.77637 ? 120 DA A "O3'" 1 
ATOM 177 C "C2'" . DA A 1 9  ? 2.70658   8.36796   3.48420   1.000 237.54077 ? 120 DA A "C2'" 1 
ATOM 178 C "C1'" . DA A 1 9  ? 2.38126   6.88810   3.67242   1.000 231.50824 ? 120 DA A "C1'" 1 
ATOM 179 N N9    . DA A 1 9  ? 3.13598   6.22303   4.72782   1.000 226.55109 ? 120 DA A N9    1 
ATOM 180 C C8    . DA A 1 9  ? 4.45068   5.84787   4.69772   1.000 222.75092 ? 120 DA A C8    1 
ATOM 181 N N7    . DA A 1 9  ? 4.85254   5.24004   5.79104   1.000 219.76291 ? 120 DA A N7    1 
ATOM 182 C C5    . DA A 1 9  ? 3.71588   5.20795   6.58972   1.000 227.18430 ? 120 DA A C5    1 
ATOM 183 C C6    . DA A 1 9  ? 3.46797   4.69159   7.88802   1.000 226.26225 ? 120 DA A C6    1 
ATOM 184 N N6    . DA A 1 9  ? 4.40461   4.08823   8.62966   1.000 221.26734 ? 120 DA A N6    1 
ATOM 185 N N1    . DA A 1 9  ? 2.21277   4.82825   8.39261   1.000 227.92541 ? 120 DA A N1    1 
ATOM 186 C C2    . DA A 1 9  ? 1.28397   5.43327   7.63659   1.000 229.37260 ? 120 DA A C2    1 
ATOM 187 N N3    . DA A 1 9  ? 1.39954   5.95163   6.41226   1.000 227.70877 ? 120 DA A N3    1 
ATOM 188 C C4    . DA A 1 9  ? 2.64883   5.80409   5.94505   1.000 229.30828 ? 120 DA A C4    1 
ATOM 189 P P     . DG A 1 10 ? 0.09603   9.79260   1.76219   1.000 249.24450 ? 121 DG A P     1 
ATOM 190 O OP1   . DG A 1 10 ? -0.55131  9.88530   0.43398   1.000 243.54886 ? 121 DG A OP1   1 
ATOM 191 O OP2   . DG A 1 10 ? 0.94402   10.90663  2.23724   1.000 251.44848 ? 121 DG A OP2   1 
ATOM 192 O "O5'" . DG A 1 10 ? -1.02907  9.51655   2.87655   1.000 252.99137 ? 121 DG A "O5'" 1 
ATOM 193 C "C5'" . DG A 1 10 ? -0.70539  8.80224   4.07689   1.000 249.78081 ? 121 DG A "C5'" 1 
ATOM 194 C "C4'" . DG A 1 10 ? -1.02154  9.63166   5.31109   1.000 252.91306 ? 121 DG A "C4'" 1 
ATOM 195 O "O4'" . DG A 1 10 ? -0.27604  9.11389   6.44950   1.000 246.31259 ? 121 DG A "O4'" 1 
ATOM 196 C "C3'" . DG A 1 10 ? -0.61663  11.10017  5.21112   1.000 259.42149 ? 121 DG A "C3'" 1 
ATOM 197 O "O3'" . DG A 1 10 ? -1.37486  11.89244  6.12507   1.000 263.19356 ? 121 DG A "O3'" 1 
ATOM 198 C "C2'" . DG A 1 10 ? 0.82554   11.02001  5.68030   1.000 256.25784 ? 121 DG A "C2'" 1 
ATOM 199 C "C1'" . DG A 1 10 ? 0.64205   10.10012  6.88278   1.000 252.31692 ? 121 DG A "C1'" 1 
ATOM 200 N N9    . DG A 1 10 ? 1.86558   9.44426   7.32689   1.000 254.16294 ? 121 DG A N9    1 
ATOM 201 C C8    . DG A 1 10 ? 3.03086   9.29381   6.61835   1.000 250.90624 ? 121 DG A C8    1 
ATOM 202 N N7    . DG A 1 10 ? 3.96166   8.65169   7.26539   1.000 250.99144 ? 121 DG A N7    1 
ATOM 203 C C5    . DG A 1 10 ? 3.37939   8.35844   8.48750   1.000 252.29227 ? 121 DG A C5    1 
ATOM 204 C C6    . DG A 1 10 ? 3.91033   7.67341   9.60720   1.000 236.84731 ? 121 DG A C6    1 
ATOM 205 O O6    . DG A 1 10 ? 5.03838   7.17794   9.73227   1.000 228.91780 ? 121 DG A O6    1 
ATOM 206 N N1    . DG A 1 10 ? 2.98802   7.58997   10.64700  1.000 229.95218 ? 121 DG A N1    1 
ATOM 207 C C2    . DG A 1 10 ? 1.71167   8.10713   10.61273  1.000 238.89119 ? 121 DG A C2    1 
ATOM 208 N N2    . DG A 1 10 ? 0.96060   7.93478   11.71409  1.000 226.18834 ? 121 DG A N2    1 
ATOM 209 N N3    . DG A 1 10 ? 1.19777   8.75130   9.56995   1.000 252.07116 ? 121 DG A N3    1 
ATOM 210 C C4    . DG A 1 10 ? 2.09042   8.83541   8.55200   1.000 259.14482 ? 121 DG A C4    1 
ATOM 211 P P     . DT A 1 11 ? -2.96063  12.12883  5.96658   1.000 258.85507 ? 122 DT A P     1 
ATOM 212 O OP1   . DT A 1 11 ? -3.56872  11.15049  5.03977   1.000 251.39065 ? 122 DT A OP1   1 
ATOM 213 O OP2   . DT A 1 11 ? -3.14187  13.57185  5.69582   1.000 260.18968 ? 122 DT A OP2   1 
ATOM 214 O "O5'" . DT A 1 11 ? -3.49232  11.85676  7.45243   1.000 261.97215 ? 122 DT A "O5'" 1 
ATOM 215 C "C5'" . DT A 1 11 ? -2.62533  11.22080  8.41247   1.000 260.73596 ? 122 DT A "C5'" 1 
ATOM 216 C "C4'" . DT A 1 11 ? -2.09875  12.21976  9.43710   1.000 263.92662 ? 122 DT A "C4'" 1 
ATOM 217 O "O4'" . DT A 1 11 ? -0.77582  11.80563  9.89520   1.000 256.49636 ? 122 DT A "O4'" 1 
ATOM 218 C "C3'" . DT A 1 11 ? -1.92621  13.65897  8.92265   1.000 272.90546 ? 122 DT A "C3'" 1 
ATOM 219 O "O3'" . DT A 1 11 ? -2.18477  14.60160  9.96198   1.000 281.36327 ? 122 DT A "O3'" 1 
ATOM 220 C "C2'" . DT A 1 11 ? -0.44947  13.68122  8.56881   1.000 274.16412 ? 122 DT A "C2'" 1 
ATOM 221 C "C1'" . DT A 1 11 ? 0.10629   12.89550  9.74418   1.000 269.55193 ? 122 DT A "C1'" 1 
ATOM 222 N N1    . DT A 1 11 ? 1.49317   12.40007  9.53078   1.000 268.89476 ? 122 DT A N1    1 
ATOM 223 C C2    . DT A 1 11 ? 2.12087   11.67463  10.52006  1.000 264.71185 ? 122 DT A C2    1 
ATOM 224 O O2    . DT A 1 11 ? 1.58684   11.38997  11.58055  1.000 260.11275 ? 122 DT A O2    1 
ATOM 225 N N3    . DT A 1 11 ? 3.39680   11.28482  10.21623  1.000 264.09635 ? 122 DT A N3    1 
ATOM 226 C C4    . DT A 1 11 ? 4.10362   11.54715  9.05377   1.000 265.31813 ? 122 DT A C4    1 
ATOM 227 O O4    . DT A 1 11 ? 5.24977   11.15160  8.87527   1.000 260.51093 ? 122 DT A O4    1 
ATOM 228 C C5    . DT A 1 11 ? 3.38956   12.31948  8.06459   1.000 265.56315 ? 122 DT A C5    1 
ATOM 229 C C7    . DT A 1 11 ? 4.04843   12.66784  6.76212   1.000 258.00706 ? 122 DT A C7    1 
ATOM 230 C C6    . DT A 1 11 ? 2.14351   12.70979  8.35261   1.000 266.12344 ? 122 DT A C6    1 
ATOM 231 P P     . DC A 1 12 ? -3.66845  14.88835  10.51145  1.000 284.72314 ? 123 DC A P     1 
ATOM 232 O OP1   . DC A 1 12 ? -4.61704  13.87449  10.00026  1.000 283.66729 ? 123 DC A OP1   1 
ATOM 233 O OP2   . DC A 1 12 ? -3.94136  16.32110  10.25280  1.000 268.50567 ? 123 DC A OP2   1 
ATOM 234 O "O5'" . DC A 1 12 ? -3.49206  14.68756  12.08934  1.000 286.67692 ? 123 DC A "O5'" 1 
ATOM 235 C "C5'" . DC A 1 12 ? -2.46273  13.81295  12.57580  1.000 279.79798 ? 123 DC A "C5'" 1 
ATOM 236 C "C4'" . DC A 1 12 ? -1.43695  14.56913  13.40836  1.000 284.03923 ? 123 DC A "C4'" 1 
ATOM 237 O "O4'" . DC A 1 12 ? -0.08281  14.19154  13.01382  1.000 286.12943 ? 123 DC A "O4'" 1 
ATOM 238 C "C3'" . DC A 1 12 ? -1.48933  16.10284  13.30258  1.000 286.09010 ? 123 DC A "C3'" 1 
ATOM 239 O "O3'" . DC A 1 12 ? -1.31403  16.64938  14.58542  1.000 289.79749 ? 123 DC A "O3'" 1 
ATOM 240 C "C2'" . DC A 1 12 ? -0.27814  16.41597  12.43271  1.000 284.84249 ? 123 DC A "C2'" 1 
ATOM 241 C "C1'" . DC A 1 12 ? 0.68792   15.36896  12.94985  1.000 289.56091 ? 123 DC A "C1'" 1 
ATOM 242 N N1    . DC A 1 12 ? 1.88468   15.15823  12.07617  1.000 287.66971 ? 123 DC A N1    1 
ATOM 243 C C2    . DC A 1 12 ? 3.01324   14.49380  12.58333  1.000 275.00252 ? 123 DC A C2    1 
ATOM 244 O O2    . DC A 1 12 ? 2.99171   14.06264  13.74599  1.000 266.58043 ? 123 DC A O2    1 
ATOM 245 N N3    . DC A 1 12 ? 4.09233   14.33068  11.77563  1.000 271.05203 ? 123 DC A N3    1 
ATOM 246 C C4    . DC A 1 12 ? 4.07626   14.80970  10.52673  1.000 271.67222 ? 123 DC A C4    1 
ATOM 247 N N4    . DC A 1 12 ? 5.16146   14.62459  9.76792   1.000 268.58533 ? 123 DC A N4    1 
ATOM 248 C C5    . DC A 1 12 ? 2.94242   15.49999  10.00156  1.000 271.80514 ? 123 DC A C5    1 
ATOM 249 C C6    . DC A 1 12 ? 1.88404   15.65555  10.80192  1.000 277.85917 ? 123 DC A C6    1 
ATOM 250 P P     . DA A 1 13 ? -2.14015  17.93630  15.07312  1.000 281.87421 ? 124 DA A P     1 
ATOM 251 O OP1   . DA A 1 13 ? -3.56417  17.53900  15.15641  1.000 273.63775 ? 124 DA A OP1   1 
ATOM 252 O OP2   . DA A 1 13 ? -1.75127  19.10106  14.24161  1.000 267.88015 ? 124 DA A OP2   1 
ATOM 253 O "O5'" . DA A 1 13 ? -1.58241  18.14676  16.56054  1.000 293.59138 ? 124 DA A "O5'" 1 
ATOM 254 C "C5'" . DA A 1 13 ? -1.44963  17.00770  17.42842  1.000 290.98111 ? 124 DA A "C5'" 1 
ATOM 255 C "C4'" . DA A 1 13 ? -0.05428  16.91638  18.03963  1.000 286.86691 ? 124 DA A "C4'" 1 
ATOM 256 O "O4'" . DA A 1 13 ? 0.92580   16.57715  17.01988  1.000 288.28398 ? 124 DA A "O4'" 1 
ATOM 257 C "C3'" . DA A 1 13 ? 0.45168   18.19142  18.71573  1.000 287.40853 ? 124 DA A "C3'" 1 
ATOM 258 O "O3'" . DA A 1 13 ? 1.02019   17.87312  19.98040  1.000 286.30066 ? 124 DA A "O3'" 1 
ATOM 259 C "C2'" . DA A 1 13 ? 1.50841   18.71393  17.74304  1.000 293.17029 ? 124 DA A "C2'" 1 
ATOM 260 C "C1'" . DA A 1 13 ? 2.04801   17.42143  17.15115  1.000 291.67427 ? 124 DA A "C1'" 1 
ATOM 261 N N9    . DA A 1 13 ? 2.64290   17.60244  15.83001  1.000 294.68193 ? 124 DA A N9    1 
ATOM 262 C C8    . DA A 1 13 ? 2.03905   18.15131  14.73708  1.000 295.64077 ? 124 DA A C8    1 
ATOM 263 N N7    . DA A 1 13 ? 2.80271   18.19559  13.67397  1.000 298.98202 ? 124 DA A N7    1 
ATOM 264 C C5    . DA A 1 13 ? 3.99412   17.63322  14.09423  1.000 296.05800 ? 124 DA A C5    1 
ATOM 265 C C6    . DA A 1 13 ? 5.21114   17.38944  13.42633  1.000 288.64107 ? 124 DA A C6    1 
ATOM 266 N N6    . DA A 1 13 ? 5.41262   17.70351  12.14156  1.000 294.18784 ? 124 DA A N6    1 
ATOM 267 N N1    . DA A 1 13 ? 6.20907   16.81308  14.12818  1.000 280.31624 ? 124 DA A N1    1 
ATOM 268 C C2    . DA A 1 13 ? 5.99793   16.50161  15.41759  1.000 275.30614 ? 124 DA A C2    1 
ATOM 269 N N3    . DA A 1 13 ? 4.89452   16.68343  16.15452  1.000 280.45659 ? 124 DA A N3    1 
ATOM 270 C C4    . DA A 1 13 ? 3.92196   17.25868  15.42469  1.000 291.08523 ? 124 DA A C4    1 
ATOM 271 P P     . DC B 2 1  ? -13.77270 8.57219   -14.32185 1.000 204.86192 ? 115 DC B P     1 
ATOM 272 O OP1   . DC B 2 1  ? -13.03977 9.44544   -13.37643 1.000 214.00975 ? 115 DC B OP1   1 
ATOM 273 O OP2   . DC B 2 1  ? -13.56125 8.75863   -15.78007 1.000 197.18650 ? 115 DC B OP2   1 
ATOM 274 O "O5'" . DC B 2 1  ? -13.59239 7.02248   -13.90938 1.000 211.69923 ? 115 DC B "O5'" 1 
ATOM 275 C "C5'" . DC B 2 1  ? -14.62095 6.36171   -13.15755 1.000 207.32745 ? 115 DC B "C5'" 1 
ATOM 276 C "C4'" . DC B 2 1  ? -14.09074 5.14537   -12.40356 1.000 211.80800 ? 115 DC B "C4'" 1 
ATOM 277 O "O4'" . DC B 2 1  ? -14.09935 3.96977   -13.26101 1.000 212.51502 ? 115 DC B "O4'" 1 
ATOM 278 C "C3'" . DC B 2 1  ? -12.66331 5.26084   -11.85129 1.000 216.93876 ? 115 DC B "C3'" 1 
ATOM 279 O "O3'" . DC B 2 1  ? -12.64399 4.80242   -10.49791 1.000 224.85679 ? 115 DC B "O3'" 1 
ATOM 280 C "C2'" . DC B 2 1  ? -11.86861 4.32464   -12.76329 1.000 217.39029 ? 115 DC B "C2'" 1 
ATOM 281 C "C1'" . DC B 2 1  ? -12.90465 3.25083   -13.05627 1.000 216.80607 ? 115 DC B "C1'" 1 
ATOM 282 N N1    . DC B 2 1  ? -12.60856 2.45920   -14.29142 1.000 215.68056 ? 115 DC B N1    1 
ATOM 283 C C2    . DC B 2 1  ? -12.75134 1.05366   -14.30564 1.000 211.92533 ? 115 DC B C2    1 
ATOM 284 O O2    . DC B 2 1  ? -13.12123 0.45284   -13.28466 1.000 205.70102 ? 115 DC B O2    1 
ATOM 285 N N3    . DC B 2 1  ? -12.47388 0.38256   -15.46117 1.000 216.26978 ? 115 DC B N3    1 
ATOM 286 C C4    . DC B 2 1  ? -12.07281 1.05431   -16.54420 1.000 220.20686 ? 115 DC B C4    1 
ATOM 287 N N4    . DC B 2 1  ? -11.81296 0.35806   -17.66069 1.000 229.79064 ? 115 DC B N4    1 
ATOM 288 C C5    . DC B 2 1  ? -11.92817 2.47162   -16.54157 1.000 217.57468 ? 115 DC B C5    1 
ATOM 289 C C6    . DC B 2 1  ? -12.20174 3.12432   -15.40952 1.000 214.13146 ? 115 DC B C6    1 
ATOM 290 P P     . DA B 2 2  ? -11.42342 5.16322   -9.50986  1.000 226.91552 ? 116 DA B P     1 
ATOM 291 O OP1   . DA B 2 2  ? -11.86375 6.31149   -8.68551  1.000 224.21826 ? 116 DA B OP1   1 
ATOM 292 O OP2   . DA B 2 2  ? -10.18201 5.28288   -10.30582 1.000 218.69061 ? 116 DA B OP2   1 
ATOM 293 O "O5'" . DA B 2 2  ? -11.28285 3.85474   -8.58108  1.000 223.10690 ? 116 DA B "O5'" 1 
ATOM 294 C "C5'" . DA B 2 2  ? -12.35813 3.46214   -7.71040  1.000 222.28525 ? 116 DA B "C5'" 1 
ATOM 295 C "C4'" . DA B 2 2  ? -12.38328 1.95124   -7.47223  1.000 218.19571 ? 116 DA B "C4'" 1 
ATOM 296 O "O4'" . DA B 2 2  ? -12.43563 1.23825   -8.73953  1.000 217.63850 ? 116 DA B "O4'" 1 
ATOM 297 C "C3'" . DA B 2 2  ? -11.18810 1.36748   -6.72931  1.000 221.56752 ? 116 DA B "C3'" 1 
ATOM 298 O "O3'" . DA B 2 2  ? -11.61926 0.22442   -5.98016  1.000 228.42362 ? 116 DA B "O3'" 1 
ATOM 299 C "C2'" . DA B 2 2  ? -10.26780 0.96399   -7.87785  1.000 223.63078 ? 116 DA B "C2'" 1 
ATOM 300 C "C1'" . DA B 2 2  ? -11.27928 0.42923   -8.88756  1.000 223.58115 ? 116 DA B "C1'" 1 
ATOM 301 N N9    . DA B 2 2  ? -10.83685 0.54162   -10.27124 1.000 219.79990 ? 116 DA B N9    1 
ATOM 302 C C8    . DA B 2 2  ? -10.68080 1.69982   -10.97111 1.000 217.61463 ? 116 DA B C8    1 
ATOM 303 N N7    . DA B 2 2  ? -10.28008 1.52782   -12.20194 1.000 218.48728 ? 116 DA B N7    1 
ATOM 304 C C5    . DA B 2 2  ? -10.16650 0.16083   -12.33184 1.000 218.79467 ? 116 DA B C5    1 
ATOM 305 C C6    . DA B 2 2  ? -9.77937  -0.64762  -13.41056 1.000 221.09665 ? 116 DA B C6    1 
ATOM 306 N N6    . DA B 2 2  ? -9.43128  -0.14313  -14.60143 1.000 218.97800 ? 116 DA B N6    1 
ATOM 307 N N1    . DA B 2 2  ? -9.76614  -1.98260  -13.22799 1.000 217.24593 ? 116 DA B N1    1 
ATOM 308 C C2    . DA B 2 2  ? -10.11402 -2.47592  -12.02341 1.000 215.47183 ? 116 DA B C2    1 
ATOM 309 N N3    . DA B 2 2  ? -10.50622 -1.81016  -10.92597 1.000 217.01654 ? 116 DA B N3    1 
ATOM 310 C C4    . DA B 2 2  ? -10.50760 -0.47998  -11.15271 1.000 219.93269 ? 116 DA B C4    1 
ATOM 311 P P     . DC B 2 3  ? -10.67958 -0.43340  -4.85285  1.000 227.12447 ? 117 DC B P     1 
ATOM 312 O OP1   . DC B 2 3  ? -11.44362 -0.41930  -3.58597  1.000 218.37005 ? 117 DC B OP1   1 
ATOM 313 O OP2   . DC B 2 3  ? -9.34973  0.22005   -4.91300  1.000 227.25264 ? 117 DC B OP2   1 
ATOM 314 O "O5'" . DC B 2 3  ? -10.54655 -1.97194  -5.29754  1.000 226.80336 ? 117 DC B "O5'" 1 
ATOM 315 C "C5'" . DC B 2 3  ? -10.51468 -2.33107  -6.68342  1.000 225.94059 ? 117 DC B "C5'" 1 
ATOM 316 C "C4'" . DC B 2 3  ? -9.43289  -3.36214  -6.94503  1.000 225.79116 ? 117 DC B "C4'" 1 
ATOM 317 O "O4'" . DC B 2 3  ? -9.03998  -3.30831  -8.34588  1.000 220.33254 ? 117 DC B "O4'" 1 
ATOM 318 C "C3'" . DC B 2 3  ? -8.14394  -3.14077  -6.15327  1.000 230.12590 ? 117 DC B "C3'" 1 
ATOM 319 O "O3'" . DC B 2 3  ? -7.53402  -4.38598  -5.84698  1.000 229.24221 ? 117 DC B "O3'" 1 
ATOM 320 C "C2'" . DC B 2 3  ? -7.29729  -2.34745  -7.13097  1.000 227.71311 ? 117 DC B "C2'" 1 
ATOM 321 C "C1'" . DC B 2 3  ? -7.64753  -3.06401  -8.41676  1.000 225.87988 ? 117 DC B "C1'" 1 
ATOM 322 N N1    . DC B 2 3  ? -7.34871  -2.27781  -9.62475  1.000 220.11465 ? 117 DC B N1    1 
ATOM 323 C C2    . DC B 2 3  ? -6.84392  -2.92685  -10.75053 1.000 219.39118 ? 117 DC B C2    1 
ATOM 324 O O2    . DC B 2 3  ? -6.67816  -4.15923  -10.71059 1.000 218.38363 ? 117 DC B O2    1 
ATOM 325 N N3    . DC B 2 3  ? -6.56179  -2.19827  -11.85607 1.000 218.80835 ? 117 DC B N3    1 
ATOM 326 C C4    . DC B 2 3  ? -6.76256  -0.87211  -11.84328 1.000 212.07152 ? 117 DC B C4    1 
ATOM 327 N N4    . DC B 2 3  ? -6.47145  -0.19077  -12.95141 1.000 213.68848 ? 117 DC B N4    1 
ATOM 328 C C5    . DC B 2 3  ? -7.26490  -0.19046  -10.69652 1.000 207.62419 ? 117 DC B C5    1 
ATOM 329 C C6    . DC B 2 3  ? -7.53866  -0.92345  -9.61727  1.000 215.99120 ? 117 DC B C6    1 
ATOM 330 P P     . DA B 2 4  ? -6.57251  -4.50664  -4.56952  1.000 222.05078 ? 118 DA B P     1 
ATOM 331 O OP1   . DA B 2 4  ? -7.16176  -5.54339  -3.68493  1.000 197.50750 ? 118 DA B OP1   1 
ATOM 332 O OP2   . DA B 2 4  ? -6.32566  -3.11927  -4.09840  1.000 226.58190 ? 118 DA B OP2   1 
ATOM 333 O "O5'" . DA B 2 4  ? -5.20135  -5.10061  -5.15160  1.000 225.75721 ? 118 DA B "O5'" 1 
ATOM 334 C "C5'" . DA B 2 4  ? -4.59130  -4.51298  -6.30492  1.000 228.35930 ? 118 DA B "C5'" 1 
ATOM 335 C "C4'" . DA B 2 4  ? -3.99390  -5.58647  -7.20492  1.000 230.34159 ? 118 DA B "C4'" 1 
ATOM 336 O "O4'" . DA B 2 4  ? -4.08890  -5.17090  -8.59090  1.000 228.04643 ? 118 DA B "O4'" 1 
ATOM 337 C "C3'" . DA B 2 4  ? -2.51597  -5.87570  -6.98341  1.000 233.07376 ? 118 DA B "C3'" 1 
ATOM 338 O "O3'" . DA B 2 4  ? -2.21129  -7.18669  -7.44512  1.000 236.98445 ? 118 DA B "O3'" 1 
ATOM 339 C "C2'" . DA B 2 4  ? -1.87185  -4.82613  -7.87399  1.000 230.46594 ? 118 DA B "C2'" 1 
ATOM 340 C "C1'" . DA B 2 4  ? -2.79519  -4.87608  -9.08865  1.000 224.79914 ? 118 DA B "C1'" 1 
ATOM 341 N N9    . DA B 2 4  ? -2.86859  -3.61971  -9.81674  1.000 224.89267 ? 118 DA B N9    1 
ATOM 342 C C8    . DA B 2 4  ? -3.37358  -2.43508  -9.35560  1.000 227.31511 ? 118 DA B C8    1 
ATOM 343 N N7    . DA B 2 4  ? -3.31945  -1.46017  -10.22985 1.000 230.12260 ? 118 DA B N7    1 
ATOM 344 C C5    . DA B 2 4  ? -2.74076  -2.04363  -11.34767 1.000 232.88687 ? 118 DA B C5    1 
ATOM 345 C C6    . DA B 2 4  ? -2.41126  -1.53275  -12.62317 1.000 234.89029 ? 118 DA B C6    1 
ATOM 346 N N6    . DA B 2 4  ? -2.63227  -0.26130  -12.98189 1.000 228.87191 ? 118 DA B N6    1 
ATOM 347 N N1    . DA B 2 4  ? -1.84210  -2.38327  -13.51724 1.000 239.26436 ? 118 DA B N1    1 
ATOM 348 C C2    . DA B 2 4  ? -1.62413  -3.65569  -13.13976 1.000 238.49524 ? 118 DA B C2    1 
ATOM 349 N N3    . DA B 2 4  ? -1.89413  -4.24737  -11.96896 1.000 229.53488 ? 118 DA B N3    1 
ATOM 350 C C4    . DA B 2 4  ? -2.45721  -3.37516  -11.11045 1.000 230.27547 ? 118 DA B C4    1 
ATOM 351 P P     . DC B 2 5  ? -2.33412  -8.44885  -6.46009  1.000 231.04520 ? 119 DC B P     1 
ATOM 352 O OP1   . DC B 2 5  ? -2.20958  -9.66248  -7.29525  1.000 222.07813 ? 119 DC B OP1   1 
ATOM 353 O OP2   . DC B 2 5  ? -3.53150  -8.27029  -5.60679  1.000 228.95638 ? 119 DC B OP2   1 
ATOM 354 O "O5'" . DC B 2 5  ? -1.04337  -8.33442  -5.52525  1.000 217.83147 ? 119 DC B "O5'" 1 
ATOM 355 C "C5'" . DC B 2 5  ? -0.64044  -9.45142  -4.75834  1.000 211.80077 ? 119 DC B "C5'" 1 
ATOM 356 C "C4'" . DC B 2 5  ? 0.54309   -9.10699  -3.87955  1.000 211.95760 ? 119 DC B "C4'" 1 
ATOM 357 O "O4'" . DC B 2 5  ? 0.12098   -8.19297  -2.83746  1.000 213.36175 ? 119 DC B "O4'" 1 
ATOM 358 C "C3'" . DC B 2 5  ? 1.15618   -10.29120 -3.15574  1.000 211.80363 ? 119 DC B "C3'" 1 
ATOM 359 O "O3'" . DC B 2 5  ? 2.55941   -10.06684 -2.95440  1.000 213.97921 ? 119 DC B "O3'" 1 
ATOM 360 C "C2'" . DC B 2 5  ? 0.37290   -10.31880 -1.83554  1.000 215.82283 ? 119 DC B "C2'" 1 
ATOM 361 C "C1'" . DC B 2 5  ? 0.12781   -8.83766  -1.57267  1.000 216.36014 ? 119 DC B "C1'" 1 
ATOM 362 N N1    . DC B 2 5  ? -1.18118  -8.51052  -0.87251  1.000 216.83240 ? 119 DC B N1    1 
ATOM 363 C C2    . DC B 2 5  ? -1.29800  -8.59795  0.53307   1.000 206.13805 ? 119 DC B C2    1 
ATOM 364 O O2    . DC B 2 5  ? -0.34455  -9.00052  1.20886   1.000 197.47852 ? 119 DC B O2    1 
ATOM 365 N N3    . DC B 2 5  ? -2.48035  -8.27599  1.11557   1.000 203.45291 ? 119 DC B N3    1 
ATOM 366 C C4    . DC B 2 5  ? -3.50793  -7.85959  0.36936   1.000 209.54105 ? 119 DC B C4    1 
ATOM 367 N N4    . DC B 2 5  ? -4.64872  -7.53930  0.99111   1.000 207.87522 ? 119 DC B N4    1 
ATOM 368 C C5    . DC B 2 5  ? -3.40676  -7.74253  -1.04790  1.000 217.59402 ? 119 DC B C5    1 
ATOM 369 C C6    . DC B 2 5  ? -2.24191  -8.07080  -1.61781  1.000 218.79678 ? 119 DC B C6    1 
ATOM 370 P P     . DC B 2 6  ? 3.64863   -11.05836 -3.61345  1.000 198.81297 ? 120 DC B P     1 
ATOM 371 O OP1   . DC B 2 6  ? 4.97289   -10.39491 -3.57765  1.000 195.49394 ? 120 DC B OP1   1 
ATOM 372 O OP2   . DC B 2 6  ? 3.10771   -11.51797 -4.91251  1.000 203.78992 ? 120 DC B OP2   1 
ATOM 373 O "O5'" . DC B 2 6  ? 3.66114   -12.32104 -2.62731  1.000 194.72792 ? 120 DC B "O5'" 1 
ATOM 374 C "C5'" . DC B 2 6  ? 3.60835   -12.13583 -1.21152  1.000 196.57291 ? 120 DC B "C5'" 1 
ATOM 375 C "C4'" . DC B 2 6  ? 2.88926   -13.29781 -0.55021  1.000 199.67963 ? 120 DC B "C4'" 1 
ATOM 376 O "O4'" . DC B 2 6  ? 1.50634   -12.93641 -0.28331  1.000 196.08302 ? 120 DC B "O4'" 1 
ATOM 377 C "C3'" . DC B 2 6  ? 2.84894   -14.58351 -1.38270  1.000 204.24620 ? 120 DC B "C3'" 1 
ATOM 378 O "O3'" . DC B 2 6  ? 3.25462   -15.70509 -0.57388  1.000 209.62920 ? 120 DC B "O3'" 1 
ATOM 379 C "C2'" . DC B 2 6  ? 1.37846   -14.67954 -1.82117  1.000 197.32642 ? 120 DC B "C2'" 1 
ATOM 380 C "C1'" . DC B 2 6  ? 0.66661   -13.99857 -0.66033  1.000 199.48580 ? 120 DC B "C1'" 1 
ATOM 381 N N1    . DC B 2 6  ? -0.70321  -13.44032 -0.99328  1.000 203.55813 ? 120 DC B N1    1 
ATOM 382 C C2    . DC B 2 6  ? -1.58750  -13.10219 0.04863   1.000 207.46636 ? 120 DC B C2    1 
ATOM 383 O O2    . DC B 2 6  ? -1.23021  -13.26720 1.22422   1.000 210.42197 ? 120 DC B O2    1 
ATOM 384 N N3    . DC B 2 6  ? -2.81479  -12.60314 -0.25800  1.000 214.58869 ? 120 DC B N3    1 
ATOM 385 C C4    . DC B 2 6  ? -3.17078  -12.43577 -1.53491  1.000 207.64897 ? 120 DC B C4    1 
ATOM 386 N N4    . DC B 2 6  ? -4.39415  -11.93837 -1.78198  1.000 200.72413 ? 120 DC B N4    1 
ATOM 387 C C5    . DC B 2 6  ? -2.28800  -12.77286 -2.61244  1.000 207.29578 ? 120 DC B C5    1 
ATOM 388 C C6    . DC B 2 6  ? -1.07903  -13.27157 -2.30025  1.000 203.50335 ? 120 DC B C6    1 
ATOM 389 P P     . DG B 2 7  ? 4.46815   -16.66027 -1.03926  1.000 207.45210 ? 121 DG B P     1 
ATOM 390 O OP1   . DG B 2 7  ? 5.75949   -15.96330 -0.82601  1.000 194.49889 ? 121 DG B OP1   1 
ATOM 391 O OP2   . DG B 2 7  ? 4.12395   -17.13515 -2.39307  1.000 217.21227 ? 121 DG B OP2   1 
ATOM 392 O "O5'" . DG B 2 7  ? 4.36932   -17.92961 -0.05716  1.000 193.02725 ? 121 DG B "O5'" 1 
ATOM 393 C "C5'" . DG B 2 7  ? 4.69379   -17.80014 1.33292   1.000 190.60879 ? 121 DG B "C5'" 1 
ATOM 394 C "C4'" . DG B 2 7  ? 3.46858   -18.01786 2.21526   1.000 195.56394 ? 121 DG B "C4'" 1 
ATOM 395 O "O4'" . DG B 2 7  ? 2.32263   -17.33513 1.64530   1.000 197.21442 ? 121 DG B "O4'" 1 
ATOM 396 C "C3'" . DG B 2 7  ? 3.03792   -19.47543 2.42222   1.000 203.33605 ? 121 DG B "C3'" 1 
ATOM 397 O "O3'" . DG B 2 7  ? 2.72533   -19.67961 3.81074   1.000 211.50483 ? 121 DG B "O3'" 1 
ATOM 398 C "C2'" . DG B 2 7  ? 1.80423   -19.61078 1.52261   1.000 201.34214 ? 121 DG B "C2'" 1 
ATOM 399 C "C1'" . DG B 2 7  ? 1.21773   -18.21059 1.59747   1.000 199.66840 ? 121 DG B "C1'" 1 
ATOM 400 N N9    . DG B 2 7  ? 0.39865   -17.84752 0.44200   1.000 202.59174 ? 121 DG B N9    1 
ATOM 401 C C8    . DG B 2 7  ? 0.75014   -17.91721 -0.88177  1.000 203.95245 ? 121 DG B C8    1 
ATOM 402 N N7    . DG B 2 7  ? -0.19256  -17.51776 -1.69725  1.000 206.62601 ? 121 DG B N7    1 
ATOM 403 C C5    . DG B 2 7  ? -1.23274  -17.14964 -0.85055  1.000 206.87226 ? 121 DG B C5    1 
ATOM 404 C C6    . DG B 2 7  ? -2.52683  -16.63029 -1.15681  1.000 203.09560 ? 121 DG B C6    1 
ATOM 405 O O6    . DG B 2 7  ? -3.01876  -16.38350 -2.26440  1.000 200.73362 ? 121 DG B O6    1 
ATOM 406 N N1    . DG B 2 7  ? -3.26650  -16.39579 0.00108   1.000 204.54259 ? 121 DG B N1    1 
ATOM 407 C C2    . DG B 2 7  ? -2.82825  -16.62825 1.28570   1.000 209.40435 ? 121 DG B C2    1 
ATOM 408 N N2    . DG B 2 7  ? -3.68121  -16.34372 2.27706   1.000 212.70962 ? 121 DG B N2    1 
ATOM 409 N N3    . DG B 2 7  ? -1.62429  -17.11198 1.57837   1.000 207.32505 ? 121 DG B N3    1 
ATOM 410 C C4    . DG B 2 7  ? -0.88768  -17.34420 0.47097   1.000 206.24357 ? 121 DG B C4    1 
ATOM 411 P P     . DT B 2 8  ? 2.01223   -21.03484 4.31887   1.000 212.08554 ? 122 DT B P     1 
ATOM 412 O OP1   . DT B 2 8  ? 2.32681   -21.20582 5.75826   1.000 200.72511 ? 122 DT B OP1   1 
ATOM 413 O OP2   . DT B 2 8  ? 2.35860   -22.11509 3.37422   1.000 213.07688 ? 122 DT B OP2   1 
ATOM 414 O "O5'" . DT B 2 8  ? 0.45006   -20.72564 4.15748   1.000 207.48316 ? 122 DT B "O5'" 1 
ATOM 415 C "C5'" . DT B 2 8  ? -0.08431  -19.48779 4.62398   1.000 203.52775 ? 122 DT B "C5'" 1 
ATOM 416 C "C4'" . DT B 2 8  ? -1.42020  -19.69425 5.30895   1.000 201.61586 ? 122 DT B "C4'" 1 
ATOM 417 O "O4'" . DT B 2 8  ? -2.48483  -19.18358 4.47375   1.000 199.70535 ? 122 DT B "O4'" 1 
ATOM 418 C "C3'" . DT B 2 8  ? -1.78031  -21.13926 5.59010   1.000 205.74988 ? 122 DT B "C3'" 1 
ATOM 419 O "O3'" . DT B 2 8  ? -2.59484  -21.20729 6.74500   1.000 210.96865 ? 122 DT B "O3'" 1 
ATOM 420 C "C2'" . DT B 2 8  ? -2.54852  -21.54564 4.33506   1.000 203.59787 ? 122 DT B "C2'" 1 
ATOM 421 C "C1'" . DT B 2 8  ? -3.25911  -20.24715 3.95555   1.000 202.02812 ? 122 DT B "C1'" 1 
ATOM 422 N N1    . DT B 2 8  ? -3.36200  -20.04768 2.49420   1.000 203.27159 ? 122 DT B N1    1 
ATOM 423 C C2    . DT B 2 8  ? -4.50829  -19.50186 1.96086   1.000 207.84173 ? 122 DT B C2    1 
ATOM 424 O O2    . DT B 2 8  ? -5.47045  -19.17353 2.63096   1.000 212.97910 ? 122 DT B O2    1 
ATOM 425 N N3    . DT B 2 8  ? -4.49012  -19.35646 0.59591   1.000 206.67880 ? 122 DT B N3    1 
ATOM 426 C C4    . DT B 2 8  ? -3.45410  -19.69085 -0.26484  1.000 206.01813 ? 122 DT B C4    1 
ATOM 427 O O4    . DT B 2 8  ? -3.52938  -19.52596 -1.47868  1.000 203.34751 ? 122 DT B O4    1 
ATOM 428 C C5    . DT B 2 8  ? -2.28616  -20.25445 0.36935   1.000 205.77593 ? 122 DT B C5    1 
ATOM 429 C C7    . DT B 2 8  ? -1.10247  -20.66191 -0.45888  1.000 207.22291 ? 122 DT B C7    1 
ATOM 430 C C6    . DT B 2 8  ? -2.29366  -20.39918 1.70013   1.000 202.86055 ? 122 DT B C6    1 
ATOM 431 O "O5'" . DT C 3 1  ? 11.77540  24.14952  4.94948   1.000 291.15843 ? 98  DT D "O5'" 1 
ATOM 432 C "C5'" . DT C 3 1  ? 13.14934  24.47913  4.77960   1.000 289.27524 ? 98  DT D "C5'" 1 
ATOM 433 C "C4'" . DT C 3 1  ? 14.02609  23.61440  5.66651   1.000 287.32567 ? 98  DT D "C4'" 1 
ATOM 434 O "O4'" . DT C 3 1  ? 13.70707  23.87569  7.06366   1.000 298.26110 ? 98  DT D "O4'" 1 
ATOM 435 C "C3'" . DT C 3 1  ? 13.85501  22.09783  5.47191   1.000 285.97711 ? 98  DT D "C3'" 1 
ATOM 436 O "O3'" . DT C 3 1  ? 15.13117  21.44354  5.49590   1.000 280.94820 ? 98  DT D "O3'" 1 
ATOM 437 C "C2'" . DT C 3 1  ? 13.01459  21.70455  6.67649   1.000 285.61272 ? 98  DT D "C2'" 1 
ATOM 438 C "C1'" . DT C 3 1  ? 13.58292  22.64291  7.72369   1.000 288.41416 ? 98  DT D "C1'" 1 
ATOM 439 N N1    . DT C 3 1  ? 12.73747  22.79780  8.96808   1.000 290.42387 ? 98  DT D N1    1 
ATOM 440 C C2    . DT C 3 1  ? 11.45480  23.31621  8.89176   1.000 285.15452 ? 98  DT D C2    1 
ATOM 441 O O2    . DT C 3 1  ? 10.93610  23.67619  7.84724   1.000 282.31817 ? 98  DT D O2    1 
ATOM 442 N N3    . DT C 3 1  ? 10.80052  23.39849  10.09362  1.000 284.28971 ? 98  DT D N3    1 
ATOM 443 C C4    . DT C 3 1  ? 11.27813  23.02596  11.33992  1.000 284.33363 ? 98  DT D C4    1 
ATOM 444 O O4    . DT C 3 1  ? 10.61347  23.13885  12.36562  1.000 284.01956 ? 98  DT D O4    1 
ATOM 445 C C5    . DT C 3 1  ? 12.61956  22.49265  11.35014  1.000 282.09940 ? 98  DT D C5    1 
ATOM 446 C C7    . DT C 3 1  ? 13.24566  22.05524  12.63994  1.000 275.84330 ? 98  DT D C7    1 
ATOM 447 C C6    . DT C 3 1  ? 13.26965  22.40713  10.18215  1.000 283.32580 ? 98  DT D C6    1 
ATOM 448 P P     . DC C 3 2  ? 15.23329  19.84267  5.33942   1.000 263.21590 ? 99  DC D P     1 
ATOM 449 O OP1   . DC C 3 2  ? 16.62367  19.53640  4.93470   1.000 261.67337 ? 99  DC D OP1   1 
ATOM 450 O OP2   . DC C 3 2  ? 14.08707  19.39163  4.51153   1.000 262.36566 ? 99  DC D OP2   1 
ATOM 451 O "O5'" . DC C 3 2  ? 15.02565  19.28019  6.82649   1.000 268.17140 ? 99  DC D "O5'" 1 
ATOM 452 C "C5'" . DC C 3 2  ? 16.01717  19.51009  7.82698   1.000 262.42557 ? 99  DC D "C5'" 1 
ATOM 453 C "C4'" . DC C 3 2  ? 15.60805  18.89054  9.15516   1.000 265.94043 ? 99  DC D "C4'" 1 
ATOM 454 O "O4'" . DC C 3 2  ? 14.40315  19.53540  9.65658   1.000 272.33928 ? 99  DC D "O4'" 1 
ATOM 455 C "C3'" . DC C 3 2  ? 15.28449  17.39330  9.11458   1.000 267.74224 ? 99  DC D "C3'" 1 
ATOM 456 O "O3'" . DC C 3 2  ? 15.72307  16.79809  10.32316  1.000 263.70550 ? 99  DC D "O3'" 1 
ATOM 457 C "C2'" . DC C 3 2  ? 13.76308  17.39465  9.02747   1.000 269.67755 ? 99  DC D "C2'" 1 
ATOM 458 C "C1'" . DC C 3 2  ? 13.44959  18.54018  9.96802   1.000 274.16462 ? 99  DC D "C1'" 1 
ATOM 459 N N1    . DC C 3 2  ? 12.08067  19.10627  9.80157   1.000 277.28016 ? 99  DC D N1    1 
ATOM 460 C C2    . DC C 3 2  ? 11.24798  19.22738  10.92077  1.000 275.42431 ? 99  DC D C2    1 
ATOM 461 O O2    . DC C 3 2  ? 11.66243  18.86079  12.02648  1.000 271.31650 ? 99  DC D O2    1 
ATOM 462 N N3    . DC C 3 2  ? 10.00378  19.74243  10.75171  1.000 276.00359 ? 99  DC D N3    1 
ATOM 463 C C4    . DC C 3 2  ? 9.59456   20.12328  9.54050   1.000 271.94900 ? 99  DC D C4    1 
ATOM 464 N N4    . DC C 3 2  ? 8.36412   20.62695  9.42463   1.000 275.42356 ? 99  DC D N4    1 
ATOM 465 C C5    . DC C 3 2  ? 10.42996  20.00445  8.39226   1.000 267.59850 ? 99  DC D C5    1 
ATOM 466 C C6    . DC C 3 2  ? 11.64958  19.48813  8.56968   1.000 273.03477 ? 99  DC D C6    1 
ATOM 467 P P     . DT C 3 3  ? 15.71661  15.20298  10.52387  1.000 261.47972 ? 100 DT D P     1 
ATOM 468 O OP1   . DT C 3 3  ? 17.01707  14.70013  10.03120  1.000 260.68887 ? 100 DT D OP1   1 
ATOM 469 O OP2   . DT C 3 3  ? 14.46103  14.62472  9.98821   1.000 256.16430 ? 100 DT D OP2   1 
ATOM 470 O "O5'" . DT C 3 3  ? 15.69823  15.04457  12.11543  1.000 258.64756 ? 100 DT D "O5'" 1 
ATOM 471 C "C5'" . DT C 3 3  ? 14.88834  15.91624  12.90964  1.000 255.40895 ? 100 DT D "C5'" 1 
ATOM 472 C "C4'" . DT C 3 3  ? 14.22381  15.14311  14.02756  1.000 251.31707 ? 100 DT D "C4'" 1 
ATOM 473 O "O4'" . DT C 3 3  ? 12.86617  15.62760  14.20930  1.000 249.50144 ? 100 DT D "O4'" 1 
ATOM 474 C "C3'" . DT C 3 3  ? 14.06853  13.66239  13.74462  1.000 247.35157 ? 100 DT D "C3'" 1 
ATOM 475 O "O3'" . DT C 3 3  ? 13.93503  12.96028  14.95407  1.000 242.02186 ? 100 DT D "O3'" 1 
ATOM 476 C "C2'" . DT C 3 3  ? 12.77169  13.64744  12.96650  1.000 244.76354 ? 100 DT D "C2'" 1 
ATOM 477 C "C1'" . DT C 3 3  ? 11.95419  14.62900  13.79108  1.000 246.58345 ? 100 DT D "C1'" 1 
ATOM 478 N N1    . DT C 3 3  ? 10.87022  15.27749  13.02408  1.000 253.61470 ? 100 DT D N1    1 
ATOM 479 C C2    . DT C 3 3  ? 9.70207   15.61054  13.66581  1.000 256.46316 ? 100 DT D C2    1 
ATOM 480 O O2    . DT C 3 3  ? 9.50342   15.40241  14.84842  1.000 247.07575 ? 100 DT D O2    1 
ATOM 481 N N3    . DT C 3 3  ? 8.76160   16.20567  12.86301  1.000 269.75303 ? 100 DT D N3    1 
ATOM 482 C C4    . DT C 3 3  ? 8.88057   16.49108  11.50915  1.000 273.58102 ? 100 DT D C4    1 
ATOM 483 O O4    . DT C 3 3  ? 7.98215   17.02677  10.87078  1.000 280.23967 ? 100 DT D O4    1 
ATOM 484 C C5    . DT C 3 3  ? 10.13417  16.10949  10.90611  1.000 268.95847 ? 100 DT D C5    1 
ATOM 485 C C7    . DT C 3 3  ? 10.37598  16.36047  9.44485   1.000 264.05174 ? 100 DT D C7    1 
ATOM 486 C C6    . DT C 3 3  ? 11.05887  15.52852  11.68176  1.000 260.09975 ? 100 DT D C6    1 
ATOM 487 P P     . DG C 3 4  ? 14.62123  11.52105  15.11744  1.000 233.27097 ? 101 DG D P     1 
ATOM 488 O OP1   . DG C 3 4  ? 15.86301  11.70648  15.90373  1.000 221.47438 ? 101 DG D OP1   1 
ATOM 489 O OP2   . DG C 3 4  ? 14.69466  10.92791  13.76190  1.000 235.13972 ? 101 DG D OP2   1 
ATOM 490 O "O5'" . DG C 3 4  ? 13.55071  10.67436  15.96259  1.000 236.70020 ? 101 DG D "O5'" 1 
ATOM 491 C "C5'" . DG C 3 4  ? 13.02469  11.18838  17.19059  1.000 233.42364 ? 101 DG D "C5'" 1 
ATOM 492 C "C4'" . DG C 3 4  ? 11.56495  10.79112  17.38075  1.000 227.90149 ? 101 DG D "C4'" 1 
ATOM 493 O "O4'" . DG C 3 4  ? 10.71329  11.60705  16.52659  1.000 225.06730 ? 101 DG D "O4'" 1 
ATOM 494 C "C3'" . DG C 3 4  ? 11.21870  9.34258   17.02941  1.000 232.77263 ? 101 DG D "C3'" 1 
ATOM 495 O "O3'" . DG C 3 4  ? 10.14593  8.91615   17.84830  1.000 235.52521 ? 101 DG D "O3'" 1 
ATOM 496 C "C2'" . DG C 3 4  ? 10.74548  9.48679   15.59090  1.000 233.75371 ? 101 DG D "C2'" 1 
ATOM 497 C "C1'" . DG C 3 4  ? 9.92293   10.75478  15.73094  1.000 226.74076 ? 101 DG D "C1'" 1 
ATOM 498 N N9    . DG C 3 4  ? 9.63776   11.41527  14.47288  1.000 230.11251 ? 101 DG D N9    1 
ATOM 499 C C8    . DG C 3 4  ? 10.45473  11.49181  13.37707  1.000 232.81208 ? 101 DG D C8    1 
ATOM 500 N N7    . DG C 3 4  ? 9.93305   12.15031  12.38122  1.000 244.80598 ? 101 DG D N7    1 
ATOM 501 C C5    . DG C 3 4  ? 8.68085   12.52465  12.84253  1.000 250.53037 ? 101 DG D C5    1 
ATOM 502 C C6    . DG C 3 4  ? 7.64800   13.25955  12.20449  1.000 261.97696 ? 101 DG D C6    1 
ATOM 503 O O6    . DG C 3 4  ? 7.64167   13.73776  11.06019  1.000 261.13460 ? 101 DG D O6    1 
ATOM 504 N N1    . DG C 3 4  ? 6.53803   13.41430  13.03053  1.000 262.24484 ? 101 DG D N1    1 
ATOM 505 C C2    . DG C 3 4  ? 6.43320   12.92463  14.31210  1.000 259.04320 ? 101 DG D C2    1 
ATOM 506 N N2    . DG C 3 4  ? 5.28628   13.17640  14.96200  1.000 257.79634 ? 101 DG D N2    1 
ATOM 507 N N3    . DG C 3 4  ? 7.39234   12.23783  14.92374  1.000 251.28680 ? 101 DG D N3    1 
ATOM 508 C C4    . DG C 3 4  ? 8.47876   12.07892  14.12910  1.000 246.26083 ? 101 DG D C4    1 
ATOM 509 P P     . DA C 3 5  ? 10.35935  7.82036   19.00653  1.000 239.19714 ? 102 DA D P     1 
ATOM 510 O OP1   . DA C 3 5  ? 11.21665  8.43410   20.04774  1.000 230.39451 ? 102 DA D OP1   1 
ATOM 511 O OP2   . DA C 3 5  ? 10.76416  6.54259   18.37510  1.000 233.02742 ? 102 DA D OP2   1 
ATOM 512 O "O5'" . DA C 3 5  ? 8.88146   7.64799   19.60231  1.000 234.23692 ? 102 DA D "O5'" 1 
ATOM 513 C "C5'" . DA C 3 5  ? 7.90391   8.68271   19.39671  1.000 230.74698 ? 102 DA D "C5'" 1 
ATOM 514 C "C4'" . DA C 3 5  ? 6.64464   8.12165   18.76134  1.000 220.55921 ? 102 DA D "C4'" 1 
ATOM 515 O "O4'" . DA C 3 5  ? 6.38477   8.78191   17.48852  1.000 209.37837 ? 102 DA D "O4'" 1 
ATOM 516 C "C3'" . DA C 3 5  ? 6.70104   6.62739   18.45022  1.000 225.14234 ? 102 DA D "C3'" 1 
ATOM 517 O "O3'" . DA C 3 5  ? 5.44192   6.05063   18.69560  1.000 227.08124 ? 102 DA D "O3'" 1 
ATOM 518 C "C2'" . DA C 3 5  ? 7.02074   6.61528   16.96448  1.000 222.95177 ? 102 DA D "C2'" 1 
ATOM 519 C "C1'" . DA C 3 5  ? 6.19432   7.79897   16.49830  1.000 215.75908 ? 102 DA D "C1'" 1 
ATOM 520 N N9    . DA C 3 5  ? 6.63455   8.32325   15.21985  1.000 222.65125 ? 102 DA D N9    1 
ATOM 521 C C8    . DA C 3 5  ? 7.84940   8.13595   14.63338  1.000 225.94649 ? 102 DA D C8    1 
ATOM 522 N N7    . DA C 3 5  ? 7.97669   8.72458   13.47148  1.000 235.13283 ? 102 DA D N7    1 
ATOM 523 C C5    . DA C 3 5  ? 6.75118   9.33943   13.27554  1.000 240.03315 ? 102 DA D C5    1 
ATOM 524 C C6    . DA C 3 5  ? 6.23719   10.12775  12.22959  1.000 244.43589 ? 102 DA D C6    1 
ATOM 525 N N6    . DA C 3 5  ? 6.94288   10.44051  11.12996  1.000 241.21074 ? 102 DA D N6    1 
ATOM 526 N N1    . DA C 3 5  ? 4.96844   10.58471  12.35180  1.000 244.77694 ? 102 DA D N1    1 
ATOM 527 C C2    . DA C 3 5  ? 4.27176   10.26746  13.45297  1.000 242.72225 ? 102 DA D C2    1 
ATOM 528 N N3    . DA C 3 5  ? 4.64607   9.53617   14.49886  1.000 238.55202 ? 102 DA D N3    1 
ATOM 529 C C4    . DA C 3 5  ? 5.90579   9.10033   14.34714  1.000 234.26228 ? 102 DA D C4    1 
ATOM 530 P P     . DC C 3 6  ? 5.16983   5.22724   20.04752  1.000 237.78155 ? 103 DC D P     1 
ATOM 531 O OP1   . DC C 3 6  ? 5.48147   6.11710   21.19182  1.000 224.98421 ? 103 DC D OP1   1 
ATOM 532 O OP2   . DC C 3 6  ? 5.86651   3.92565   19.93679  1.000 239.44320 ? 103 DC D OP2   1 
ATOM 533 O "O5'" . DC C 3 6  ? 3.59469   4.94733   19.98443  1.000 224.02159 ? 103 DC D "O5'" 1 
ATOM 534 C "C5'" . DC C 3 6  ? 2.70194   6.00998   19.66968  1.000 214.51290 ? 103 DC D "C5'" 1 
ATOM 535 C "C4'" . DC C 3 6  ? 1.89075   5.70438   18.41696  1.000 215.53504 ? 103 DC D "C4'" 1 
ATOM 536 O "O4'" . DC C 3 6  ? 2.53403   6.27156   17.23996  1.000 221.19463 ? 103 DC D "O4'" 1 
ATOM 537 C "C3'" . DC C 3 6  ? 1.67365   4.21505   18.09662  1.000 216.86167 ? 103 DC D "C3'" 1 
ATOM 538 O "O3'" . DC C 3 6  ? 0.29073   3.99699   17.80539  1.000 223.49293 ? 103 DC D "O3'" 1 
ATOM 539 C "C2'" . DC C 3 6  ? 2.54009   4.01021   16.85241  1.000 215.55544 ? 103 DC D "C2'" 1 
ATOM 540 C "C1'" . DC C 3 6  ? 2.37509   5.35751   16.18311  1.000 223.47685 ? 103 DC D "C1'" 1 
ATOM 541 N N1    . DC C 3 6  ? 3.38738   5.63301   15.12729  1.000 226.15940 ? 103 DC D N1    1 
ATOM 542 C C2    . DC C 3 6  ? 3.10079   6.55405   14.09357  1.000 221.92439 ? 103 DC D C2    1 
ATOM 543 O O2    . DC C 3 6  ? 2.00398   7.13124   14.08209  1.000 216.26068 ? 103 DC D O2    1 
ATOM 544 N N3    . DC C 3 6  ? 4.03352   6.77642   13.15274  1.000 221.07033 ? 103 DC D N3    1 
ATOM 545 C C4    . DC C 3 6  ? 5.20525   6.14091   13.18947  1.000 226.54558 ? 103 DC D C4    1 
ATOM 546 N N4    . DC C 3 6  ? 6.09312   6.40282   12.23438  1.000 229.60042 ? 103 DC D N4    1 
ATOM 547 C C5    . DC C 3 6  ? 5.51642   5.19905   14.21889  1.000 224.57289 ? 103 DC D C5    1 
ATOM 548 C C6    . DC C 3 6  ? 4.58880   4.98148   15.15000  1.000 222.20429 ? 103 DC D C6    1 
ATOM 549 P P     . DT C 3 7  ? -0.29106  2.52586   17.50680  1.000 226.44488 ? 104 DT D P     1 
ATOM 550 O OP1   . DT C 3 7  ? -0.94204  2.07047   18.75294  1.000 223.64075 ? 104 DT D OP1   1 
ATOM 551 O OP2   . DT C 3 7  ? 0.73889   1.66762   16.88124  1.000 222.03674 ? 104 DT D OP2   1 
ATOM 552 O "O5'" . DT C 3 7  ? -1.42493  2.78709   16.40132  1.000 215.34213 ? 104 DT D "O5'" 1 
ATOM 553 C "C5'" . DT C 3 7  ? -2.42704  3.78572   16.62430  1.000 209.40513 ? 104 DT D "C5'" 1 
ATOM 554 C "C4'" . DT C 3 7  ? -2.75796  4.53764   15.34210  1.000 211.09145 ? 104 DT D "C4'" 1 
ATOM 555 O "O4'" . DT C 3 7  ? -1.53139  4.97194   14.68353  1.000 213.61063 ? 104 DT D "O4'" 1 
ATOM 556 C "C3'" . DT C 3 7  ? -3.53646  3.73881   14.29453  1.000 216.15644 ? 104 DT D "C3'" 1 
ATOM 557 O "O3'" . DT C 3 7  ? -4.50409  4.59346   13.67919  1.000 224.62890 ? 104 DT D "O3'" 1 
ATOM 558 C "C2'" . DT C 3 7  ? -2.44036  3.33005   13.31048  1.000 216.12443 ? 104 DT D "C2'" 1 
ATOM 559 C "C1'" . DT C 3 7  ? -1.57188  4.57727   13.32967  1.000 215.26334 ? 104 DT D "C1'" 1 
ATOM 560 N N1    . DT C 3 7  ? -0.16136  4.36661   12.82833  1.000 219.22546 ? 104 DT D N1    1 
ATOM 561 C C2    . DT C 3 7  ? 0.26349   5.05926   11.71293  1.000 219.31788 ? 104 DT D C2    1 
ATOM 562 O O2    . DT C 3 7  ? -0.43977  5.84499   11.10840  1.000 221.17035 ? 104 DT D O2    1 
ATOM 563 N N3    . DT C 3 7  ? 1.56433   4.80365   11.33834  1.000 219.97356 ? 104 DT D N3    1 
ATOM 564 C C4    . DT C 3 7  ? 2.45633   3.94180   11.95148  1.000 223.33071 ? 104 DT D C4    1 
ATOM 565 O O4    . DT C 3 7  ? 3.60120   3.77889   11.54233  1.000 224.36149 ? 104 DT D O4    1 
ATOM 566 C C5    . DT C 3 7  ? 1.94169   3.24742   13.11043  1.000 220.85869 ? 104 DT D C5    1 
ATOM 567 C C7    . DT C 3 7  ? 2.81833   2.27751   13.85176  1.000 213.11665 ? 104 DT D C7    1 
ATOM 568 C C6    . DT C 3 7  ? 0.67435   3.48977   13.49119  1.000 219.41990 ? 104 DT D C6    1 
ATOM 569 P P     . DC C 3 8  ? -5.75814  3.98404   12.87143  1.000 233.42593 ? 105 DC D P     1 
ATOM 570 O OP1   . DC C 3 8  ? -6.97215  4.23072   13.67838  1.000 233.17537 ? 105 DC D OP1   1 
ATOM 571 O OP2   . DC C 3 8  ? -5.43867  2.59507   12.47317  1.000 222.87916 ? 105 DC D OP2   1 
ATOM 572 O "O5'" . DC C 3 8  ? -5.83747  4.90257   11.56007  1.000 221.98527 ? 105 DC D "O5'" 1 
ATOM 573 C "C5'" . DC C 3 8  ? -4.63848  5.38001   10.94730  1.000 215.57636 ? 105 DC D "C5'" 1 
ATOM 574 C "C4'" . DC C 3 8  ? -4.50352  4.84738   9.52987   1.000 214.85750 ? 105 DC D "C4'" 1 
ATOM 575 O "O4'" . DC C 3 8  ? -3.13159  4.40736   9.30062   1.000 214.50191 ? 105 DC D "O4'" 1 
ATOM 576 C "C3'" . DC C 3 8  ? -5.37100  3.62397   9.20784   1.000 214.86914 ? 105 DC D "C3'" 1 
ATOM 577 O "O3'" . DC C 3 8  ? -5.66305  3.60382   7.82183   1.000 213.00142 ? 105 DC D "O3'" 1 
ATOM 578 C "C2'" . DC C 3 8  ? -4.41589  2.49524   9.53690   1.000 214.02480 ? 105 DC D "C2'" 1 
ATOM 579 C "C1'" . DC C 3 8  ? -3.16778  3.05670   8.88698   1.000 216.28188 ? 105 DC D "C1'" 1 
ATOM 580 N N1    . DC C 3 8  ? -1.90008  2.37142   9.27287   1.000 217.80959 ? 105 DC D N1    1 
ATOM 581 C C2    . DC C 3 8  ? -0.75603  2.55214   8.48637   1.000 215.32006 ? 105 DC D C2    1 
ATOM 582 O O2    . DC C 3 8  ? -0.81310  3.29226   7.49375   1.000 207.38219 ? 105 DC D O2    1 
ATOM 583 N N3    . DC C 3 8  ? 0.38594   1.91663   8.83561   1.000 216.51060 ? 105 DC D N3    1 
ATOM 584 C C4    . DC C 3 8  ? 0.41100   1.12424   9.91056   1.000 214.18419 ? 105 DC D C4    1 
ATOM 585 N N4    . DC C 3 8  ? 1.56413   0.52226   10.21246  1.000 207.64985 ? 105 DC D N4    1 
ATOM 586 C C5    . DC C 3 8  ? -0.74665  0.91706   10.72084  1.000 211.57973 ? 105 DC D C5    1 
ATOM 587 C C6    . DC C 3 8  ? -1.87159  1.54838   10.36674  1.000 215.77410 ? 105 DC D C6    1 
ATOM 588 P P     . DT C 3 9  ? -7.03518  4.20407   7.24277   1.000 209.74956 ? 106 DT D P     1 
ATOM 589 O OP1   . DT C 3 9  ? -7.21074  5.56722   7.78857   1.000 208.89133 ? 106 DT D OP1   1 
ATOM 590 O OP2   . DT C 3 9  ? -8.08883  3.18623   7.44693   1.000 217.22882 ? 106 DT D OP2   1 
ATOM 591 O "O5'" . DT C 3 9  ? -6.74310  4.32072   5.67185   1.000 209.39026 ? 106 DT D "O5'" 1 
ATOM 592 C "C5'" . DT C 3 9  ? -5.54478  4.96458   5.22003   1.000 208.97633 ? 106 DT D "C5'" 1 
ATOM 593 C "C4'" . DT C 3 9  ? -4.73662  4.06354   4.29243   1.000 214.00575 ? 106 DT D "C4'" 1 
ATOM 594 O "O4'" . DT C 3 9  ? -3.73195  3.35196   5.04140   1.000 217.42214 ? 106 DT D "O4'" 1 
ATOM 595 C "C3'" . DT C 3 9  ? -5.53734  2.99486   3.54506   1.000 217.25696 ? 106 DT D "C3'" 1 
ATOM 596 O "O3'" . DT C 3 9  ? -5.64757  3.36534   2.16810   1.000 220.20080 ? 106 DT D "O3'" 1 
ATOM 597 C "C2'" . DT C 3 9  ? -4.72882  1.68989   3.74160   1.000 213.60025 ? 106 DT D "C2'" 1 
ATOM 598 C "C1'" . DT C 3 9  ? -3.41562  2.17241   4.35085   1.000 213.23322 ? 106 DT D "C1'" 1 
ATOM 599 N N1    . DT C 3 9  ? -2.80146  1.21431   5.32714   1.000 214.49659 ? 106 DT D N1    1 
ATOM 600 C C2    . DT C 3 9  ? -1.46461  0.87936   5.20551   1.000 213.08767 ? 106 DT D C2    1 
ATOM 601 O O2    . DT C 3 9  ? -0.74639  1.31580   4.32420   1.000 207.72846 ? 106 DT D O2    1 
ATOM 602 N N3    . DT C 3 9  ? -1.00270  0.00803   6.15910   1.000 217.80610 ? 106 DT D N3    1 
ATOM 603 C C4    . DT C 3 9  ? -1.72170  -0.54922  7.20333   1.000 214.79554 ? 106 DT D C4    1 
ATOM 604 O O4    . DT C 3 9  ? -1.21772  -1.32543  8.01243   1.000 207.89041 ? 106 DT D O4    1 
ATOM 605 C C5    . DT C 3 9  ? -3.11268  -0.15430  7.27605   1.000 210.83106 ? 106 DT D C5    1 
ATOM 606 C C7    . DT C 3 9  ? -3.99178  -0.69952  8.36187   1.000 201.29115 ? 106 DT D C7    1 
ATOM 607 C C6    . DT C 3 9  ? -3.57574  0.69771   6.34758   1.000 211.78321 ? 106 DT D C6    1 
ATOM 608 P P     . DG C 3 10 ? -6.16184  2.31773   1.06055   1.000 229.22599 ? 107 DG D P     1 
ATOM 609 O OP1   . DG C 3 10 ? -6.73440  3.11395   -0.04956  1.000 230.13510 ? 107 DG D OP1   1 
ATOM 610 O OP2   . DG C 3 10 ? -7.00103  1.28700   1.71396   1.000 218.86236 ? 107 DG D OP2   1 
ATOM 611 O "O5'" . DG C 3 10 ? -4.81259  1.61526   0.55613   1.000 217.61813 ? 107 DG D "O5'" 1 
ATOM 612 C "C5'" . DG C 3 10 ? -3.64952  2.40981   0.28355   1.000 210.84283 ? 107 DG D "C5'" 1 
ATOM 613 C "C4'" . DG C 3 10 ? -2.49193  1.55079   -0.21206  1.000 200.33416 ? 107 DG D "C4'" 1 
ATOM 614 O "O4'" . DG C 3 10 ? -1.87392  0.85835   0.90559   1.000 194.69241 ? 107 DG D "O4'" 1 
ATOM 615 C "C3'" . DG C 3 10 ? -2.86606  0.46606   -1.22471  1.000 203.89167 ? 107 DG D "C3'" 1 
ATOM 616 O "O3'" . DG C 3 10 ? -1.82786  0.33984   -2.20347  1.000 202.62013 ? 107 DG D "O3'" 1 
ATOM 617 C "C2'" . DG C 3 10 ? -2.97363  -0.78542  -0.35263  1.000 202.99553 ? 107 DG D "C2'" 1 
ATOM 618 C "C1'" . DG C 3 10 ? -1.87298  -0.53517  0.67125   1.000 199.65359 ? 107 DG D "C1'" 1 
ATOM 619 N N9    . DG C 3 10 ? -2.09103  -1.20106  1.94636   1.000 205.15172 ? 107 DG D N9    1 
ATOM 620 C C8    . DG C 3 10 ? -3.26315  -1.23212  2.66517   1.000 206.14038 ? 107 DG D C8    1 
ATOM 621 N N7    . DG C 3 10 ? -3.17314  -1.89085  3.78328   1.000 213.17464 ? 107 DG D N7    1 
ATOM 622 C C5    . DG C 3 10 ? -1.85476  -2.32637  3.82442   1.000 217.63153 ? 107 DG D C5    1 
ATOM 623 C C6    . DG C 3 10 ? -1.17297  -3.09040  4.80405   1.000 215.22039 ? 107 DG D C6    1 
ATOM 624 O O6    . DG C 3 10 ? -1.62156  -3.55054  5.87005   1.000 212.20403 ? 107 DG D O6    1 
ATOM 625 N N1    . DG C 3 10 ? 0.15699   -3.31123  4.45735   1.000 207.35903 ? 107 DG D N1    1 
ATOM 626 C C2    . DG C 3 10 ? 0.75730   -2.85454  3.30364   1.000 205.23009 ? 107 DG D C2    1 
ATOM 627 N N2    . DG C 3 10 ? 2.05372   -3.16569  3.14266   1.000 193.83848 ? 107 DG D N2    1 
ATOM 628 N N3    . DG C 3 10 ? 0.13184   -2.13264  2.37302   1.000 208.28851 ? 107 DG D N3    1 
ATOM 629 C C4    . DG C 3 10 ? -1.17129  -1.90822  2.70051   1.000 214.34637 ? 107 DG D C4    1 
ATOM 630 P P     . DT C 3 11 ? -2.18240  0.08291   -3.75542  1.000 199.31167 ? 108 DT D P     1 
ATOM 631 O OP1   . DT C 3 11 ? -1.76124  1.28629   -4.52198  1.000 188.65091 ? 108 DT D OP1   1 
ATOM 632 O OP2   . DT C 3 11 ? -3.58854  -0.39130  -3.82054  1.000 202.56384 ? 108 DT D OP2   1 
ATOM 633 O "O5'" . DT C 3 11 ? -1.23257  -1.14845  -4.15659  1.000 215.55514 ? 108 DT D "O5'" 1 
ATOM 634 C "C5'" . DT C 3 11 ? -1.17357  -2.31408  -3.31830  1.000 214.71487 ? 108 DT D "C5'" 1 
ATOM 635 C "C4'" . DT C 3 11 ? 0.23523   -2.88856  -3.27223  1.000 211.69512 ? 108 DT D "C4'" 1 
ATOM 636 O "O4'" . DT C 3 11 ? 0.56461   -3.21216  -1.90248  1.000 206.08899 ? 108 DT D "O4'" 1 
ATOM 637 C "C3'" . DT C 3 11 ? 0.42923   -4.19157  -4.03583  1.000 206.54977 ? 108 DT D "C3'" 1 
ATOM 638 O "O3'" . DT C 3 11 ? 1.82142   -4.38323  -4.35719  1.000 211.35693 ? 108 DT D "O3'" 1 
ATOM 639 C "C2'" . DT C 3 11 ? -0.05753  -5.21007  -3.01835  1.000 198.64643 ? 108 DT D "C2'" 1 
ATOM 640 C "C1'" . DT C 3 11 ? 0.45413   -4.61072  -1.70355  1.000 201.32072 ? 108 DT D "C1'" 1 
ATOM 641 N N1    . DT C 3 11 ? -0.46111  -4.85339  -0.53939  1.000 205.53136 ? 108 DT D N1    1 
ATOM 642 C C2    . DT C 3 11 ? 0.01767   -5.47562  0.59472   1.000 208.86448 ? 108 DT D C2    1 
ATOM 643 O O2    . DT C 3 11 ? 1.17487   -5.85103  0.72416   1.000 205.11883 ? 108 DT D O2    1 
ATOM 644 N N3    . DT C 3 11 ? -0.91305  -5.64857  1.59647   1.000 213.37556 ? 108 DT D N3    1 
ATOM 645 C C4    . DT C 3 11 ? -2.24255  -5.26171  1.56145   1.000 215.66576 ? 108 DT D C4    1 
ATOM 646 O O4    . DT C 3 11 ? -3.01078  -5.46316  2.50657   1.000 215.88502 ? 108 DT D O4    1 
ATOM 647 C C5    . DT C 3 11 ? -2.68538  -4.62420  0.34860   1.000 210.81692 ? 108 DT D C5    1 
ATOM 648 C C7    . DT C 3 11 ? -4.10333  -4.17181  0.19790   1.000 208.41037 ? 108 DT D C7    1 
ATOM 649 C C6    . DT C 3 11 ? -1.77934  -4.45228  -0.63215  1.000 205.90725 ? 108 DT D C6    1 
ATOM 650 P P     . DG C 3 12 ? 2.41925   -3.82410  -5.74700  1.000 223.45370 ? 109 DG D P     1 
ATOM 651 O OP1   . DG C 3 12 ? 3.68168   -3.11333  -5.44192  1.000 215.10894 ? 109 DG D OP1   1 
ATOM 652 O OP2   . DG C 3 12 ? 1.35204   -3.08224  -6.46055  1.000 231.94341 ? 109 DG D OP2   1 
ATOM 653 O "O5'" . DG C 3 12 ? 2.76979   -5.15245  -6.57822  1.000 233.88747 ? 109 DG D "O5'" 1 
ATOM 654 C "C5'" . DG C 3 12 ? 1.74515   -6.10757  -6.89547  1.000 235.81321 ? 109 DG D "C5'" 1 
ATOM 655 C "C4'" . DG C 3 12 ? 1.78448   -6.48795  -8.37398  1.000 247.46485 ? 109 DG D "C4'" 1 
ATOM 656 O "O4'" . DG C 3 12 ? 0.89553   -5.61533  -9.12737  1.000 243.40299 ? 109 DG D "O4'" 1 
ATOM 657 C "C3'" . DG C 3 12 ? 3.15523   -6.38037  -9.04556  1.000 249.42672 ? 109 DG D "C3'" 1 
ATOM 658 O "O3'" . DG C 3 12 ? 3.36785   -7.48741  -9.93024  1.000 253.06728 ? 109 DG D "O3'" 1 
ATOM 659 C "C2'" . DG C 3 12 ? 3.06411   -5.06079  -9.80402  1.000 245.18724 ? 109 DG D "C2'" 1 
ATOM 660 C "C1'" . DG C 3 12 ? 1.60131   -5.00619  -10.19096 1.000 237.76997 ? 109 DG D "C1'" 1 
ATOM 661 N N9    . DG C 3 12 ? 1.12299   -3.63568  -10.33519 1.000 232.84915 ? 109 DG D N9    1 
ATOM 662 C C8    . DG C 3 12 ? 0.51898   -2.87477  -9.36829  1.000 233.70796 ? 109 DG D C8    1 
ATOM 663 N N7    . DG C 3 12 ? 0.21078   -1.67486  -9.76591  1.000 233.80426 ? 109 DG D N7    1 
ATOM 664 C C5    . DG C 3 12 ? 0.65110   -1.62643  -11.08451 1.000 236.73378 ? 109 DG D C5    1 
ATOM 665 C C6    . DG C 3 12 ? 0.58899   -0.57319  -12.02536 1.000 238.57494 ? 109 DG D C6    1 
ATOM 666 O O6    . DG C 3 12 ? 0.11625   0.56049   -11.87397 1.000 236.94052 ? 109 DG D O6    1 
ATOM 667 N N1    . DG C 3 12 ? 1.14809   -0.93580  -13.25032 1.000 238.70340 ? 109 DG D N1    1 
ATOM 668 C C2    . DG C 3 12 ? 1.70040   -2.16708  -13.52991 1.000 241.59662 ? 109 DG D C2    1 
ATOM 669 N N2    . DG C 3 12 ? 2.19379   -2.32884  -14.76942 1.000 243.10626 ? 109 DG D N2    1 
ATOM 670 N N3    . DG C 3 12 ? 1.76761   -3.16633  -12.65163 1.000 239.83315 ? 109 DG D N3    1 
ATOM 671 C C4    . DG C 3 12 ? 1.22508   -2.82819  -11.45105 1.000 236.54840 ? 109 DG D C4    1 
ATOM 672 P P     . DC C 3 13 ? 4.42348   -7.39871  -11.14374 1.000 250.58352 ? 110 DC D P     1 
ATOM 673 O OP1   . DC C 3 13 ? 3.70384   -6.82051  -12.30655 1.000 243.94581 ? 110 DC D OP1   1 
ATOM 674 O OP2   . DC C 3 13 ? 5.05392   -8.73143  -11.26144 1.000 247.14508 ? 110 DC D OP2   1 
ATOM 675 O "O5'" . DC C 3 13 ? 5.56857   -6.39217  -10.62911 1.000 249.50375 ? 110 DC D "O5'" 1 
ATOM 676 C "C5'" . DC C 3 13 ? 6.86610   -6.36456  -11.25020 1.000 249.55124 ? 110 DC D "C5'" 1 
ATOM 677 C "C4'" . DC C 3 13 ? 6.77844   -6.00482  -12.72762 1.000 256.99106 ? 110 DC D "C4'" 1 
ATOM 678 O "O4'" . DC C 3 13 ? 5.71635   -5.04034  -12.93822 1.000 258.05044 ? 110 DC D "O4'" 1 
ATOM 679 C "C3'" . DC C 3 13 ? 8.03054   -5.36214  -13.31073 1.000 256.20599 ? 110 DC D "C3'" 1 
ATOM 680 O "O3'" . DC C 3 13 ? 8.13869   -5.68139  -14.69425 1.000 265.00035 ? 110 DC D "O3'" 1 
ATOM 681 C "C2'" . DC C 3 13 ? 7.75761   -3.87751  -13.10290 1.000 259.86454 ? 110 DC D "C2'" 1 
ATOM 682 C "C1'" . DC C 3 13 ? 6.25749   -3.80562  -13.37089 1.000 260.17043 ? 110 DC D "C1'" 1 
ATOM 683 N N1    . DC C 3 13 ? 5.57269   -2.72452  -12.61736 1.000 258.98565 ? 110 DC D N1    1 
ATOM 684 C C2    . DC C 3 13 ? 5.32118   -1.48172  -13.22562 1.000 253.82338 ? 110 DC D C2    1 
ATOM 685 O O2    . DC C 3 13 ? 5.67814   -1.29177  -14.39871 1.000 247.20282 ? 110 DC D O2    1 
ATOM 686 N N3    . DC C 3 13 ? 4.69222   -0.52316  -12.50430 1.000 254.13936 ? 110 DC D N3    1 
ATOM 687 C C4    . DC C 3 13 ? 4.31883   -0.76502  -11.24250 1.000 255.90184 ? 110 DC D C4    1 
ATOM 688 N N4    . DC C 3 13 ? 3.70440   0.20945   -10.56911 1.000 260.99381 ? 110 DC D N4    1 
ATOM 689 C C5    . DC C 3 13 ? 4.56804   -2.01725  -10.61281 1.000 254.72612 ? 110 DC D C5    1 
ATOM 690 C C6    . DC C 3 13 ? 5.18872   -2.95463  -11.32876 1.000 255.82774 ? 110 DC D C6    1 
ATOM 691 O "O5'" . DG D 4 1  ? 3.27207   5.38923   -6.69377  1.000 305.40313 ? 104 DG E "O5'" 1 
ATOM 692 C "C5'" . DG D 4 1  ? 4.34003   4.45025   -6.80604  1.000 309.32220 ? 104 DG E "C5'" 1 
ATOM 693 C "C4'" . DG D 4 1  ? 5.58407   4.93922   -6.07763  1.000 319.27993 ? 104 DG E "C4'" 1 
ATOM 694 O "O4'" . DG D 4 1  ? 6.53323   3.84793   -5.95772  1.000 316.51095 ? 104 DG E "O4'" 1 
ATOM 695 C "C3'" . DG D 4 1  ? 6.35356   6.05573   -6.77133  1.000 318.75796 ? 104 DG E "C3'" 1 
ATOM 696 O "O3'" . DG D 4 1  ? 5.80426   7.33176   -6.41720  1.000 333.37824 ? 104 DG E "O3'" 1 
ATOM 697 C "C2'" . DG D 4 1  ? 7.75909   5.86794   -6.20281  1.000 310.43384 ? 104 DG E "C2'" 1 
ATOM 698 C "C1'" . DG D 4 1  ? 7.85836   4.34149   -6.08607  1.000 310.30175 ? 104 DG E "C1'" 1 
ATOM 699 N N9    . DG D 4 1  ? 8.51053   3.64374   -7.21343  1.000 307.58598 ? 104 DG E N9    1 
ATOM 700 C C8    . DG D 4 1  ? 8.88347   2.31835   -7.22644  1.000 302.98422 ? 104 DG E C8    1 
ATOM 701 N N7    . DG D 4 1  ? 9.43405   1.93476   -8.34123  1.000 302.95639 ? 104 DG E N7    1 
ATOM 702 C C5    . DG D 4 1  ? 9.43367   3.07467   -9.13881  1.000 306.88405 ? 104 DG E C5    1 
ATOM 703 C C6    . DG D 4 1  ? 9.90898   3.25548   -10.45908 1.000 312.14863 ? 104 DG E C6    1 
ATOM 704 O O6    . DG D 4 1  ? 10.43978  2.42293   -11.20935 1.000 313.56523 ? 104 DG E O6    1 
ATOM 705 N N1    . DG D 4 1  ? 9.72101   4.56452   -10.90392 1.000 308.94521 ? 104 DG E N1    1 
ATOM 706 C C2    . DG D 4 1  ? 9.14646   5.56711   -10.16317 1.000 301.35517 ? 104 DG E C2    1 
ATOM 707 N N2    . DG D 4 1  ? 9.05064   6.76646   -10.76201 1.000 291.62914 ? 104 DG E N2    1 
ATOM 708 N N3    . DG D 4 1  ? 8.69602   5.41342   -8.92703  1.000 306.71015 ? 104 DG E N3    1 
ATOM 709 C C4    . DG D 4 1  ? 8.86936   4.13994   -8.46783  1.000 308.48483 ? 104 DG E C4    1 
ATOM 710 P P     . DA D 4 2  ? 6.24155   8.66771   -7.20515  1.000 325.32773 ? 105 DA E P     1 
ATOM 711 O OP1   . DA D 4 2  ? 7.64866   8.95896   -6.85429  1.000 302.45694 ? 105 DA E OP1   1 
ATOM 712 O OP2   . DA D 4 2  ? 5.19709   9.68585   -6.95213  1.000 312.80860 ? 105 DA E OP2   1 
ATOM 713 O "O5'" . DA D 4 2  ? 6.17142   8.26432   -8.75545  1.000 305.96466 ? 105 DA E "O5'" 1 
ATOM 714 C "C5'" . DA D 4 2  ? 5.02823   8.61634   -9.54393  1.000 303.83923 ? 105 DA E "C5'" 1 
ATOM 715 C "C4'" . DA D 4 2  ? 5.40611   8.76162   -11.01389 1.000 294.49280 ? 105 DA E "C4'" 1 
ATOM 716 O "O4'" . DA D 4 2  ? 6.22350   7.63723   -11.41521 1.000 292.71490 ? 105 DA E "O4'" 1 
ATOM 717 C "C3'" . DA D 4 2  ? 4.24271   8.74100   -11.99111 1.000 287.64710 ? 105 DA E "C3'" 1 
ATOM 718 O "O3'" . DA D 4 2  ? 4.65716   9.32026   -13.24767 1.000 288.21047 ? 105 DA E "O3'" 1 
ATOM 719 C "C2'" . DA D 4 2  ? 3.99330   7.24056   -12.11788 1.000 279.20759 ? 105 DA E "C2'" 1 
ATOM 720 C "C1'" . DA D 4 2  ? 5.41937   6.67827   -12.09051 1.000 287.29780 ? 105 DA E "C1'" 1 
ATOM 721 N N9    . DA D 4 2  ? 5.54775   5.40420   -11.38087 1.000 299.43677 ? 105 DA E N9    1 
ATOM 722 C C8    . DA D 4 2  ? 5.19529   5.14517   -10.08713 1.000 302.48566 ? 105 DA E C8    1 
ATOM 723 N N7    . DA D 4 2  ? 5.44363   3.91452   -9.70308  1.000 301.13989 ? 105 DA E N7    1 
ATOM 724 C C5    . DA D 4 2  ? 6.00477   3.32371   -10.81945 1.000 301.57102 ? 105 DA E C5    1 
ATOM 725 C C6    . DA D 4 2  ? 6.48795   2.01976   -11.05960 1.000 289.89864 ? 105 DA E C6    1 
ATOM 726 N N6    . DA D 4 2  ? 6.47627   1.05152   -10.13659 1.000 284.05439 ? 105 DA E N6    1 
ATOM 727 N N1    . DA D 4 2  ? 6.98701   1.75413   -12.28700 1.000 283.09367 ? 105 DA E N1    1 
ATOM 728 C C2    . DA D 4 2  ? 6.99765   2.72981   -13.20399 1.000 283.05175 ? 105 DA E C2    1 
ATOM 729 N N3    . DA D 4 2  ? 6.57160   3.99029   -13.09422 1.000 288.16275 ? 105 DA E N3    1 
ATOM 730 C C4    . DA D 4 2  ? 6.08310   4.22334   -11.86593 1.000 300.07230 ? 105 DA E C4    1 
ATOM 731 P P     . DG D 4 3  ? 3.58012   9.89152   -14.30619 1.000 287.78265 ? 106 DG E P     1 
ATOM 732 O OP1   . DG D 4 3  ? 3.74155   11.36247  -14.35390 1.000 278.06674 ? 106 DG E OP1   1 
ATOM 733 O OP2   . DG D 4 3  ? 2.26120   9.30335   -13.98859 1.000 279.28264 ? 106 DG E OP2   1 
ATOM 734 O "O5'" . DG D 4 3  ? 4.06752   9.28960   -15.71332 1.000 272.51107 ? 106 DG E "O5'" 1 
ATOM 735 C "C5'" . DG D 4 3  ? 3.15065   9.16311   -16.80896 1.000 260.22706 ? 106 DG E "C5'" 1 
ATOM 736 C "C4'" . DG D 4 3  ? 3.52888   7.97808   -17.68962 1.000 256.46058 ? 106 DG E "C4'" 1 
ATOM 737 O "O4'" . DG D 4 3  ? 3.99850   6.88440   -16.85346 1.000 260.09659 ? 106 DG E "O4'" 1 
ATOM 738 C "C3'" . DG D 4 3  ? 2.38846   7.40081   -18.52807 1.000 253.10013 ? 106 DG E "C3'" 1 
ATOM 739 O "O3'" . DG D 4 3  ? 2.87926   6.92883   -19.78531 1.000 249.70278 ? 106 DG E "O3'" 1 
ATOM 740 C "C2'" . DG D 4 3  ? 1.87890   6.25533   -17.66019 1.000 254.15919 ? 106 DG E "C2'" 1 
ATOM 741 C "C1'" . DG D 4 3  ? 3.15961   5.75338   -17.00578 1.000 254.72789 ? 106 DG E "C1'" 1 
ATOM 742 N N9    . DG D 4 3  ? 2.92320   5.17567   -15.68826 1.000 253.12057 ? 106 DG E N9    1 
ATOM 743 C C8    . DG D 4 3  ? 2.33534   5.79656   -14.61760 1.000 254.09083 ? 106 DG E C8    1 
ATOM 744 N N7    . DG D 4 3  ? 2.23859   5.04056   -13.56354 1.000 255.71518 ? 106 DG E N7    1 
ATOM 745 C C5    . DG D 4 3  ? 2.79809   3.83389   -13.96092 1.000 260.30305 ? 106 DG E C5    1 
ATOM 746 C C6    . DG D 4 3  ? 2.96979   2.63540   -13.23541 1.000 265.78031 ? 106 DG E C6    1 
ATOM 747 O O6    . DG D 4 3  ? 2.65247   2.39891   -12.06495 1.000 274.00563 ? 106 DG E O6    1 
ATOM 748 N N1    . DG D 4 3  ? 3.57486   1.64761   -14.00825 1.000 260.46127 ? 106 DG E N1    1 
ATOM 749 C C2    . DG D 4 3  ? 3.96832   1.80047   -15.31673 1.000 257.87411 ? 106 DG E C2    1 
ATOM 750 N N2    . DG D 4 3  ? 4.53583   0.73266   -15.89386 1.000 255.68753 ? 106 DG E N2    1 
ATOM 751 N N3    . DG D 4 3  ? 3.81171   2.92366   -16.00940 1.000 256.32162 ? 106 DG E N3    1 
ATOM 752 C C4    . DG D 4 3  ? 3.22206   3.89583   -15.26942 1.000 256.35306 ? 106 DG E C4    1 
ATOM 753 P P     . DC D 4 4  ? 1.91963   6.08153   -20.76565 1.000 243.62077 ? 107 DC E P     1 
ATOM 754 O OP1   . DC D 4 4  ? 2.46948   6.19568   -22.13257 1.000 250.01761 ? 107 DC E OP1   1 
ATOM 755 O OP2   . DC D 4 4  ? 0.51783   6.48331   -20.52500 1.000 236.55679 ? 107 DC E OP2   1 
ATOM 756 O "O5'" . DC D 4 4  ? 2.08045   4.57232   -20.26131 1.000 237.07523 ? 107 DC E "O5'" 1 
ATOM 757 C "C5'" . DC D 4 4  ? 3.27195   3.84243   -20.54374 1.000 237.57333 ? 107 DC E "C5'" 1 
ATOM 758 C "C4'" . DC D 4 4  ? 2.97860   2.35495   -20.62063 1.000 232.54403 ? 107 DC E "C4'" 1 
ATOM 759 O "O4'" . DC D 4 4  ? 2.86671   1.81750   -19.27425 1.000 236.22415 ? 107 DC E "O4'" 1 
ATOM 760 C "C3'" . DC D 4 4  ? 1.66868   2.00637   -21.32909 1.000 230.21170 ? 107 DC E "C3'" 1 
ATOM 761 O "O3'" . DC D 4 4  ? 1.80486   0.82629   -22.12099 1.000 234.23081 ? 107 DC E "O3'" 1 
ATOM 762 C "C2'" . DC D 4 4  ? 0.70210   1.79032   -20.17843 1.000 230.16381 ? 107 DC E "C2'" 1 
ATOM 763 C "C1'" . DC D 4 4  ? 1.60373   1.21146   -19.09421 1.000 236.96063 ? 107 DC E "C1'" 1 
ATOM 764 N N1    . DC D 4 4  ? 1.11294   1.53311   -17.72258 1.000 245.07013 ? 107 DC E N1    1 
ATOM 765 C C2    . DC D 4 4  ? 1.14519   0.56243   -16.69078 1.000 242.46016 ? 107 DC E C2    1 
ATOM 766 O O2    . DC D 4 4  ? 1.60481   -0.56600  -16.92948 1.000 237.46803 ? 107 DC E O2    1 
ATOM 767 N N3    . DC D 4 4  ? 0.67611   0.90247   -15.46352 1.000 245.45763 ? 107 DC E N3    1 
ATOM 768 C C4    . DC D 4 4  ? 0.18960   2.12547   -15.23829 1.000 248.61750 ? 107 DC E C4    1 
ATOM 769 N N4    . DC D 4 4  ? -0.26447  2.41559   -14.01162 1.000 245.53788 ? 107 DC E N4    1 
ATOM 770 C C5    . DC D 4 4  ? 0.13935   3.11660   -16.26881 1.000 247.93192 ? 107 DC E C5    1 
ATOM 771 C C6    . DC D 4 4  ? 0.60747   2.77929   -17.47262 1.000 243.20270 ? 107 DC E C6    1 
ATOM 772 P P     . DT D 4 5  ? 0.85222   0.61197   -23.40244 1.000 232.17431 ? 108 DT E P     1 
ATOM 773 O OP1   . DT D 4 5  ? 1.66306   0.91391   -24.60584 1.000 224.03666 ? 108 DT E OP1   1 
ATOM 774 O OP2   . DT D 4 5  ? -0.39508  1.37058   -23.15759 1.000 229.57234 ? 108 DT E OP2   1 
ATOM 775 O "O5'" . DT D 4 5  ? 0.49280   -0.95422  -23.37799 1.000 226.90973 ? 108 DT E "O5'" 1 
ATOM 776 C "C5'" . DT D 4 5  ? -0.74901  -1.40859  -22.82409 1.000 218.41467 ? 108 DT E "C5'" 1 
ATOM 777 C "C4'" . DT D 4 5  ? -0.53325  -2.65979  -21.99089 1.000 218.91767 ? 108 DT E "C4'" 1 
ATOM 778 O "O4'" . DT D 4 5  ? 0.12706   -2.30044  -20.75209 1.000 224.52200 ? 108 DT E "O4'" 1 
ATOM 779 C "C3'" . DT D 4 5  ? -1.79978  -3.39070  -21.56779 1.000 218.71601 ? 108 DT E "C3'" 1 
ATOM 780 O "O3'" . DT D 4 5  ? -2.19226  -4.32317  -22.59634 1.000 220.82632 ? 108 DT E "O3'" 1 
ATOM 781 C "C2'" . DT D 4 5  ? -1.35077  -4.09593  -20.29042 1.000 219.72217 ? 108 DT E "C2'" 1 
ATOM 782 C "C1'" . DT D 4 5  ? -0.36990  -3.09559  -19.68783 1.000 219.62646 ? 108 DT E "C1'" 1 
ATOM 783 N N1    . DT D 4 5  ? -0.97209  -2.19542  -18.65480 1.000 222.18271 ? 108 DT E N1    1 
ATOM 784 C C2    . DT D 4 5  ? -1.14652  -2.66751  -17.36888 1.000 223.68150 ? 108 DT E C2    1 
ATOM 785 O O2    . DT D 4 5  ? -0.85497  -3.79902  -17.02451 1.000 218.46360 ? 108 DT E O2    1 
ATOM 786 N N3    . DT D 4 5  ? -1.70017  -1.75392  -16.49626 1.000 233.82444 ? 108 DT E N3    1 
ATOM 787 C C4    . DT D 4 5  ? -2.06966  -0.45119  -16.78198 1.000 239.66751 ? 108 DT E C4    1 
ATOM 788 O O4    . DT D 4 5  ? -2.55562  0.29675   -15.93742 1.000 245.64138 ? 108 DT E O4    1 
ATOM 789 C C5    . DT D 4 5  ? -1.85154  -0.02529  -18.14295 1.000 232.55922 ? 108 DT E C5    1 
ATOM 790 C C7    . DT D 4 5  ? -2.22922  1.36506   -18.56273 1.000 226.02516 ? 108 DT E C7    1 
ATOM 791 C C6    . DT D 4 5  ? -1.31710  -0.90646  -19.00431 1.000 228.13278 ? 108 DT E C6    1 
ATOM 792 P P     . DG D 4 6  ? -2.96718  -5.69773  -22.24536 1.000 228.46380 ? 109 DG E P     1 
ATOM 793 O OP1   . DG D 4 6  ? -1.98453  -6.67155  -21.72163 1.000 232.15506 ? 109 DG E OP1   1 
ATOM 794 O OP2   . DG D 4 6  ? -3.75982  -6.07755  -23.43406 1.000 216.16989 ? 109 DG E OP2   1 
ATOM 795 O "O5'" . DG D 4 6  ? -4.01255  -5.28989  -21.10329 1.000 226.10807 ? 109 DG E "O5'" 1 
ATOM 796 C "C5'" . DG D 4 6  ? -5.03780  -6.19948  -20.70738 1.000 218.53095 ? 109 DG E "C5'" 1 
ATOM 797 C "C4'" . DG D 4 6  ? -4.47966  -7.32519  -19.85034 1.000 221.81710 ? 109 DG E "C4'" 1 
ATOM 798 O "O4'" . DG D 4 6  ? -3.35507  -6.84331  -19.07680 1.000 224.32138 ? 109 DG E "O4'" 1 
ATOM 799 C "C3'" . DG D 4 6  ? -5.48146  -7.92705  -18.86604 1.000 222.86412 ? 109 DG E "C3'" 1 
ATOM 800 O "O3'" . DG D 4 6  ? -5.74712  -9.29554  -19.20098 1.000 229.58745 ? 109 DG E "O3'" 1 
ATOM 801 C "C2'" . DG D 4 6  ? -4.82296  -7.80464  -17.48345 1.000 218.96712 ? 109 DG E "C2'" 1 
ATOM 802 C "C1'" . DG D 4 6  ? -3.66661  -6.83006  -17.70389 1.000 218.74652 ? 109 DG E "C1'" 1 
ATOM 803 N N9    . DG D 4 6  ? -3.93903  -5.45486  -17.30516 1.000 220.44219 ? 109 DG E N9    1 
ATOM 804 C C8    . DG D 4 6  ? -3.81921  -4.33666  -18.09921 1.000 222.48828 ? 109 DG E C8    1 
ATOM 805 N N7    . DG D 4 6  ? -4.10461  -3.22501  -17.49226 1.000 222.40702 ? 109 DG E N7    1 
ATOM 806 C C5    . DG D 4 6  ? -4.43371  -3.61839  -16.20223 1.000 225.74229 ? 109 DG E C5    1 
ATOM 807 C C6    . DG D 4 6  ? -4.83042  -2.82881  -15.09941 1.000 233.65932 ? 109 DG E C6    1 
ATOM 808 O O6    . DG D 4 6  ? -4.96763  -1.59814  -15.04481 1.000 231.27424 ? 109 DG E O6    1 
ATOM 809 N N1    . DG D 4 6  ? -5.07533  -3.60893  -13.97063 1.000 232.38680 ? 109 DG E N1    1 
ATOM 810 C C2    . DG D 4 6  ? -4.95271  -4.97769  -13.92135 1.000 221.35408 ? 109 DG E C2    1 
ATOM 811 N N2    . DG D 4 6  ? -5.23303  -5.55135  -12.73816 1.000 218.51922 ? 109 DG E N2    1 
ATOM 812 N N3    . DG D 4 6  ? -4.57854  -5.73920  -14.95487 1.000 216.53295 ? 109 DG E N3    1 
ATOM 813 C C4    . DG D 4 6  ? -4.33705  -4.97968  -16.06480 1.000 222.35492 ? 109 DG E C4    1 
ATOM 814 P P     . DT D 4 7  ? -6.93074  -9.67388  -20.22558 1.000 231.79911 ? 110 DT E P     1 
ATOM 815 O OP1   . DT D 4 7  ? -7.40380  -11.03856 -19.89099 1.000 229.79118 ? 110 DT E OP1   1 
ATOM 816 O OP2   . DT D 4 7  ? -6.45572  -9.35731  -21.59169 1.000 223.75047 ? 110 DT E OP2   1 
ATOM 817 O "O5'" . DT D 4 7  ? -8.10097  -8.63704  -19.88291 1.000 220.35641 ? 110 DT E "O5'" 1 
ATOM 818 C "C5'" . DT D 4 7  ? -9.16849  -9.02234  -19.02161 1.000 217.41026 ? 110 DT E "C5'" 1 
ATOM 819 C "C4'" . DT D 4 7  ? -8.75369  -8.90245  -17.56539 1.000 220.46416 ? 110 DT E "C4'" 1 
ATOM 820 O "O4'" . DT D 4 7  ? -8.10044  -7.63470  -17.36210 1.000 225.12231 ? 110 DT E "O4'" 1 
ATOM 821 C "C3'" . DT D 4 7  ? -9.90388  -8.96414  -16.55780 1.000 217.29576 ? 110 DT E "C3'" 1 
ATOM 822 O "O3'" . DT D 4 7  ? -9.72981  -10.07971 -15.68088 1.000 214.01737 ? 110 DT E "O3'" 1 
ATOM 823 C "C2'" . DT D 4 7  ? -9.83666  -7.62434  -15.80431 1.000 216.52083 ? 110 DT E "C2'" 1 
ATOM 824 C "C1'" . DT D 4 7  ? -8.42929  -7.13356  -16.09847 1.000 220.06575 ? 110 DT E "C1'" 1 
ATOM 825 N N1    . DT D 4 7  ? -8.29705  -5.65108  -16.16602 1.000 221.96972 ? 110 DT E N1    1 
ATOM 826 C C2    . DT D 4 7  ? -8.44385  -4.90504  -15.01694 1.000 219.73401 ? 110 DT E C2    1 
ATOM 827 O O2    . DT D 4 7  ? -8.70469  -5.38611  -13.93237 1.000 215.46015 ? 110 DT E O2    1 
ATOM 828 N N3    . DT D 4 7  ? -8.28991  -3.55589  -15.19284 1.000 217.23160 ? 110 DT E N3    1 
ATOM 829 C C4    . DT D 4 7  ? -7.98714  -2.89565  -16.37628 1.000 207.39619 ? 110 DT E C4    1 
ATOM 830 O O4    . DT D 4 7  ? -7.86464  -1.67803  -16.43627 1.000 196.25676 ? 110 DT E O4    1 
ATOM 831 C C5    . DT D 4 7  ? -7.84060  -3.74143  -17.54013 1.000 208.65287 ? 110 DT E C5    1 
ATOM 832 C C7    . DT D 4 7  ? -7.52335  -3.14298  -18.87670 1.000 198.78261 ? 110 DT E C7    1 
ATOM 833 C C6    . DT D 4 7  ? -7.99766  -5.06174  -17.37601 1.000 218.85187 ? 110 DT E C6    1 
ATOM 834 P P     . DG D 4 8  ? -10.38045 -11.50782 -16.04546 1.000 210.24043 ? 111 DG E P     1 
ATOM 835 O OP1   . DG D 4 8  ? -9.57022  -12.54717 -15.36444 1.000 197.57865 ? 111 DG E OP1   1 
ATOM 836 O OP2   . DG D 4 8  ? -10.60280 -11.53939 -17.51509 1.000 210.15165 ? 111 DG E OP2   1 
ATOM 837 O "O5'" . DG D 4 8  ? -11.82494 -11.47607 -15.35510 1.000 217.97543 ? 111 DG E "O5'" 1 
ATOM 838 C "C5'" . DG D 4 8  ? -12.90455 -10.80619 -16.00014 1.000 216.84321 ? 111 DG E "C5'" 1 
ATOM 839 C "C4'" . DG D 4 8  ? -13.54740 -9.78923  -15.07363 1.000 216.29553 ? 111 DG E "C4'" 1 
ATOM 840 O "O4'" . DG D 4 8  ? -12.66901 -8.65076  -14.90492 1.000 211.26429 ? 111 DG E "O4'" 1 
ATOM 841 C "C3'" . DG D 4 8  ? -14.83843 -9.19235  -15.58965 1.000 211.32528 ? 111 DG E "C3'" 1 
ATOM 842 O "O3'" . DG D 4 8  ? -15.92817 -10.04717 -15.27091 1.000 214.64439 ? 111 DG E "O3'" 1 
ATOM 843 C "C2'" . DG D 4 8  ? -14.91369 -7.88528  -14.81208 1.000 204.52381 ? 111 DG E "C2'" 1 
ATOM 844 C "C1'" . DG D 4 8  ? -13.44393 -7.48261  -14.68546 1.000 199.36645 ? 111 DG E "C1'" 1 
ATOM 845 N N9    . DG D 4 8  ? -13.04039 -6.46245  -15.64829 1.000 198.38646 ? 111 DG E N9    1 
ATOM 846 C C8    . DG D 4 8  ? -12.77149 -6.63853  -16.98335 1.000 198.80357 ? 111 DG E C8    1 
ATOM 847 N N7    . DG D 4 8  ? -12.43402 -5.53697  -17.59793 1.000 197.76955 ? 111 DG E N7    1 
ATOM 848 C C5    . DG D 4 8  ? -12.49526 -4.56854  -16.60455 1.000 203.05325 ? 111 DG E C5    1 
ATOM 849 C C6    . DG D 4 8  ? -12.23418 -3.17643  -16.67622 1.000 207.54638 ? 111 DG E C6    1 
ATOM 850 O O6    . DG D 4 8  ? -11.88959 -2.51232  -17.65990 1.000 204.14275 ? 111 DG E O6    1 
ATOM 851 N N1    . DG D 4 8  ? -12.41343 -2.55688  -15.43783 1.000 214.18674 ? 111 DG E N1    1 
ATOM 852 C C2    . DG D 4 8  ? -12.79537 -3.19662  -14.27793 1.000 215.27141 ? 111 DG E C2    1 
ATOM 853 N N2    . DG D 4 8  ? -12.91613 -2.42867  -13.18230 1.000 215.75691 ? 111 DG E N2    1 
ATOM 854 N N3    . DG D 4 8  ? -13.04085 -4.50375  -14.20049 1.000 206.13319 ? 111 DG E N3    1 
ATOM 855 C C4    . DG D 4 8  ? -12.87229 -5.11969  -15.39644 1.000 201.33672 ? 111 DG E C4    1 
# 
